data_8ATV
#
_entry.id   8ATV
#
_cell.length_a   1.00
_cell.length_b   1.00
_cell.length_c   1.00
_cell.angle_alpha   90.00
_cell.angle_beta   90.00
_cell.angle_gamma   90.00
#
_symmetry.space_group_name_H-M   'P 1'
#
loop_
_entity.id
_entity.type
_entity.pdbx_description
1 polymer 'Mitochondrial transcription factor 1'
2 polymer 'DNA-directed RNA polymerase, mitochondrial'
3 polymer 'DNA (36-MER)'
4 polymer 'DNA (36-MER)'
5 polymer 'RNA (pppGpGpApApA)'
6 non-polymer "GUANOSINE-5'-TRIPHOSPHATE"
#
loop_
_entity_poly.entity_id
_entity_poly.type
_entity_poly.pdbx_seq_one_letter_code
_entity_poly.pdbx_strand_id
1 'polypeptide(L)'
;MGGSHHHHHHGMASSVPIPGIKDISKLKFFYGFKYLWNPTVYNKIFDKLDLTKTYKHPEELKVLDLYPGVGIQSAIFYNK
YCPRQYSLLEKRSSLYKFLNAKFEGSPLQILKRDPYDWSTYSNLIDEERIFVPEVQSSDHINDKFLTVANVTGEGSEGLI
MQWLSCIGNKNWLYRFGKVKMLLWMPSTTARKLLARPGMHSRSKCSVVREAFTDTKLIAISDANELKGFDSQCIEEWDPI
LFSAAEIWPTKGKPIALVEMDPIDFDFDVDNWDYVTRHLMILKRTPLNTVMDSLGHGGQQYFNSRITDKDLLKKCPIDLT
NDEFIYLTKLFMEWPFKPDILMDFVDMYQTEHSG
;
B
2 'polypeptide(L)'
;GAMGSGIQRPSAVTSMTRTRDVMQLWSLLEACLQSNLMKRAFSILESLYLVPEHKQRFIEDYNMYLNSFSKNDPNFPILK
MNEKLTNDLETSFKDVNYNDKTLAIMIHHALNFHSTTSSMLLKPIISAYLKMSVNGIREIFSCLDILTISDLNILMNDLK
VITPSQLPNSVRPILESLTLSPTPVNNIENEEGLNKVEAENDSKLHKASNASSDSIKKPSLDPLREVSFHGSTEVLSKDA
EKLIAVDTIGMRVIRHTLLGLSLTPEQKEQISKFKFDANDNVLKMKPTKNDDNNNSINFFEIYNSLPTLEEKKAFESALN
IFNQDRQKVLENRATEAARERWKHDFEEAKARGDISIEKNLNVKLWKWYNEMLPLVKEEINHCRSLLSEKLSDKKGLNKV
DTNRLGYGPYLTLIDPGKMCVITILELLKLNSTGGVIEGMRTARAVISVGKAIEMEFRSEQVLKSESQAFRDVNKKSPEF
KKLVQNAKSVFRSSQIEQSKILWPQSIRARIGSVLISMLIQVAKVSVQGVDPVTKAKVHGEAPAFAHGYQYHNGSKLGVL
KIHKTLIRQLNGERLIASVQPQLLPMLVEPKPWVNWRSGGYHYTQSTLLRTKDSPEQVAYLKAASDNGDIDRVYDGLNVL
GRTPWTVNRKVFDVVSQVWNKGEGFLDIPGAQDEMVLPPAPPKNSDPSILRAWKLQVKTIANKFSSDRSNRCDTNYKLEI
ARAFLGEKLYFPHNLDFRGRAYPLSPHFNHLGNDMSRGLLIFWHGKKLGPSGLKWLKIHLSNLFGFDKLPLKDRVAFTES
HLQDIKDSAENPLTGDRWWTTADKPWQALATCFELNEVMKMDNPEEFISHQPVHQDGTCNGLQHYAALGGDVEGATQVNL
VPSDKPQDVYAHVARLVQKRLEIAAEKGDENAKILKDKITRKVVKQTVMTNVYGVTYVGATFQIAKQLSPIFDDRKESLD
FSKYLTKHVFSAIRELFHSAHLIQDWLGESAKRISKSIRLDVDEKSFKNGNKPDFMSSVIWTTPLGLPIVQPYREESKKQ
VETNLQTVFISDPFAVNPVNARRQKAGLPPNFIHSLDASHMLLSAAECGKQGLDFASVHDSYWTHASDIDTMNVVLREQF
IKLHEVDLVLRLKEEFDQRYKNYVKIGKLKRSTDLAQKIIRIRKDLSRKLGRSTTLADEIYFEKKRQELLNSPLIEDRNV
GEKMVTTVSLFEDITDLDALELENGGDENSGMSVLLPLRLPEIPPKGDFDVTVLRNSQYFFS
;
A
3 'polydeoxyribonucleotide'
;(DC)(DG)(DA)(DA)(DT)(DA)(DA)(DG)(DT)(DA)(DT)(DT)(DG)(DA)(DT)(DA)(DT)(DA)(DA)(DG)
(DT)(DA)(DA)(DA)(DA)(DA)(DT)(DG)(DC)(DA)(DT)(DA)(DA)(DT)(DG)(DC)
;
N
4 'polydeoxyribonucleotide'
;(DG)(DC)(DA)(DT)(DT)(DA)(DT)(DG)(DC)(DA)(DT)(DT)(DT)(DC)(DC)(DG)(DA)(DC)(DA)(DA)
(DT)(DA)(DT)(DC)(DA)(DA)(DT)(DA)(DC)(DT)(DT)(DA)(DT)(DT)(DC)(DG)
;
T
5 'polyribonucleotide' GAAA C
#
loop_
_chem_comp.id
_chem_comp.type
_chem_comp.name
_chem_comp.formula
A RNA linking ADENOSINE-5'-MONOPHOSPHATE 'C10 H14 N5 O7 P'
DA DNA linking 2'-DEOXYADENOSINE-5'-MONOPHOSPHATE 'C10 H14 N5 O6 P'
DC DNA linking 2'-DEOXYCYTIDINE-5'-MONOPHOSPHATE 'C9 H14 N3 O7 P'
DG DNA linking 2'-DEOXYGUANOSINE-5'-MONOPHOSPHATE 'C10 H14 N5 O7 P'
DT DNA linking THYMIDINE-5'-MONOPHOSPHATE 'C10 H15 N2 O8 P'
G RNA linking GUANOSINE-5'-MONOPHOSPHATE 'C10 H14 N5 O8 P'
GTP non-polymer GUANOSINE-5'-TRIPHOSPHATE 'C10 H16 N5 O14 P3'
#
# COMPACT_ATOMS: atom_id res chain seq x y z
N SER A 15 3.73 56.52 -23.60
CA SER A 15 3.31 57.19 -22.36
C SER A 15 3.39 56.25 -21.17
N VAL A 16 3.75 55.00 -21.43
CA VAL A 16 3.88 53.96 -20.41
C VAL A 16 5.32 53.46 -20.43
N PRO A 17 6.02 53.45 -19.29
CA PRO A 17 7.41 52.98 -19.29
C PRO A 17 7.51 51.51 -19.63
N ILE A 18 8.58 51.16 -20.33
CA ILE A 18 8.89 49.80 -20.73
C ILE A 18 10.04 49.31 -19.87
N PRO A 19 9.86 48.25 -19.09
CA PRO A 19 10.96 47.75 -18.24
C PRO A 19 12.17 47.35 -19.07
N GLY A 20 13.35 47.68 -18.57
CA GLY A 20 14.59 47.39 -19.26
C GLY A 20 15.26 46.12 -18.77
N ILE A 21 16.31 45.73 -19.49
CA ILE A 21 17.03 44.50 -19.16
C ILE A 21 17.68 44.61 -17.80
N LYS A 22 18.23 45.78 -17.47
CA LYS A 22 18.87 45.96 -16.17
C LYS A 22 17.85 45.86 -15.04
N ASP A 23 16.66 46.42 -15.24
CA ASP A 23 15.63 46.33 -14.21
C ASP A 23 15.14 44.89 -14.04
N ILE A 24 14.80 44.22 -15.16
CA ILE A 24 14.29 42.86 -15.06
C ILE A 24 15.36 41.88 -14.61
N SER A 25 16.64 42.24 -14.73
CA SER A 25 17.72 41.37 -14.30
C SER A 25 17.95 41.39 -12.79
N LYS A 26 17.37 42.37 -12.08
CA LYS A 26 17.50 42.43 -10.64
C LYS A 26 16.61 41.43 -9.92
N LEU A 27 15.61 40.88 -10.61
CA LEU A 27 14.68 39.95 -10.00
C LEU A 27 15.37 38.65 -9.63
N LYS A 28 15.01 38.10 -8.47
CA LYS A 28 15.71 36.93 -7.94
C LYS A 28 15.19 35.63 -8.56
N PHE A 29 13.92 35.32 -8.36
CA PHE A 29 13.34 34.06 -8.79
C PHE A 29 12.27 34.31 -9.83
N PHE A 30 12.32 33.52 -10.92
CA PHE A 30 11.30 33.55 -11.96
C PHE A 30 10.44 32.30 -11.95
N TYR A 31 10.67 31.37 -11.02
CA TYR A 31 9.85 30.17 -10.88
C TYR A 31 9.81 29.33 -12.15
N GLY A 32 10.88 29.38 -12.94
CA GLY A 32 10.96 28.61 -14.16
C GLY A 32 10.33 29.27 -15.38
N PHE A 33 9.78 30.47 -15.23
CA PHE A 33 9.09 31.14 -16.32
C PHE A 33 10.07 32.04 -17.07
N LYS A 34 10.23 31.79 -18.37
CA LYS A 34 11.07 32.62 -19.21
C LYS A 34 10.25 33.76 -19.79
N TYR A 35 10.83 34.96 -19.78
CA TYR A 35 10.17 36.15 -20.29
C TYR A 35 11.02 36.79 -21.36
N LEU A 36 10.34 37.48 -22.28
CA LEU A 36 10.98 38.12 -23.42
C LEU A 36 11.02 39.63 -23.21
N TRP A 37 12.10 40.27 -23.70
CA TRP A 37 12.34 41.68 -23.41
C TRP A 37 12.78 42.47 -24.64
N ASN A 38 12.57 41.95 -25.85
CA ASN A 38 13.05 42.65 -27.03
C ASN A 38 11.91 43.42 -27.69
N PRO A 39 11.91 44.75 -27.62
CA PRO A 39 10.82 45.52 -28.25
C PRO A 39 10.70 45.31 -29.74
N THR A 40 11.82 45.08 -30.43
CA THR A 40 11.76 44.87 -31.88
C THR A 40 10.98 43.60 -32.21
N VAL A 41 11.25 42.50 -31.51
CA VAL A 41 10.52 41.28 -31.81
C VAL A 41 9.09 41.36 -31.28
N TYR A 42 8.85 42.14 -30.21
CA TYR A 42 7.47 42.42 -29.83
C TYR A 42 6.71 43.14 -30.95
N ASN A 43 7.32 44.15 -31.56
CA ASN A 43 6.69 44.83 -32.68
C ASN A 43 6.46 43.87 -33.84
N LYS A 44 7.44 43.00 -34.10
CA LYS A 44 7.33 42.04 -35.20
C LYS A 44 6.16 41.09 -34.97
N ILE A 45 6.06 40.52 -33.76
CA ILE A 45 4.99 39.57 -33.49
C ILE A 45 3.63 40.27 -33.46
N PHE A 46 3.57 41.51 -32.99
CA PHE A 46 2.30 42.22 -33.02
C PHE A 46 1.86 42.49 -34.45
N ASP A 47 2.80 42.85 -35.34
CA ASP A 47 2.47 43.04 -36.74
C ASP A 47 2.02 41.73 -37.38
N LYS A 48 2.69 40.62 -37.02
CA LYS A 48 2.27 39.32 -37.55
C LYS A 48 0.86 38.96 -37.09
N LEU A 49 0.56 39.18 -35.82
CA LEU A 49 -0.78 38.91 -35.31
C LEU A 49 -1.82 39.77 -36.00
N ASP A 50 -1.54 41.06 -36.15
CA ASP A 50 -2.45 42.01 -36.78
C ASP A 50 -3.80 42.01 -36.06
N LEU A 51 -3.76 42.34 -34.77
CA LEU A 51 -4.97 42.47 -33.98
C LEU A 51 -5.73 43.74 -34.28
N THR A 52 -5.16 44.66 -35.05
CA THR A 52 -5.84 45.91 -35.37
C THR A 52 -7.12 45.68 -36.17
N LYS A 53 -7.15 44.61 -36.98
CA LYS A 53 -8.32 44.32 -37.80
C LYS A 53 -9.35 43.48 -37.06
N THR A 54 -8.91 42.55 -36.21
CA THR A 54 -9.84 41.69 -35.50
C THR A 54 -10.70 42.50 -34.53
N TYR A 55 -10.09 43.45 -33.82
CA TYR A 55 -10.77 44.22 -32.79
C TYR A 55 -10.99 45.63 -33.33
N LYS A 56 -12.20 45.88 -33.85
CA LYS A 56 -12.46 47.12 -34.57
C LYS A 56 -12.34 48.35 -33.68
N HIS A 57 -12.51 48.22 -32.38
CA HIS A 57 -12.47 49.34 -31.45
C HIS A 57 -11.45 49.05 -30.35
N PRO A 58 -10.16 49.23 -30.64
CA PRO A 58 -9.15 49.00 -29.59
C PRO A 58 -9.35 49.89 -28.37
N GLU A 59 -9.87 51.10 -28.56
CA GLU A 59 -10.18 51.98 -27.43
C GLU A 59 -11.30 51.42 -26.56
N GLU A 60 -12.06 50.45 -27.07
CA GLU A 60 -13.12 49.79 -26.32
C GLU A 60 -12.80 48.31 -26.13
N LEU A 61 -11.54 48.01 -25.84
CA LEU A 61 -11.07 46.64 -25.68
C LEU A 61 -10.64 46.42 -24.23
N LYS A 62 -11.09 45.31 -23.65
CA LYS A 62 -10.77 44.93 -22.29
C LYS A 62 -9.90 43.68 -22.32
N VAL A 63 -8.71 43.77 -21.73
CA VAL A 63 -7.70 42.73 -21.84
C VAL A 63 -7.32 42.25 -20.45
N LEU A 64 -7.23 40.93 -20.28
CA LEU A 64 -6.83 40.30 -19.04
C LEU A 64 -5.49 39.62 -19.22
N ASP A 65 -4.54 39.91 -18.33
CA ASP A 65 -3.19 39.36 -18.41
C ASP A 65 -2.94 38.44 -17.22
N LEU A 66 -2.49 37.23 -17.50
CA LEU A 66 -2.19 36.23 -16.49
C LEU A 66 -0.70 35.92 -16.49
N TYR A 67 -0.11 35.88 -15.31
CA TYR A 67 1.32 35.66 -15.14
C TYR A 67 2.15 36.65 -15.95
N PRO A 68 1.98 37.96 -15.72
CA PRO A 68 2.68 38.92 -16.59
C PRO A 68 4.18 38.97 -16.37
N GLY A 69 4.64 38.92 -15.13
CA GLY A 69 6.06 38.91 -14.86
C GLY A 69 6.73 40.25 -15.10
N VAL A 70 7.50 40.35 -16.18
CA VAL A 70 8.22 41.59 -16.47
C VAL A 70 7.25 42.71 -16.83
N GLY A 71 6.18 42.37 -17.55
CA GLY A 71 5.21 43.37 -17.97
C GLY A 71 5.59 44.15 -19.20
N ILE A 72 6.72 43.81 -19.85
CA ILE A 72 7.14 44.52 -21.05
C ILE A 72 6.11 44.35 -22.16
N GLN A 73 5.61 43.12 -22.32
CA GLN A 73 4.60 42.88 -23.35
C GLN A 73 3.33 43.67 -23.08
N SER A 74 2.91 43.75 -21.81
CA SER A 74 1.73 44.53 -21.47
C SER A 74 1.94 46.02 -21.74
N ALA A 75 3.11 46.54 -21.40
CA ALA A 75 3.39 47.95 -21.65
C ALA A 75 3.40 48.26 -23.14
N ILE A 76 4.00 47.37 -23.94
CA ILE A 76 4.03 47.59 -25.38
C ILE A 76 2.63 47.46 -25.98
N PHE A 77 1.83 46.52 -25.46
CA PHE A 77 0.45 46.38 -25.92
C PHE A 77 -0.34 47.65 -25.65
N TYR A 78 -0.17 48.23 -24.45
CA TYR A 78 -0.87 49.47 -24.14
C TYR A 78 -0.39 50.61 -25.04
N ASN A 79 0.93 50.75 -25.19
CA ASN A 79 1.45 51.82 -26.03
C ASN A 79 1.00 51.68 -27.48
N LYS A 80 0.72 50.46 -27.92
CA LYS A 80 0.35 50.21 -29.31
C LYS A 80 -1.14 50.36 -29.55
N TYR A 81 -1.99 49.91 -28.63
CA TYR A 81 -3.43 49.87 -28.88
C TYR A 81 -4.27 50.76 -27.99
N CYS A 82 -3.80 51.13 -26.79
CA CYS A 82 -4.57 51.89 -25.82
C CYS A 82 -5.91 51.22 -25.53
N PRO A 83 -5.92 50.09 -24.84
CA PRO A 83 -7.18 49.39 -24.60
C PRO A 83 -8.05 50.09 -23.58
N ARG A 84 -9.32 49.69 -23.56
CA ARG A 84 -10.28 50.25 -22.61
C ARG A 84 -9.94 49.85 -21.18
N GLN A 85 -9.48 48.61 -20.99
CA GLN A 85 -9.07 48.15 -19.67
C GLN A 85 -8.02 47.07 -19.81
N TYR A 86 -6.99 47.14 -18.95
CA TYR A 86 -5.94 46.14 -18.91
C TYR A 86 -5.67 45.80 -17.45
N SER A 87 -5.52 44.51 -17.17
CA SER A 87 -5.34 44.05 -15.80
C SER A 87 -4.27 42.97 -15.75
N LEU A 88 -3.40 43.06 -14.74
CA LEU A 88 -2.31 42.11 -14.53
C LEU A 88 -2.57 41.35 -13.24
N LEU A 89 -2.58 40.02 -13.32
CA LEU A 89 -2.79 39.16 -12.17
C LEU A 89 -1.46 38.49 -11.83
N GLU A 90 -0.87 38.87 -10.71
CA GLU A 90 0.45 38.39 -10.33
C GLU A 90 0.56 38.37 -8.82
N LYS A 91 0.74 37.19 -8.24
CA LYS A 91 0.84 37.05 -6.80
C LYS A 91 2.23 36.66 -6.31
N ARG A 92 3.14 36.32 -7.21
CA ARG A 92 4.51 36.01 -6.81
C ARG A 92 5.19 37.27 -6.29
N SER A 93 5.96 37.11 -5.20
CA SER A 93 6.33 38.24 -4.36
C SER A 93 7.18 39.27 -5.12
N SER A 94 8.38 38.87 -5.56
CA SER A 94 9.29 39.83 -6.17
C SER A 94 8.77 40.32 -7.51
N LEU A 95 8.12 39.46 -8.29
CA LEU A 95 7.55 39.88 -9.56
C LEU A 95 6.50 40.97 -9.35
N TYR A 96 5.60 40.76 -8.37
CA TYR A 96 4.59 41.78 -8.07
C TYR A 96 5.25 43.05 -7.55
N LYS A 97 6.29 42.92 -6.73
CA LYS A 97 6.94 44.11 -6.19
C LYS A 97 7.55 44.94 -7.32
N PHE A 98 8.24 44.29 -8.25
CA PHE A 98 8.83 45.01 -9.38
C PHE A 98 7.76 45.60 -10.28
N LEU A 99 6.66 44.86 -10.49
CA LEU A 99 5.59 45.39 -11.32
C LEU A 99 4.96 46.63 -10.71
N ASN A 100 4.74 46.62 -9.40
CA ASN A 100 4.21 47.80 -8.73
C ASN A 100 5.21 48.94 -8.77
N ALA A 101 6.50 48.65 -8.61
CA ALA A 101 7.51 49.69 -8.63
C ALA A 101 7.60 50.36 -10.00
N LYS A 102 7.52 49.56 -11.08
CA LYS A 102 7.77 50.07 -12.42
C LYS A 102 6.52 50.59 -13.13
N PHE A 103 5.34 50.08 -12.79
CA PHE A 103 4.13 50.40 -13.54
C PHE A 103 3.12 51.23 -12.76
N GLU A 104 3.44 51.64 -11.53
CA GLU A 104 2.55 52.54 -10.82
C GLU A 104 2.63 53.93 -11.42
N GLY A 105 1.52 54.66 -11.36
CA GLY A 105 1.42 55.92 -12.07
C GLY A 105 1.04 55.78 -13.52
N SER A 106 0.58 54.60 -13.94
CA SER A 106 0.19 54.30 -15.30
C SER A 106 -1.21 53.69 -15.28
N PRO A 107 -1.93 53.76 -16.39
CA PRO A 107 -3.27 53.16 -16.44
C PRO A 107 -3.28 51.65 -16.22
N LEU A 108 -2.14 50.98 -16.38
CA LEU A 108 -2.08 49.55 -16.13
C LEU A 108 -2.41 49.24 -14.67
N GLN A 109 -3.10 48.13 -14.46
CA GLN A 109 -3.57 47.71 -13.14
C GLN A 109 -2.95 46.38 -12.79
N ILE A 110 -2.46 46.26 -11.56
CA ILE A 110 -1.81 45.05 -11.08
C ILE A 110 -2.54 44.56 -9.84
N LEU A 111 -2.88 43.27 -9.83
CA LEU A 111 -3.61 42.66 -8.73
C LEU A 111 -2.80 41.52 -8.13
N LYS A 112 -2.83 41.42 -6.80
CA LYS A 112 -2.07 40.39 -6.07
C LYS A 112 -2.93 39.13 -5.95
N ARG A 113 -3.17 38.50 -7.10
CA ARG A 113 -3.97 37.29 -7.17
C ARG A 113 -3.23 36.25 -8.00
N ASP A 114 -3.42 34.98 -7.63
CA ASP A 114 -2.73 33.88 -8.29
C ASP A 114 -3.63 33.30 -9.36
N PRO A 115 -3.20 33.25 -10.63
CA PRO A 115 -4.09 32.81 -11.70
C PRO A 115 -4.45 31.32 -11.66
N TYR A 116 -3.83 30.54 -10.78
CA TYR A 116 -4.11 29.11 -10.75
C TYR A 116 -5.44 28.79 -10.08
N ASP A 117 -5.80 29.54 -9.04
CA ASP A 117 -7.01 29.24 -8.29
C ASP A 117 -8.25 29.49 -9.14
N TRP A 118 -9.18 28.52 -9.12
CA TRP A 118 -10.42 28.68 -9.88
C TRP A 118 -11.31 29.76 -9.28
N SER A 119 -11.30 29.90 -7.95
CA SER A 119 -12.13 30.90 -7.29
C SER A 119 -11.66 32.32 -7.55
N THR A 120 -10.42 32.50 -8.00
CA THR A 120 -9.90 33.83 -8.26
C THR A 120 -10.72 34.54 -9.33
N TYR A 121 -11.03 33.86 -10.42
CA TYR A 121 -11.76 34.50 -11.50
C TYR A 121 -13.19 34.82 -11.10
N SER A 122 -13.83 33.95 -10.31
CA SER A 122 -15.16 34.26 -9.82
C SER A 122 -15.14 35.47 -8.90
N ASN A 123 -14.23 35.46 -7.90
CA ASN A 123 -14.14 36.57 -6.97
C ASN A 123 -13.68 37.85 -7.65
N LEU A 124 -13.10 37.77 -8.84
CA LEU A 124 -12.72 38.95 -9.60
C LEU A 124 -13.83 39.46 -10.51
N ILE A 125 -14.70 38.56 -10.98
CA ILE A 125 -15.72 38.96 -11.94
C ILE A 125 -17.04 39.27 -11.25
N ASP A 126 -17.64 38.29 -10.58
CA ASP A 126 -19.00 38.44 -10.09
C ASP A 126 -19.11 38.64 -8.58
N GLU A 127 -18.00 38.62 -7.84
CA GLU A 127 -18.03 38.89 -6.41
C GLU A 127 -17.57 40.30 -6.09
N GLU A 128 -16.34 40.66 -6.47
CA GLU A 128 -15.82 41.99 -6.23
C GLU A 128 -16.20 42.99 -7.32
N ARG A 129 -16.69 42.51 -8.46
CA ARG A 129 -17.15 43.36 -9.56
C ARG A 129 -16.06 44.34 -9.99
N ILE A 130 -14.95 43.78 -10.45
CA ILE A 130 -13.81 44.54 -10.96
C ILE A 130 -13.65 44.35 -12.45
N PHE A 131 -13.46 43.11 -12.89
CA PHE A 131 -13.26 42.77 -14.30
C PHE A 131 -14.50 42.05 -14.79
N VAL A 132 -15.22 42.68 -15.72
CA VAL A 132 -16.40 42.07 -16.33
C VAL A 132 -16.24 42.11 -17.85
N PRO A 133 -16.13 40.96 -18.50
CA PRO A 133 -16.09 40.93 -19.98
C PRO A 133 -17.48 41.14 -20.56
N GLU A 134 -17.53 41.30 -21.87
CA GLU A 134 -18.76 41.52 -22.62
C GLU A 134 -19.15 40.22 -23.31
N VAL A 135 -20.33 39.70 -22.97
CA VAL A 135 -20.84 38.48 -23.58
C VAL A 135 -21.44 38.83 -24.94
N GLN A 136 -21.06 38.08 -25.97
CA GLN A 136 -21.60 38.25 -27.31
C GLN A 136 -21.93 36.88 -27.89
N SER A 137 -22.40 36.89 -29.14
CA SER A 137 -22.81 35.66 -29.80
C SER A 137 -21.60 34.78 -30.10
N SER A 138 -21.88 33.53 -30.45
CA SER A 138 -20.85 32.54 -30.76
C SER A 138 -20.60 32.40 -32.26
N ASP A 139 -21.19 33.26 -33.07
CA ASP A 139 -20.95 33.26 -34.51
C ASP A 139 -19.69 34.01 -34.90
N HIS A 140 -19.02 34.66 -33.95
CA HIS A 140 -17.82 35.42 -34.24
C HIS A 140 -16.95 35.46 -32.99
N ILE A 141 -15.66 35.73 -33.20
CA ILE A 141 -14.73 35.87 -32.07
C ILE A 141 -15.18 37.04 -31.20
N ASN A 142 -14.99 36.90 -29.89
CA ASN A 142 -15.37 37.94 -28.94
C ASN A 142 -14.68 39.25 -29.28
N ASP A 143 -15.46 40.25 -29.69
CA ASP A 143 -14.92 41.49 -30.20
C ASP A 143 -14.49 42.47 -29.11
N LYS A 144 -14.92 42.26 -27.87
CA LYS A 144 -14.61 43.19 -26.79
C LYS A 144 -13.94 42.51 -25.60
N PHE A 145 -13.35 41.33 -25.80
CA PHE A 145 -12.66 40.64 -24.73
C PHE A 145 -11.47 39.89 -25.29
N LEU A 146 -10.31 40.11 -24.68
CA LEU A 146 -9.07 39.41 -25.03
C LEU A 146 -8.36 39.00 -23.74
N THR A 147 -7.81 37.79 -23.74
CA THR A 147 -7.06 37.29 -22.60
C THR A 147 -5.66 36.87 -23.05
N VAL A 148 -4.67 37.23 -22.24
CA VAL A 148 -3.27 36.95 -22.52
C VAL A 148 -2.69 36.19 -21.34
N ALA A 149 -1.90 35.15 -21.63
CA ALA A 149 -1.33 34.31 -20.59
C ALA A 149 0.11 34.00 -20.93
N ASN A 150 0.88 33.67 -19.90
CA ASN A 150 2.30 33.29 -20.03
C ASN A 150 2.54 32.11 -19.10
N VAL A 151 2.35 30.90 -19.62
CA VAL A 151 2.59 29.69 -18.85
C VAL A 151 3.79 28.97 -19.43
N THR A 152 4.97 29.27 -18.89
CA THR A 152 6.21 28.71 -19.39
C THR A 152 6.86 27.72 -18.43
N GLY A 153 6.49 27.75 -17.16
CA GLY A 153 6.99 26.77 -16.20
C GLY A 153 6.71 25.36 -16.65
N GLU A 154 7.75 24.52 -16.64
CA GLU A 154 7.63 23.19 -17.22
C GLU A 154 6.69 22.29 -16.42
N GLY A 155 6.49 22.58 -15.15
CA GLY A 155 5.54 21.83 -14.37
C GLY A 155 4.11 22.31 -14.45
N SER A 156 3.85 23.36 -15.22
CA SER A 156 2.53 23.97 -15.30
C SER A 156 1.83 23.67 -16.62
N GLU A 157 2.11 22.50 -17.20
CA GLU A 157 1.38 22.08 -18.40
C GLU A 157 -0.03 21.62 -18.06
N GLY A 158 -0.22 21.10 -16.84
CA GLY A 158 -1.55 20.71 -16.41
C GLY A 158 -2.51 21.88 -16.42
N LEU A 159 -2.03 23.08 -16.12
CA LEU A 159 -2.88 24.26 -16.16
C LEU A 159 -3.34 24.55 -17.59
N ILE A 160 -2.45 24.39 -18.57
CA ILE A 160 -2.83 24.57 -19.96
C ILE A 160 -3.88 23.56 -20.38
N MET A 161 -3.69 22.29 -20.00
CA MET A 161 -4.69 21.28 -20.35
C MET A 161 -6.02 21.54 -19.65
N GLN A 162 -5.98 22.05 -18.41
CA GLN A 162 -7.21 22.41 -17.73
C GLN A 162 -7.93 23.55 -18.46
N TRP A 163 -7.17 24.53 -18.95
CA TRP A 163 -7.80 25.62 -19.70
C TRP A 163 -8.40 25.11 -21.00
N LEU A 164 -7.76 24.15 -21.66
CA LEU A 164 -8.35 23.55 -22.84
C LEU A 164 -9.65 22.82 -22.50
N SER A 165 -9.66 22.08 -21.38
CA SER A 165 -10.90 21.46 -20.94
C SER A 165 -11.98 22.50 -20.63
N CYS A 166 -11.57 23.67 -20.15
CA CYS A 166 -12.51 24.75 -19.91
C CYS A 166 -13.05 25.32 -21.22
N ILE A 167 -12.23 25.34 -22.28
CA ILE A 167 -12.75 25.65 -23.61
C ILE A 167 -13.82 24.63 -23.99
N GLY A 168 -13.56 23.37 -23.69
CA GLY A 168 -14.53 22.33 -24.02
C GLY A 168 -15.84 22.49 -23.28
N ASN A 169 -15.77 22.85 -22.00
CA ASN A 169 -16.97 22.95 -21.17
C ASN A 169 -17.67 24.31 -21.25
N LYS A 170 -16.99 25.34 -21.75
CA LYS A 170 -17.54 26.69 -21.82
C LYS A 170 -17.92 27.20 -20.43
N ASN A 171 -16.98 27.14 -19.50
CA ASN A 171 -17.33 27.53 -18.13
C ASN A 171 -16.38 28.55 -17.50
N TRP A 172 -15.07 28.44 -17.75
CA TRP A 172 -14.12 29.23 -16.99
C TRP A 172 -14.11 30.69 -17.45
N LEU A 173 -13.72 30.93 -18.70
CA LEU A 173 -13.79 32.25 -19.29
C LEU A 173 -14.52 32.23 -20.63
N TYR A 174 -14.96 31.06 -21.09
CA TYR A 174 -15.59 30.91 -22.39
C TYR A 174 -17.10 30.91 -22.32
N ARG A 175 -17.68 31.10 -21.12
CA ARG A 175 -19.08 31.46 -21.03
C ARG A 175 -19.34 32.82 -21.64
N PHE A 176 -18.31 33.65 -21.75
CA PHE A 176 -18.45 34.98 -22.34
C PHE A 176 -18.53 34.92 -23.86
N GLY A 177 -17.89 33.93 -24.47
CA GLY A 177 -17.95 33.78 -25.91
C GLY A 177 -16.73 33.09 -26.48
N LYS A 178 -16.30 33.51 -27.67
CA LYS A 178 -15.09 32.99 -28.31
C LYS A 178 -13.93 33.90 -27.94
N VAL A 179 -13.42 33.70 -26.74
CA VAL A 179 -12.36 34.56 -26.20
C VAL A 179 -11.03 34.13 -26.82
N LYS A 180 -10.43 35.02 -27.60
CA LYS A 180 -9.16 34.72 -28.25
C LYS A 180 -8.05 34.59 -27.21
N MET A 181 -7.18 33.62 -27.40
CA MET A 181 -6.11 33.29 -26.45
C MET A 181 -4.76 33.61 -27.06
N LEU A 182 -3.89 34.22 -26.25
CA LEU A 182 -2.50 34.48 -26.62
C LEU A 182 -1.62 33.94 -25.49
N LEU A 183 -0.92 32.85 -25.75
CA LEU A 183 -0.21 32.12 -24.70
C LEU A 183 1.23 31.86 -25.11
N TRP A 184 2.15 32.08 -24.18
CA TRP A 184 3.54 31.66 -24.32
C TRP A 184 3.68 30.31 -23.61
N MET A 185 4.15 29.31 -24.34
CA MET A 185 4.27 27.95 -23.85
C MET A 185 5.65 27.40 -24.17
N PRO A 186 6.10 26.40 -23.44
CA PRO A 186 7.37 25.74 -23.81
C PRO A 186 7.26 25.07 -25.17
N SER A 187 8.41 24.92 -25.81
CA SER A 187 8.44 24.39 -27.18
C SER A 187 7.84 23.00 -27.26
N THR A 188 8.13 22.15 -26.26
CA THR A 188 7.59 20.79 -26.26
C THR A 188 6.07 20.80 -26.21
N THR A 189 5.50 21.67 -25.38
CA THR A 189 4.04 21.74 -25.29
C THR A 189 3.42 22.17 -26.61
N ALA A 190 4.01 23.16 -27.28
CA ALA A 190 3.50 23.59 -28.57
C ALA A 190 3.62 22.49 -29.61
N ARG A 191 4.74 21.76 -29.60
CA ARG A 191 4.90 20.64 -30.53
C ARG A 191 3.83 19.58 -30.30
N LYS A 192 3.56 19.25 -29.04
CA LYS A 192 2.57 18.23 -28.74
C LYS A 192 1.16 18.68 -29.10
N LEU A 193 0.84 19.96 -28.84
CA LEU A 193 -0.49 20.46 -29.16
C LEU A 193 -0.71 20.67 -30.65
N LEU A 194 0.35 20.90 -31.43
CA LEU A 194 0.24 21.19 -32.84
C LEU A 194 0.75 20.06 -33.71
N ALA A 195 0.46 18.81 -33.32
CA ALA A 195 0.88 17.64 -34.07
C ALA A 195 -0.27 17.13 -34.92
N ARG A 196 0.02 16.86 -36.19
CA ARG A 196 -0.94 16.42 -37.19
C ARG A 196 -1.08 14.91 -37.18
N PRO A 197 -2.16 14.38 -37.75
CA PRO A 197 -2.35 12.92 -37.76
C PRO A 197 -1.18 12.20 -38.41
N GLY A 198 -0.74 11.12 -37.77
CA GLY A 198 0.37 10.32 -38.24
C GLY A 198 1.71 10.72 -37.67
N MET A 199 1.83 11.92 -37.11
CA MET A 199 3.10 12.37 -36.57
C MET A 199 3.41 11.64 -35.26
N HIS A 200 4.70 11.62 -34.91
CA HIS A 200 5.14 10.87 -33.73
C HIS A 200 4.77 11.55 -32.43
N SER A 201 4.51 12.86 -32.44
CA SER A 201 4.21 13.60 -31.23
C SER A 201 2.72 13.75 -30.98
N ARG A 202 1.87 13.22 -31.85
CA ARG A 202 0.43 13.38 -31.70
C ARG A 202 -0.06 12.63 -30.47
N SER A 203 -0.91 13.28 -29.68
CA SER A 203 -1.45 12.67 -28.47
C SER A 203 -2.85 13.21 -28.23
N LYS A 204 -3.41 12.85 -27.08
CA LYS A 204 -4.75 13.33 -26.74
C LYS A 204 -4.79 14.85 -26.63
N CYS A 205 -3.67 15.48 -26.25
CA CYS A 205 -3.60 16.94 -26.29
C CYS A 205 -3.80 17.45 -27.71
N SER A 206 -3.18 16.78 -28.69
CA SER A 206 -3.38 17.15 -30.08
C SER A 206 -4.82 16.96 -30.50
N VAL A 207 -5.45 15.86 -30.07
CA VAL A 207 -6.85 15.63 -30.40
C VAL A 207 -7.74 16.72 -29.82
N VAL A 208 -7.48 17.11 -28.57
CA VAL A 208 -8.25 18.17 -27.93
C VAL A 208 -8.06 19.49 -28.68
N ARG A 209 -6.81 19.80 -29.05
CA ARG A 209 -6.54 21.04 -29.79
C ARG A 209 -7.30 21.05 -31.12
N GLU A 210 -7.28 19.93 -31.83
CA GLU A 210 -7.99 19.86 -33.11
C GLU A 210 -9.50 19.98 -32.92
N ALA A 211 -10.03 19.37 -31.85
CA ALA A 211 -11.47 19.35 -31.66
C ALA A 211 -12.00 20.70 -31.23
N PHE A 212 -11.32 21.38 -30.31
CA PHE A 212 -11.90 22.55 -29.66
C PHE A 212 -11.43 23.88 -30.24
N THR A 213 -10.21 23.95 -30.77
CA THR A 213 -9.60 25.25 -31.07
C THR A 213 -9.09 25.28 -32.51
N ASP A 214 -8.66 26.47 -32.91
CA ASP A 214 -7.93 26.70 -34.16
C ASP A 214 -6.67 27.48 -33.79
N THR A 215 -5.53 26.79 -33.77
CA THR A 215 -4.30 27.33 -33.21
C THR A 215 -3.27 27.57 -34.30
N LYS A 216 -2.50 28.65 -34.14
CA LYS A 216 -1.42 28.99 -35.04
C LYS A 216 -0.16 29.29 -34.24
N LEU A 217 0.99 29.03 -34.83
CA LEU A 217 2.29 29.27 -34.19
C LEU A 217 2.78 30.65 -34.61
N ILE A 218 2.54 31.65 -33.75
CA ILE A 218 2.90 33.02 -34.10
C ILE A 218 4.40 33.21 -34.09
N ALA A 219 5.09 32.64 -33.10
CA ALA A 219 6.53 32.83 -32.98
C ALA A 219 7.14 31.68 -32.22
N ILE A 220 8.46 31.53 -32.34
CA ILE A 220 9.23 30.51 -31.64
C ILE A 220 10.59 31.10 -31.28
N SER A 221 11.30 30.41 -30.39
CA SER A 221 12.59 30.89 -29.89
C SER A 221 13.76 30.03 -30.32
N ASP A 222 13.56 29.09 -31.26
CA ASP A 222 14.66 28.24 -31.71
C ASP A 222 14.31 27.68 -33.09
N ALA A 223 15.27 27.78 -34.01
CA ALA A 223 15.07 27.24 -35.35
C ALA A 223 15.19 25.72 -35.39
N ASN A 224 16.07 25.15 -34.57
CA ASN A 224 16.31 23.71 -34.58
C ASN A 224 15.14 22.90 -34.07
N GLU A 225 14.17 23.53 -33.43
CA GLU A 225 13.00 22.83 -32.89
C GLU A 225 11.82 22.84 -33.84
N LEU A 226 11.97 23.38 -35.05
CA LEU A 226 10.87 23.41 -36.00
C LEU A 226 10.60 22.06 -36.65
N LYS A 227 11.55 21.13 -36.62
CA LYS A 227 11.32 19.82 -37.20
C LYS A 227 10.23 19.04 -36.46
N GLY A 228 9.92 19.42 -35.22
CA GLY A 228 8.81 18.80 -34.52
C GLY A 228 7.46 19.14 -35.13
N PHE A 229 7.38 20.28 -35.83
CA PHE A 229 6.15 20.70 -36.48
C PHE A 229 6.13 20.23 -37.93
N ASP A 230 4.93 20.18 -38.48
CA ASP A 230 4.77 19.80 -39.88
C ASP A 230 5.33 20.88 -40.80
N SER A 231 5.99 20.46 -41.87
CA SER A 231 6.57 21.43 -42.81
C SER A 231 5.49 22.25 -43.50
N GLN A 232 4.39 21.61 -43.88
CA GLN A 232 3.27 22.32 -44.50
C GLN A 232 2.71 23.37 -43.54
N CYS A 233 2.51 22.99 -42.28
CA CYS A 233 1.97 23.94 -41.31
C CYS A 233 2.94 25.08 -41.05
N ILE A 234 4.24 24.78 -41.01
CA ILE A 234 5.24 25.84 -40.86
C ILE A 234 5.18 26.80 -42.04
N GLU A 235 5.06 26.26 -43.26
CA GLU A 235 4.98 27.11 -44.44
C GLU A 235 3.75 28.01 -44.38
N GLU A 236 2.61 27.45 -43.97
CA GLU A 236 1.39 28.26 -43.88
C GLU A 236 1.50 29.33 -42.80
N TRP A 237 2.06 28.98 -41.63
CA TRP A 237 2.06 29.91 -40.51
C TRP A 237 3.10 31.02 -40.70
N ASP A 238 4.29 30.66 -41.19
CA ASP A 238 5.44 31.56 -41.27
C ASP A 238 5.75 32.13 -39.89
N PRO A 239 6.23 31.32 -38.95
CA PRO A 239 6.50 31.82 -37.60
C PRO A 239 7.68 32.77 -37.58
N ILE A 240 7.70 33.61 -36.53
CA ILE A 240 8.79 34.55 -36.30
C ILE A 240 9.82 33.88 -35.39
N LEU A 241 11.08 33.91 -35.80
CA LEU A 241 12.15 33.25 -35.09
C LEU A 241 13.09 34.27 -34.48
N PHE A 242 13.55 33.99 -33.26
CA PHE A 242 14.54 34.82 -32.60
C PHE A 242 15.39 33.95 -31.68
N SER A 243 16.57 34.46 -31.35
CA SER A 243 17.54 33.70 -30.60
C SER A 243 17.12 33.58 -29.13
N ALA A 244 17.87 32.76 -28.39
CA ALA A 244 17.64 32.61 -26.95
C ALA A 244 18.22 33.76 -26.14
N ALA A 245 19.01 34.65 -26.76
CA ALA A 245 19.56 35.79 -26.06
C ALA A 245 18.50 36.84 -25.74
N GLU A 246 17.31 36.74 -26.31
CA GLU A 246 16.25 37.72 -26.07
C GLU A 246 15.33 37.34 -24.91
N ILE A 247 15.49 36.16 -24.32
CA ILE A 247 14.75 35.75 -23.14
C ILE A 247 15.73 35.76 -21.96
N TRP A 248 15.33 36.45 -20.88
CA TRP A 248 16.32 36.78 -19.84
C TRP A 248 16.82 35.54 -19.10
N PRO A 249 15.96 34.70 -18.51
CA PRO A 249 16.49 33.46 -17.91
C PRO A 249 16.95 32.50 -18.98
N THR A 250 18.27 32.39 -19.16
CA THR A 250 18.85 31.68 -20.30
C THR A 250 19.09 30.21 -20.04
N LYS A 251 18.73 29.70 -18.87
CA LYS A 251 18.93 28.30 -18.53
C LYS A 251 17.78 27.41 -18.97
N GLY A 252 16.73 27.99 -19.57
CA GLY A 252 15.55 27.23 -19.93
C GLY A 252 15.54 26.81 -21.39
N LYS A 253 14.61 25.89 -21.69
CA LYS A 253 14.37 25.42 -23.04
C LYS A 253 13.64 26.48 -23.86
N PRO A 254 13.69 26.39 -25.19
CA PRO A 254 13.05 27.43 -26.01
C PRO A 254 11.55 27.48 -25.80
N ILE A 255 10.99 28.68 -25.98
CA ILE A 255 9.58 28.93 -25.77
C ILE A 255 8.93 29.27 -27.10
N ALA A 256 7.61 29.14 -27.15
CA ALA A 256 6.83 29.39 -28.36
C ALA A 256 5.58 30.17 -28.01
N LEU A 257 5.02 30.82 -29.02
CA LEU A 257 3.81 31.63 -28.88
C LEU A 257 2.74 31.10 -29.82
N VAL A 258 1.54 30.89 -29.30
CA VAL A 258 0.43 30.37 -30.08
C VAL A 258 -0.80 31.25 -29.84
N GLU A 259 -1.71 31.22 -30.82
CA GLU A 259 -2.98 31.94 -30.73
C GLU A 259 -4.10 30.94 -30.91
N MET A 260 -4.95 30.82 -29.89
CA MET A 260 -6.02 29.83 -29.87
C MET A 260 -7.35 30.51 -30.09
N ASP A 261 -8.06 30.11 -31.14
CA ASP A 261 -9.39 30.62 -31.44
C ASP A 261 -10.41 29.51 -31.22
N PRO A 262 -11.25 29.58 -30.19
CA PRO A 262 -12.25 28.52 -29.98
C PRO A 262 -13.22 28.44 -31.14
N ILE A 263 -13.65 27.21 -31.44
CA ILE A 263 -14.58 26.96 -32.54
C ILE A 263 -15.80 26.21 -32.02
N ASP A 264 -16.71 25.86 -32.93
CA ASP A 264 -17.94 25.18 -32.58
C ASP A 264 -17.82 23.69 -32.85
N PHE A 265 -18.50 22.89 -32.03
CA PHE A 265 -18.44 21.44 -32.11
C PHE A 265 -19.81 20.86 -31.78
N ASP A 266 -20.03 19.63 -32.24
CA ASP A 266 -21.34 18.98 -32.16
C ASP A 266 -21.22 17.55 -31.67
N PHE A 267 -20.48 17.33 -30.59
CA PHE A 267 -20.42 16.03 -29.94
C PHE A 267 -20.64 16.21 -28.44
N ASP A 268 -20.72 15.09 -27.73
CA ASP A 268 -20.78 15.13 -26.27
C ASP A 268 -19.40 14.96 -25.66
N VAL A 269 -19.05 15.90 -24.78
CA VAL A 269 -17.67 16.02 -24.32
C VAL A 269 -17.29 14.81 -23.47
N ASP A 270 -18.18 14.34 -22.61
CA ASP A 270 -17.82 13.26 -21.70
C ASP A 270 -17.56 11.95 -22.45
N ASN A 271 -18.46 11.56 -23.36
CA ASN A 271 -18.25 10.34 -24.12
C ASN A 271 -17.05 10.48 -25.06
N TRP A 272 -16.89 11.64 -25.69
CA TRP A 272 -15.74 11.83 -26.57
C TRP A 272 -14.44 11.73 -25.79
N ASP A 273 -14.38 12.36 -24.62
CA ASP A 273 -13.18 12.29 -23.79
C ASP A 273 -12.90 10.86 -23.36
N TYR A 274 -13.92 10.12 -22.95
CA TYR A 274 -13.71 8.73 -22.55
C TYR A 274 -13.18 7.90 -23.71
N VAL A 275 -13.80 8.02 -24.88
CA VAL A 275 -13.40 7.22 -26.03
C VAL A 275 -11.97 7.55 -26.43
N THR A 276 -11.64 8.84 -26.52
CA THR A 276 -10.28 9.22 -26.93
C THR A 276 -9.25 8.78 -25.89
N ARG A 277 -9.55 8.95 -24.60
CA ARG A 277 -8.60 8.58 -23.56
C ARG A 277 -8.34 7.09 -23.55
N HIS A 278 -9.37 6.27 -23.73
CA HIS A 278 -9.18 4.83 -23.72
C HIS A 278 -8.75 4.26 -25.07
N LEU A 279 -8.81 5.05 -26.14
CA LEU A 279 -8.33 4.59 -27.44
C LEU A 279 -6.88 4.96 -27.68
N MET A 280 -6.44 6.12 -27.22
CA MET A 280 -5.11 6.59 -27.53
C MET A 280 -4.07 6.12 -26.52
N ILE A 281 -4.47 5.30 -25.56
CA ILE A 281 -3.50 4.56 -24.75
C ILE A 281 -2.68 3.65 -25.64
N LEU A 282 -3.36 2.92 -26.53
CA LEU A 282 -2.71 2.04 -27.51
C LEU A 282 -2.70 2.79 -28.84
N LYS A 283 -1.72 3.68 -28.99
CA LYS A 283 -1.71 4.63 -30.10
C LYS A 283 -0.97 4.12 -31.33
N ARG A 284 -0.53 2.85 -31.32
CA ARG A 284 0.11 2.26 -32.49
C ARG A 284 -0.48 0.90 -32.82
N THR A 285 -1.69 0.61 -32.35
CA THR A 285 -2.33 -0.68 -32.55
C THR A 285 -3.58 -0.49 -33.40
N PRO A 286 -3.79 -1.32 -34.42
CA PRO A 286 -4.93 -1.13 -35.31
C PRO A 286 -6.26 -1.33 -34.58
N LEU A 287 -7.30 -0.65 -35.10
CA LEU A 287 -8.59 -0.63 -34.41
C LEU A 287 -9.23 -2.01 -34.31
N ASN A 288 -8.83 -2.96 -35.15
CA ASN A 288 -9.42 -4.29 -35.08
C ASN A 288 -8.97 -5.09 -33.86
N THR A 289 -8.10 -4.52 -33.02
CA THR A 289 -7.68 -5.20 -31.80
C THR A 289 -7.66 -4.28 -30.58
N VAL A 290 -8.14 -3.04 -30.69
CA VAL A 290 -8.15 -2.12 -29.56
C VAL A 290 -9.55 -1.86 -29.02
N MET A 291 -10.60 -2.22 -29.74
CA MET A 291 -11.95 -2.00 -29.24
C MET A 291 -12.29 -2.93 -28.08
N ASP A 292 -11.53 -4.00 -27.86
CA ASP A 292 -11.75 -4.87 -26.73
C ASP A 292 -11.43 -4.19 -25.41
N SER A 293 -10.73 -3.06 -25.43
CA SER A 293 -10.40 -2.32 -24.22
C SER A 293 -11.47 -1.33 -23.81
N LEU A 294 -12.52 -1.16 -24.62
CA LEU A 294 -13.59 -0.23 -24.32
C LEU A 294 -14.76 -0.88 -23.59
N GLY A 295 -14.67 -2.16 -23.26
CA GLY A 295 -15.73 -2.83 -22.55
C GLY A 295 -15.78 -4.29 -22.93
N HIS A 296 -16.91 -4.92 -22.61
CA HIS A 296 -17.15 -6.33 -22.89
C HIS A 296 -17.93 -6.45 -24.19
N GLY A 297 -17.35 -7.14 -25.17
CA GLY A 297 -17.96 -7.26 -26.48
C GLY A 297 -17.71 -6.09 -27.40
N GLY A 298 -16.84 -5.18 -27.03
CA GLY A 298 -16.61 -4.00 -27.85
C GLY A 298 -16.09 -4.34 -29.23
N GLN A 299 -15.18 -5.30 -29.31
CA GLN A 299 -14.60 -5.65 -30.61
C GLN A 299 -15.66 -6.16 -31.58
N GLN A 300 -16.47 -7.13 -31.14
CA GLN A 300 -17.51 -7.66 -32.02
C GLN A 300 -18.56 -6.61 -32.34
N TYR A 301 -18.93 -5.78 -31.36
CA TYR A 301 -19.93 -4.75 -31.62
C TYR A 301 -19.44 -3.76 -32.65
N PHE A 302 -18.20 -3.28 -32.52
CA PHE A 302 -17.69 -2.29 -33.46
C PHE A 302 -17.40 -2.91 -34.82
N ASN A 303 -16.99 -4.18 -34.85
CA ASN A 303 -16.82 -4.86 -36.14
C ASN A 303 -18.15 -4.98 -36.86
N SER A 304 -19.22 -5.28 -36.12
CA SER A 304 -20.53 -5.37 -36.74
C SER A 304 -21.04 -4.01 -37.20
N ARG A 305 -20.83 -2.97 -36.39
CA ARG A 305 -21.38 -1.66 -36.68
C ARG A 305 -20.54 -0.84 -37.65
N ILE A 306 -19.29 -1.21 -37.92
CA ILE A 306 -18.42 -0.48 -38.82
C ILE A 306 -18.27 -1.28 -40.11
N THR A 307 -18.55 -0.62 -41.24
CA THR A 307 -18.44 -1.24 -42.55
C THR A 307 -17.27 -0.71 -43.37
N ASP A 308 -16.53 0.28 -42.86
CA ASP A 308 -15.41 0.84 -43.58
C ASP A 308 -14.25 -0.15 -43.63
N LYS A 309 -13.37 0.05 -44.61
CA LYS A 309 -12.26 -0.86 -44.85
C LYS A 309 -10.98 -0.41 -44.13
N ASP A 310 -10.52 0.80 -44.42
CA ASP A 310 -9.27 1.27 -43.82
C ASP A 310 -9.44 1.63 -42.34
N LEU A 311 -10.67 1.78 -41.87
CA LEU A 311 -10.88 2.09 -40.46
C LEU A 311 -10.42 0.95 -39.56
N LEU A 312 -10.69 -0.29 -39.95
CA LEU A 312 -10.29 -1.44 -39.15
C LEU A 312 -8.78 -1.69 -39.18
N LYS A 313 -8.04 -1.00 -40.04
CA LYS A 313 -6.60 -1.13 -40.10
C LYS A 313 -5.85 0.13 -39.69
N LYS A 314 -6.56 1.24 -39.49
CA LYS A 314 -5.91 2.48 -39.10
C LYS A 314 -5.67 2.51 -37.59
N CYS A 315 -4.46 2.93 -37.20
CA CYS A 315 -4.13 3.15 -35.80
C CYS A 315 -4.74 4.46 -35.32
N PRO A 316 -5.06 4.57 -34.03
CA PRO A 316 -5.67 5.82 -33.53
C PRO A 316 -4.78 7.03 -33.68
N ILE A 317 -3.46 6.85 -33.84
CA ILE A 317 -2.60 7.97 -34.15
C ILE A 317 -2.81 8.44 -35.59
N ASP A 318 -3.29 7.56 -36.47
CA ASP A 318 -3.63 7.93 -37.83
C ASP A 318 -5.03 8.55 -37.94
N LEU A 319 -5.86 8.40 -36.92
CA LEU A 319 -7.22 8.90 -36.97
C LEU A 319 -7.25 10.41 -36.77
N THR A 320 -8.43 10.99 -36.94
CA THR A 320 -8.64 12.43 -36.79
C THR A 320 -9.90 12.66 -35.98
N ASN A 321 -10.23 13.95 -35.80
CA ASN A 321 -11.35 14.32 -34.95
C ASN A 321 -12.67 13.78 -35.48
N ASP A 322 -12.86 13.83 -36.81
CA ASP A 322 -14.11 13.33 -37.39
C ASP A 322 -14.26 11.83 -37.15
N GLU A 323 -13.18 11.07 -37.33
CA GLU A 323 -13.25 9.64 -37.06
C GLU A 323 -13.51 9.36 -35.59
N PHE A 324 -12.90 10.15 -34.69
CA PHE A 324 -13.16 9.97 -33.26
C PHE A 324 -14.61 10.29 -32.93
N ILE A 325 -15.20 11.28 -33.60
CA ILE A 325 -16.60 11.62 -33.36
C ILE A 325 -17.51 10.50 -33.87
N TYR A 326 -17.17 9.92 -35.02
CA TYR A 326 -17.92 8.76 -35.50
C TYR A 326 -17.85 7.60 -34.50
N LEU A 327 -16.65 7.34 -33.96
CA LEU A 327 -16.50 6.26 -33.00
C LEU A 327 -17.27 6.55 -31.71
N THR A 328 -17.25 7.80 -31.24
CA THR A 328 -17.97 8.10 -30.01
C THR A 328 -19.47 8.07 -30.22
N LYS A 329 -19.95 8.41 -31.41
CA LYS A 329 -21.38 8.26 -31.70
C LYS A 329 -21.78 6.79 -31.72
N LEU A 330 -20.93 5.93 -32.29
CA LEU A 330 -21.19 4.49 -32.22
C LEU A 330 -21.17 4.00 -30.77
N PHE A 331 -20.25 4.52 -29.97
CA PHE A 331 -20.17 4.16 -28.55
C PHE A 331 -21.45 4.57 -27.82
N MET A 332 -22.00 5.74 -28.16
CA MET A 332 -23.29 6.14 -27.60
C MET A 332 -24.39 5.17 -28.04
N GLU A 333 -24.41 4.80 -29.32
CA GLU A 333 -25.41 3.89 -29.82
C GLU A 333 -25.26 2.47 -29.27
N TRP A 334 -24.12 2.16 -28.66
CA TRP A 334 -23.93 0.85 -28.04
C TRP A 334 -24.93 0.66 -26.91
N PRO A 335 -25.76 -0.39 -26.95
CA PRO A 335 -26.68 -0.61 -25.83
C PRO A 335 -25.97 -1.09 -24.57
N PHE A 336 -24.97 -1.97 -24.73
CA PHE A 336 -24.26 -2.56 -23.61
C PHE A 336 -23.01 -1.76 -23.26
N LYS A 337 -23.14 -0.43 -23.15
CA LYS A 337 -21.93 0.33 -22.94
C LYS A 337 -21.60 0.41 -21.44
N PRO A 338 -20.33 0.55 -21.10
CA PRO A 338 -19.94 0.71 -19.69
C PRO A 338 -20.28 2.10 -19.20
N ASP A 339 -20.22 2.25 -17.88
CA ASP A 339 -20.45 3.54 -17.26
C ASP A 339 -19.17 4.37 -17.30
N ILE A 340 -19.28 5.59 -17.82
CA ILE A 340 -18.12 6.47 -17.91
C ILE A 340 -17.69 6.93 -16.52
N LEU A 341 -18.65 7.16 -15.63
CA LEU A 341 -18.34 7.72 -14.32
C LEU A 341 -17.45 6.77 -13.50
N MET A 342 -17.72 5.47 -13.55
CA MET A 342 -16.95 4.51 -12.78
C MET A 342 -15.63 4.18 -13.47
N ASP A 343 -14.82 5.20 -13.75
CA ASP A 343 -13.49 5.02 -14.35
C ASP A 343 -12.49 5.76 -13.47
N PHE A 344 -12.04 5.09 -12.41
CA PHE A 344 -11.06 5.62 -11.48
C PHE A 344 -10.63 4.46 -10.57
N VAL A 345 -9.88 4.79 -9.53
CA VAL A 345 -9.41 3.79 -8.57
C VAL A 345 -9.84 4.23 -7.17
N ASP A 346 -9.88 3.27 -6.26
CA ASP A 346 -10.26 3.53 -4.88
C ASP A 346 -9.11 4.04 -4.02
N MET A 347 -8.05 4.55 -4.63
CA MET A 347 -7.01 5.24 -3.87
C MET A 347 -7.58 6.52 -3.29
N TYR A 348 -7.68 6.57 -1.96
CA TYR A 348 -8.15 7.74 -1.24
C TYR A 348 -9.55 8.16 -1.67
N ILE B 297 -25.22 -33.63 15.03
CA ILE B 297 -24.93 -34.27 16.30
C ILE B 297 -23.97 -33.41 17.09
N ASN B 298 -24.51 -32.60 18.00
CA ASN B 298 -23.67 -31.71 18.80
C ASN B 298 -22.83 -32.52 19.77
N PHE B 299 -21.56 -32.14 19.92
CA PHE B 299 -20.65 -32.83 20.81
C PHE B 299 -20.32 -32.03 22.07
N PHE B 300 -20.36 -30.70 21.99
CA PHE B 300 -20.06 -29.88 23.16
C PHE B 300 -21.10 -30.09 24.25
N GLU B 301 -22.38 -30.17 23.86
CA GLU B 301 -23.43 -30.40 24.86
C GLU B 301 -23.26 -31.74 25.54
N ILE B 302 -22.89 -32.79 24.77
CA ILE B 302 -22.66 -34.10 25.37
C ILE B 302 -21.47 -34.05 26.31
N TYR B 303 -20.39 -33.37 25.90
CA TYR B 303 -19.20 -33.25 26.74
C TYR B 303 -19.53 -32.56 28.05
N ASN B 304 -20.37 -31.53 28.00
CA ASN B 304 -20.80 -30.88 29.25
C ASN B 304 -21.73 -31.77 30.05
N SER B 305 -22.56 -32.57 29.38
CA SER B 305 -23.50 -33.43 30.09
C SER B 305 -22.80 -34.56 30.84
N LEU B 306 -21.69 -35.05 30.31
CA LEU B 306 -20.97 -36.13 30.99
C LEU B 306 -20.47 -35.65 32.34
N PRO B 307 -20.80 -36.34 33.44
CA PRO B 307 -20.44 -35.82 34.77
C PRO B 307 -19.14 -36.38 35.33
N THR B 308 -18.57 -37.38 34.68
CA THR B 308 -17.42 -38.09 35.21
C THR B 308 -16.19 -37.83 34.35
N LEU B 309 -15.04 -37.63 35.02
CA LEU B 309 -13.81 -37.33 34.30
C LEU B 309 -13.39 -38.50 33.40
N GLU B 310 -13.50 -39.74 33.89
CA GLU B 310 -13.14 -40.89 33.08
C GLU B 310 -14.03 -40.99 31.84
N GLU B 311 -15.33 -40.73 32.01
CA GLU B 311 -16.23 -40.76 30.87
C GLU B 311 -15.95 -39.62 29.90
N LYS B 312 -15.53 -38.46 30.41
CA LYS B 312 -15.10 -37.37 29.55
C LYS B 312 -13.88 -37.77 28.73
N LYS B 313 -12.90 -38.42 29.36
CA LYS B 313 -11.73 -38.89 28.62
C LYS B 313 -12.12 -39.92 27.57
N ALA B 314 -13.04 -40.82 27.91
CA ALA B 314 -13.49 -41.82 26.94
C ALA B 314 -14.16 -41.16 25.74
N PHE B 315 -15.02 -40.15 26.01
CA PHE B 315 -15.67 -39.44 24.90
C PHE B 315 -14.66 -38.67 24.06
N GLU B 316 -13.65 -38.07 24.69
CA GLU B 316 -12.63 -37.36 23.94
C GLU B 316 -11.84 -38.31 23.05
N SER B 317 -11.49 -39.50 23.58
CA SER B 317 -10.81 -40.49 22.76
C SER B 317 -11.68 -40.95 21.58
N ALA B 318 -12.96 -41.20 21.84
CA ALA B 318 -13.86 -41.60 20.77
C ALA B 318 -13.97 -40.52 19.70
N LEU B 319 -14.07 -39.25 20.13
CA LEU B 319 -14.16 -38.15 19.17
C LEU B 319 -12.88 -38.03 18.35
N ASN B 320 -11.72 -38.18 19.00
CA ASN B 320 -10.46 -38.09 18.28
C ASN B 320 -10.31 -39.21 17.26
N ILE B 321 -10.78 -40.41 17.60
CA ILE B 321 -10.74 -41.50 16.63
C ILE B 321 -11.72 -41.24 15.49
N PHE B 322 -12.88 -40.65 15.81
CA PHE B 322 -13.92 -40.48 14.79
C PHE B 322 -13.59 -39.35 13.82
N ASN B 323 -12.82 -38.36 14.25
CA ASN B 323 -12.63 -37.15 13.45
C ASN B 323 -11.54 -37.27 12.39
N GLN B 324 -10.87 -38.41 12.26
CA GLN B 324 -9.77 -38.53 11.30
C GLN B 324 -10.27 -38.39 9.86
N ASP B 325 -11.37 -39.06 9.52
CA ASP B 325 -11.90 -38.96 8.17
C ASP B 325 -12.39 -37.56 7.86
N ARG B 326 -13.01 -36.90 8.83
CA ARG B 326 -13.43 -35.52 8.64
C ARG B 326 -12.23 -34.60 8.41
N GLN B 327 -11.15 -34.84 9.15
CA GLN B 327 -9.92 -34.06 8.93
C GLN B 327 -9.38 -34.29 7.52
N LYS B 328 -9.40 -35.53 7.05
CA LYS B 328 -8.95 -35.82 5.70
C LYS B 328 -9.82 -35.10 4.67
N VAL B 329 -11.14 -35.10 4.87
CA VAL B 329 -12.03 -34.41 3.95
C VAL B 329 -11.75 -32.92 3.95
N LEU B 330 -11.53 -32.32 5.13
CA LEU B 330 -11.25 -30.90 5.20
C LEU B 330 -9.94 -30.55 4.51
N GLU B 331 -8.91 -31.40 4.67
CA GLU B 331 -7.61 -31.12 4.07
C GLU B 331 -7.52 -31.58 2.62
N ASN B 332 -8.57 -32.19 2.07
CA ASN B 332 -8.62 -32.43 0.63
C ASN B 332 -8.41 -31.13 -0.13
N ARG B 333 -7.67 -31.22 -1.24
CA ARG B 333 -7.11 -30.04 -1.88
C ARG B 333 -8.15 -29.32 -2.74
N ALA B 334 -7.79 -28.08 -3.09
CA ALA B 334 -8.73 -27.16 -3.73
C ALA B 334 -9.15 -27.64 -5.11
N THR B 335 -8.19 -28.11 -5.91
CA THR B 335 -8.52 -28.53 -7.27
C THR B 335 -9.54 -29.67 -7.27
N GLU B 336 -9.27 -30.72 -6.49
CA GLU B 336 -10.19 -31.85 -6.44
C GLU B 336 -11.54 -31.44 -5.86
N ALA B 337 -11.53 -30.67 -4.77
CA ALA B 337 -12.80 -30.30 -4.13
C ALA B 337 -13.64 -29.46 -5.07
N ALA B 338 -13.02 -28.47 -5.72
CA ALA B 338 -13.77 -27.61 -6.65
C ALA B 338 -14.29 -28.41 -7.83
N ARG B 339 -13.46 -29.29 -8.40
CA ARG B 339 -13.90 -30.05 -9.56
C ARG B 339 -15.08 -30.95 -9.21
N GLU B 340 -15.01 -31.65 -8.07
CA GLU B 340 -16.12 -32.53 -7.71
C GLU B 340 -17.38 -31.72 -7.40
N ARG B 341 -17.25 -30.58 -6.71
CA ARG B 341 -18.42 -29.76 -6.41
CA ARG B 341 -18.42 -29.76 -6.41
C ARG B 341 -19.08 -29.24 -7.68
N TRP B 342 -18.27 -28.74 -8.62
CA TRP B 342 -18.82 -28.20 -9.85
C TRP B 342 -19.50 -29.30 -10.68
N LYS B 343 -18.86 -30.47 -10.78
CA LYS B 343 -19.49 -31.55 -11.53
C LYS B 343 -20.78 -32.01 -10.87
N HIS B 344 -20.81 -32.07 -9.54
CA HIS B 344 -22.03 -32.47 -8.85
C HIS B 344 -23.14 -31.46 -9.09
N ASP B 345 -22.83 -30.16 -9.04
CA ASP B 345 -23.86 -29.16 -9.29
C ASP B 345 -24.36 -29.24 -10.72
N PHE B 346 -23.45 -29.48 -11.68
CA PHE B 346 -23.89 -29.62 -13.07
C PHE B 346 -24.80 -30.82 -13.25
N GLU B 347 -24.46 -31.96 -12.62
CA GLU B 347 -25.30 -33.15 -12.73
C GLU B 347 -26.67 -32.90 -12.11
N GLU B 348 -26.70 -32.24 -10.95
CA GLU B 348 -27.98 -31.94 -10.31
C GLU B 348 -28.82 -31.01 -11.17
N ALA B 349 -28.19 -30.00 -11.78
CA ALA B 349 -28.92 -29.09 -12.65
C ALA B 349 -29.47 -29.80 -13.87
N LYS B 350 -28.67 -30.70 -14.46
CA LYS B 350 -29.14 -31.47 -15.60
C LYS B 350 -30.29 -32.39 -15.21
N ALA B 351 -30.27 -32.89 -13.97
CA ALA B 351 -31.37 -33.74 -13.51
C ALA B 351 -32.65 -32.94 -13.31
N ARG B 352 -32.54 -31.76 -12.68
CA ARG B 352 -33.72 -30.97 -12.37
C ARG B 352 -34.18 -30.13 -13.55
N GLY B 353 -34.32 -30.75 -14.71
CA GLY B 353 -34.76 -30.01 -15.89
C GLY B 353 -33.70 -29.01 -16.31
N ASP B 354 -34.08 -27.74 -16.39
CA ASP B 354 -33.19 -26.66 -16.78
C ASP B 354 -33.37 -25.50 -15.81
N ILE B 355 -32.49 -25.40 -14.82
CA ILE B 355 -32.49 -24.30 -13.85
C ILE B 355 -31.11 -23.67 -13.91
N SER B 356 -31.03 -22.47 -14.48
CA SER B 356 -29.73 -21.84 -14.72
C SER B 356 -29.36 -20.87 -13.59
N ILE B 357 -30.20 -19.86 -13.34
CA ILE B 357 -29.82 -18.77 -12.45
C ILE B 357 -29.67 -19.24 -11.01
N GLU B 358 -30.39 -20.28 -10.60
CA GLU B 358 -30.39 -20.70 -9.20
C GLU B 358 -28.98 -21.11 -8.75
N LYS B 359 -28.35 -22.02 -9.49
CA LYS B 359 -26.97 -22.44 -9.23
C LYS B 359 -26.01 -21.84 -10.25
N ASN B 360 -26.29 -20.61 -10.69
CA ASN B 360 -25.64 -20.05 -11.87
C ASN B 360 -24.13 -20.06 -11.75
N LEU B 361 -23.60 -19.72 -10.58
CA LEU B 361 -22.15 -19.63 -10.45
C LEU B 361 -21.50 -20.98 -10.75
N ASN B 362 -21.94 -22.04 -10.07
CA ASN B 362 -21.29 -23.34 -10.25
C ASN B 362 -21.57 -23.92 -11.62
N VAL B 363 -22.80 -23.75 -12.13
CA VAL B 363 -23.10 -24.27 -13.46
C VAL B 363 -22.23 -23.58 -14.50
N LYS B 364 -22.09 -22.26 -14.40
CA LYS B 364 -21.27 -21.53 -15.36
C LYS B 364 -19.80 -21.91 -15.23
N LEU B 365 -19.30 -22.10 -14.01
CA LEU B 365 -17.92 -22.52 -13.84
C LEU B 365 -17.66 -23.88 -14.47
N TRP B 366 -18.57 -24.83 -14.26
CA TRP B 366 -18.38 -26.14 -14.88
C TRP B 366 -18.41 -26.04 -16.40
N LYS B 367 -19.34 -25.22 -16.93
CA LYS B 367 -19.41 -25.04 -18.38
C LYS B 367 -18.10 -24.46 -18.92
N TRP B 368 -17.58 -23.43 -18.24
CA TRP B 368 -16.34 -22.80 -18.68
C TRP B 368 -15.17 -23.78 -18.62
N TYR B 369 -15.07 -24.54 -17.53
CA TYR B 369 -13.99 -25.52 -17.42
C TYR B 369 -14.08 -26.54 -18.55
N ASN B 370 -15.30 -27.05 -18.80
CA ASN B 370 -15.47 -28.08 -19.83
C ASN B 370 -15.12 -27.55 -21.21
N GLU B 371 -15.54 -26.32 -21.52
CA GLU B 371 -15.31 -25.79 -22.87
C GLU B 371 -13.98 -25.05 -23.01
N MET B 372 -13.20 -24.92 -21.93
CA MET B 372 -11.90 -24.26 -22.02
C MET B 372 -10.73 -25.23 -21.84
N LEU B 373 -10.97 -26.40 -21.24
CA LEU B 373 -9.94 -27.43 -21.19
C LEU B 373 -9.35 -27.80 -22.56
N PRO B 374 -10.14 -27.99 -23.63
CA PRO B 374 -9.53 -28.33 -24.93
C PRO B 374 -8.55 -27.29 -25.44
N LEU B 375 -8.76 -26.00 -25.16
CA LEU B 375 -7.79 -25.00 -25.57
C LEU B 375 -6.43 -25.23 -24.91
N VAL B 376 -6.44 -25.52 -23.62
CA VAL B 376 -5.20 -25.78 -22.91
C VAL B 376 -4.56 -27.06 -23.44
N LYS B 377 -5.37 -28.08 -23.71
CA LYS B 377 -4.83 -29.33 -24.26
C LYS B 377 -4.15 -29.08 -25.61
N GLU B 378 -4.79 -28.31 -26.48
CA GLU B 378 -4.21 -28.05 -27.79
C GLU B 378 -2.93 -27.21 -27.68
N GLU B 379 -2.91 -26.25 -26.74
CA GLU B 379 -1.68 -25.47 -26.57
C GLU B 379 -0.56 -26.34 -26.04
N ILE B 380 -0.87 -27.30 -25.15
CA ILE B 380 0.15 -28.23 -24.67
C ILE B 380 0.68 -29.08 -25.81
N ASN B 381 -0.22 -29.57 -26.68
CA ASN B 381 0.23 -30.35 -27.82
C ASN B 381 1.12 -29.53 -28.75
N HIS B 382 0.74 -28.26 -28.99
CA HIS B 382 1.55 -27.39 -29.82
C HIS B 382 2.92 -27.15 -29.20
N CYS B 383 2.97 -26.94 -27.87
CA CYS B 383 4.24 -26.75 -27.19
C CYS B 383 5.11 -28.00 -27.30
N ARG B 384 4.50 -29.18 -27.15
CA ARG B 384 5.25 -30.42 -27.29
C ARG B 384 5.83 -30.56 -28.68
N SER B 385 5.03 -30.26 -29.71
CA SER B 385 5.53 -30.34 -31.08
C SER B 385 6.66 -29.35 -31.33
N LEU B 386 6.54 -28.13 -30.78
CA LEU B 386 7.57 -27.12 -30.98
C LEU B 386 8.79 -27.35 -30.10
N LEU B 387 8.71 -28.26 -29.13
CA LEU B 387 9.86 -28.61 -28.31
C LEU B 387 10.42 -30.00 -28.62
N SER B 388 9.62 -30.88 -29.22
CA SER B 388 10.12 -32.23 -29.52
C SER B 388 11.24 -32.19 -30.54
N GLU B 389 11.11 -31.35 -31.57
CA GLU B 389 12.16 -31.25 -32.58
C GLU B 389 13.45 -30.73 -31.98
N LYS B 390 13.39 -29.58 -31.29
CA LYS B 390 14.54 -28.98 -30.60
C LYS B 390 15.73 -28.84 -31.54
N LEU B 391 15.46 -28.42 -32.77
CA LEU B 391 16.48 -28.39 -33.80
C LEU B 391 16.76 -26.98 -34.31
N SER B 392 15.71 -26.26 -34.70
CA SER B 392 15.90 -25.00 -35.38
C SER B 392 15.88 -23.82 -34.39
N ASP B 393 16.55 -22.75 -34.78
CA ASP B 393 16.52 -21.48 -34.07
C ASP B 393 15.81 -20.44 -34.93
N LYS B 394 15.32 -19.39 -34.29
CA LYS B 394 14.51 -18.37 -34.94
C LYS B 394 13.32 -19.01 -35.67
N LYS B 395 12.67 -19.96 -35.01
CA LYS B 395 11.56 -20.71 -35.59
C LYS B 395 10.26 -19.98 -35.30
N GLY B 396 9.36 -19.94 -36.28
CA GLY B 396 8.06 -19.34 -36.09
C GLY B 396 8.13 -17.84 -35.90
N LEU B 397 7.04 -17.30 -35.35
CA LEU B 397 6.97 -15.89 -35.01
C LEU B 397 7.99 -15.55 -33.91
N ASN B 398 8.61 -14.38 -34.04
CA ASN B 398 9.62 -13.96 -33.08
C ASN B 398 9.03 -13.80 -31.68
N LYS B 399 7.84 -13.20 -31.60
CA LYS B 399 7.20 -12.99 -30.31
C LYS B 399 6.56 -14.27 -29.78
N VAL B 400 6.05 -15.11 -30.68
CA VAL B 400 5.26 -16.26 -30.25
C VAL B 400 6.16 -17.40 -29.80
N ASP B 401 6.98 -17.92 -30.71
CA ASP B 401 7.70 -19.16 -30.44
C ASP B 401 8.85 -18.97 -29.46
N THR B 402 9.52 -17.82 -29.48
CA THR B 402 10.60 -17.60 -28.52
C THR B 402 10.07 -17.53 -27.10
N ASN B 403 8.81 -17.13 -26.94
CA ASN B 403 8.17 -17.20 -25.63
C ASN B 403 7.79 -18.64 -25.29
N ARG B 404 7.28 -19.39 -26.27
CA ARG B 404 6.93 -20.78 -26.04
C ARG B 404 8.15 -21.59 -25.63
N LEU B 405 9.29 -21.34 -26.28
CA LEU B 405 10.52 -22.04 -25.90
C LEU B 405 10.88 -21.75 -24.45
N GLY B 406 10.39 -20.64 -23.89
CA GLY B 406 10.64 -20.31 -22.51
C GLY B 406 9.66 -20.93 -21.53
N TYR B 407 8.37 -20.89 -21.85
CA TYR B 407 7.36 -21.36 -20.90
C TYR B 407 6.74 -22.70 -21.29
N GLY B 408 7.37 -23.46 -22.17
CA GLY B 408 6.87 -24.76 -22.55
C GLY B 408 7.04 -25.83 -21.49
N PRO B 409 8.28 -26.10 -21.07
CA PRO B 409 8.49 -27.18 -20.11
C PRO B 409 7.76 -26.99 -18.80
N TYR B 410 7.44 -25.76 -18.42
CA TYR B 410 6.70 -25.50 -17.19
C TYR B 410 5.21 -25.77 -17.33
N LEU B 411 4.71 -26.01 -18.54
CA LEU B 411 3.30 -26.27 -18.76
C LEU B 411 2.98 -27.75 -18.95
N THR B 412 3.98 -28.59 -19.22
CA THR B 412 3.76 -30.00 -19.48
C THR B 412 3.79 -30.85 -18.22
N LEU B 413 4.06 -30.26 -17.05
CA LEU B 413 4.23 -31.04 -15.83
C LEU B 413 2.91 -31.27 -15.11
N ILE B 414 2.02 -30.29 -15.15
CA ILE B 414 0.80 -30.27 -14.36
C ILE B 414 -0.40 -30.58 -15.26
N ASP B 415 -1.47 -31.07 -14.65
CA ASP B 415 -2.61 -31.55 -15.42
C ASP B 415 -3.39 -30.38 -16.02
N PRO B 416 -3.88 -30.52 -17.27
CA PRO B 416 -4.62 -29.40 -17.89
C PRO B 416 -5.85 -28.98 -17.11
N GLY B 417 -6.64 -29.94 -16.63
CA GLY B 417 -7.76 -29.59 -15.77
C GLY B 417 -7.30 -28.89 -14.50
N LYS B 418 -6.12 -29.28 -14.00
CA LYS B 418 -5.60 -28.65 -12.79
C LYS B 418 -5.28 -27.18 -13.04
N MET B 419 -4.61 -26.85 -14.16
CA MET B 419 -4.41 -25.43 -14.43
C MET B 419 -5.73 -24.71 -14.67
N CYS B 420 -6.68 -25.35 -15.35
CA CYS B 420 -7.97 -24.72 -15.59
C CYS B 420 -8.62 -24.31 -14.27
N VAL B 421 -8.74 -25.26 -13.33
CA VAL B 421 -9.39 -24.97 -12.06
C VAL B 421 -8.59 -23.96 -11.26
N ILE B 422 -7.26 -24.04 -11.31
CA ILE B 422 -6.43 -23.10 -10.57
C ILE B 422 -6.68 -21.68 -11.06
N THR B 423 -6.70 -21.48 -12.39
CA THR B 423 -6.93 -20.16 -12.93
C THR B 423 -8.32 -19.64 -12.56
N ILE B 424 -9.33 -20.50 -12.68
CA ILE B 424 -10.69 -20.07 -12.36
C ILE B 424 -10.77 -19.63 -10.90
N LEU B 425 -10.17 -20.43 -10.00
CA LEU B 425 -10.25 -20.12 -8.58
C LEU B 425 -9.49 -18.84 -8.24
N GLU B 426 -8.31 -18.64 -8.83
CA GLU B 426 -7.56 -17.42 -8.55
C GLU B 426 -8.31 -16.18 -9.03
N LEU B 427 -8.89 -16.25 -10.24
CA LEU B 427 -9.60 -15.09 -10.74
C LEU B 427 -10.88 -14.82 -9.97
N LEU B 428 -11.52 -15.85 -9.42
CA LEU B 428 -12.65 -15.60 -8.53
C LEU B 428 -12.20 -15.01 -7.20
N LYS B 429 -11.05 -15.47 -6.69
CA LYS B 429 -10.56 -14.96 -5.41
C LYS B 429 -10.19 -13.49 -5.49
N LEU B 430 -9.51 -13.07 -6.55
CA LEU B 430 -8.95 -11.72 -6.61
C LEU B 430 -9.90 -10.77 -7.36
N ASN B 431 -11.04 -10.50 -6.76
CA ASN B 431 -11.97 -9.53 -7.33
C ASN B 431 -12.06 -8.28 -6.45
N SER B 432 -12.22 -7.13 -7.11
CA SER B 432 -12.26 -5.83 -6.47
C SER B 432 -11.04 -5.61 -5.57
N THR B 433 -9.88 -6.03 -6.06
CA THR B 433 -8.62 -5.87 -5.35
C THR B 433 -7.68 -4.98 -6.15
N GLY B 434 -7.03 -4.05 -5.46
CA GLY B 434 -6.08 -3.17 -6.11
C GLY B 434 -6.61 -1.83 -6.51
N GLY B 435 -7.74 -1.39 -5.95
CA GLY B 435 -8.36 -0.15 -6.32
C GLY B 435 -9.30 -0.23 -7.51
N VAL B 436 -9.24 -1.31 -8.28
CA VAL B 436 -10.16 -1.49 -9.39
C VAL B 436 -11.57 -1.71 -8.85
N ILE B 437 -12.55 -1.06 -9.47
CA ILE B 437 -13.90 -1.05 -8.92
C ILE B 437 -14.49 -2.46 -8.93
N GLU B 438 -14.43 -3.13 -10.07
CA GLU B 438 -15.05 -4.44 -10.24
C GLU B 438 -14.11 -5.41 -10.93
N GLY B 439 -12.87 -5.48 -10.47
CA GLY B 439 -11.93 -6.40 -11.06
C GLY B 439 -10.59 -6.37 -10.35
N MET B 440 -9.64 -7.08 -10.94
CA MET B 440 -8.29 -7.23 -10.42
C MET B 440 -7.32 -6.42 -11.27
N ARG B 441 -6.05 -6.46 -10.90
CA ARG B 441 -4.97 -5.90 -11.70
C ARG B 441 -4.29 -7.02 -12.49
N THR B 442 -3.88 -6.70 -13.71
CA THR B 442 -3.24 -7.71 -14.55
C THR B 442 -1.92 -8.16 -13.95
N ALA B 443 -1.15 -7.23 -13.37
CA ALA B 443 0.12 -7.59 -12.76
C ALA B 443 -0.08 -8.54 -11.59
N ARG B 444 -1.11 -8.29 -10.78
CA ARG B 444 -1.43 -9.19 -9.67
C ARG B 444 -1.88 -10.55 -10.18
N ALA B 445 -2.80 -10.57 -11.16
CA ALA B 445 -3.45 -11.82 -11.54
C ALA B 445 -2.49 -12.78 -12.23
N VAL B 446 -1.55 -12.26 -13.02
CA VAL B 446 -0.63 -13.16 -13.72
C VAL B 446 0.31 -13.84 -12.74
N ILE B 447 0.75 -13.12 -11.71
CA ILE B 447 1.64 -13.72 -10.71
C ILE B 447 0.88 -14.73 -9.86
N SER B 448 -0.31 -14.35 -9.40
CA SER B 448 -1.07 -15.22 -8.49
C SER B 448 -1.45 -16.53 -9.17
N VAL B 449 -1.87 -16.47 -10.43
CA VAL B 449 -2.15 -17.70 -11.16
C VAL B 449 -0.87 -18.51 -11.37
N GLY B 450 0.21 -17.86 -11.76
CA GLY B 450 1.46 -18.58 -11.97
C GLY B 450 2.03 -19.14 -10.68
N LYS B 451 1.96 -18.36 -9.60
CA LYS B 451 2.46 -18.84 -8.31
C LYS B 451 1.63 -20.01 -7.80
N ALA B 452 0.31 -19.97 -8.03
CA ALA B 452 -0.55 -21.07 -7.60
C ALA B 452 -0.23 -22.35 -8.36
N ILE B 453 0.07 -22.24 -9.66
CA ILE B 453 0.44 -23.41 -10.44
C ILE B 453 1.79 -23.94 -9.97
N GLU B 454 2.73 -23.05 -9.65
CA GLU B 454 4.00 -23.47 -9.10
C GLU B 454 3.82 -24.18 -7.76
N MET B 455 2.96 -23.64 -6.88
CA MET B 455 2.77 -24.23 -5.56
C MET B 455 2.15 -25.61 -5.65
N GLU B 456 1.18 -25.79 -6.55
CA GLU B 456 0.51 -27.09 -6.64
C GLU B 456 1.48 -28.17 -7.12
N PHE B 457 2.44 -27.81 -7.96
CA PHE B 457 3.46 -28.75 -8.38
C PHE B 457 4.43 -29.11 -7.26
N ARG B 458 4.77 -28.15 -6.41
CA ARG B 458 5.62 -28.45 -5.25
C ARG B 458 4.94 -29.45 -4.33
N SER B 459 3.64 -29.27 -4.08
CA SER B 459 2.91 -30.21 -3.25
C SER B 459 2.84 -31.58 -3.91
N GLU B 460 2.59 -31.63 -5.22
CA GLU B 460 2.52 -32.91 -5.91
C GLU B 460 3.89 -33.60 -5.92
N GLN B 461 4.96 -32.84 -6.08
CA GLN B 461 6.30 -33.44 -6.12
C GLN B 461 6.68 -33.99 -4.74
N VAL B 462 6.46 -33.21 -3.69
CA VAL B 462 6.80 -33.66 -2.34
C VAL B 462 5.93 -34.85 -1.94
N LEU B 463 4.66 -34.85 -2.36
CA LEU B 463 3.80 -36.00 -2.09
C LEU B 463 4.35 -37.26 -2.72
N LYS B 464 4.83 -37.16 -3.97
CA LYS B 464 5.51 -38.28 -4.60
C LYS B 464 6.87 -38.54 -3.98
N SER B 465 7.45 -37.54 -3.31
CA SER B 465 8.76 -37.71 -2.69
C SER B 465 8.68 -38.40 -1.34
N GLU B 466 7.49 -38.60 -0.81
CA GLU B 466 7.32 -39.27 0.48
C GLU B 466 7.22 -40.78 0.30
N LYS B 500 15.30 -29.36 -9.39
CA LYS B 500 14.23 -28.37 -9.43
C LYS B 500 14.14 -27.62 -8.11
N ILE B 501 14.28 -26.29 -8.17
CA ILE B 501 14.27 -25.44 -6.99
C ILE B 501 13.05 -24.52 -6.96
N LEU B 502 12.96 -23.62 -7.93
CA LEU B 502 11.91 -22.60 -7.94
C LEU B 502 11.68 -22.16 -9.38
N TRP B 503 10.54 -21.46 -9.59
CA TRP B 503 10.26 -20.93 -10.91
C TRP B 503 10.58 -19.45 -10.96
N PRO B 504 11.09 -18.96 -12.09
CA PRO B 504 11.36 -17.53 -12.22
C PRO B 504 10.07 -16.72 -12.29
N GLN B 505 10.17 -15.46 -11.87
CA GLN B 505 9.03 -14.56 -11.94
C GLN B 505 8.57 -14.35 -13.38
N SER B 506 9.52 -14.34 -14.32
CA SER B 506 9.14 -14.22 -15.73
C SER B 506 8.28 -15.40 -16.17
N ILE B 507 8.68 -16.61 -15.80
CA ILE B 507 7.92 -17.79 -16.16
C ILE B 507 6.54 -17.77 -15.50
N ARG B 508 6.49 -17.37 -14.23
CA ARG B 508 5.21 -17.23 -13.55
C ARG B 508 4.29 -16.28 -14.32
N ALA B 509 4.82 -15.14 -14.74
CA ALA B 509 4.03 -14.16 -15.47
C ALA B 509 3.55 -14.71 -16.81
N ARG B 510 4.43 -15.39 -17.55
CA ARG B 510 4.02 -15.94 -18.85
C ARG B 510 2.92 -16.97 -18.69
N ILE B 511 3.06 -17.88 -17.72
CA ILE B 511 2.04 -18.91 -17.53
C ILE B 511 0.71 -18.28 -17.13
N GLY B 512 0.76 -17.36 -16.17
CA GLY B 512 -0.46 -16.69 -15.75
C GLY B 512 -1.14 -15.96 -16.89
N SER B 513 -0.37 -15.22 -17.69
CA SER B 513 -0.96 -14.48 -18.79
C SER B 513 -1.56 -15.41 -19.84
N VAL B 514 -0.87 -16.49 -20.18
CA VAL B 514 -1.40 -17.42 -21.17
C VAL B 514 -2.73 -17.99 -20.71
N LEU B 515 -2.77 -18.48 -19.47
CA LEU B 515 -3.98 -19.15 -19.00
C LEU B 515 -5.12 -18.15 -18.78
N ILE B 516 -4.81 -16.95 -18.29
CA ILE B 516 -5.85 -15.95 -18.11
C ILE B 516 -6.41 -15.50 -19.45
N SER B 517 -5.56 -15.39 -20.47
CA SER B 517 -6.04 -15.07 -21.81
C SER B 517 -6.97 -16.14 -22.33
N MET B 518 -6.60 -17.42 -22.12
CA MET B 518 -7.49 -18.50 -22.56
C MET B 518 -8.83 -18.45 -21.84
N LEU B 519 -8.82 -18.15 -20.54
CA LEU B 519 -10.08 -18.04 -19.81
C LEU B 519 -10.90 -16.85 -20.31
N ILE B 520 -10.24 -15.75 -20.66
CA ILE B 520 -10.94 -14.58 -21.18
C ILE B 520 -11.62 -14.92 -22.50
N GLN B 521 -10.92 -15.66 -23.36
CA GLN B 521 -11.46 -16.03 -24.66
C GLN B 521 -12.69 -16.94 -24.54
N VAL B 522 -12.90 -17.58 -23.39
CA VAL B 522 -13.92 -18.59 -23.23
C VAL B 522 -15.08 -18.13 -22.37
N ALA B 523 -14.80 -17.40 -21.28
CA ALA B 523 -15.82 -17.03 -20.31
C ALA B 523 -16.91 -16.15 -20.92
N LYS B 524 -18.12 -16.68 -21.02
CA LYS B 524 -19.27 -15.96 -21.56
C LYS B 524 -20.37 -15.91 -20.52
N VAL B 525 -21.05 -14.76 -20.43
CA VAL B 525 -22.22 -14.59 -19.58
C VAL B 525 -23.34 -13.99 -20.41
N SER B 526 -24.57 -14.23 -19.94
CA SER B 526 -25.76 -13.78 -20.64
C SER B 526 -26.38 -12.61 -19.88
N VAL B 527 -26.53 -11.47 -20.56
CA VAL B 527 -27.11 -10.28 -19.97
C VAL B 527 -28.07 -9.66 -20.97
N GLN B 528 -28.96 -8.81 -20.47
CA GLN B 528 -29.94 -8.11 -21.29
C GLN B 528 -29.83 -6.61 -21.01
N GLY B 529 -29.76 -5.82 -22.08
CA GLY B 529 -29.71 -4.38 -21.99
C GLY B 529 -30.86 -3.75 -22.77
N VAL B 530 -30.97 -2.43 -22.65
CA VAL B 530 -32.06 -1.68 -23.24
C VAL B 530 -31.52 -0.83 -24.37
N ASP B 531 -32.14 -0.95 -25.55
CA ASP B 531 -31.72 -0.18 -26.71
C ASP B 531 -31.95 1.31 -26.46
N PRO B 532 -30.95 2.17 -26.67
CA PRO B 532 -31.16 3.61 -26.44
C PRO B 532 -32.27 4.22 -27.30
N VAL B 533 -32.40 3.78 -28.55
CA VAL B 533 -33.39 4.38 -29.45
C VAL B 533 -34.72 3.64 -29.46
N THR B 534 -34.73 2.36 -29.09
CA THR B 534 -35.96 1.59 -29.03
C THR B 534 -36.57 1.56 -27.62
N LYS B 535 -35.75 1.74 -26.59
CA LYS B 535 -36.20 1.67 -25.20
C LYS B 535 -36.86 0.32 -24.89
N ALA B 536 -36.25 -0.74 -25.42
CA ALA B 536 -36.72 -2.11 -25.19
C ALA B 536 -35.53 -3.01 -24.94
N LYS B 537 -35.79 -4.14 -24.31
CA LYS B 537 -34.72 -5.06 -23.92
C LYS B 537 -34.02 -5.64 -25.14
N VAL B 538 -32.71 -5.81 -25.02
CA VAL B 538 -31.87 -6.41 -26.06
C VAL B 538 -31.11 -7.57 -25.45
N HIS B 539 -31.07 -8.69 -26.17
CA HIS B 539 -30.49 -9.92 -25.66
C HIS B 539 -29.20 -10.25 -26.40
N GLY B 540 -28.27 -10.87 -25.68
CA GLY B 540 -27.00 -11.25 -26.27
C GLY B 540 -26.07 -11.80 -25.21
N GLU B 541 -24.98 -12.38 -25.69
CA GLU B 541 -23.95 -12.98 -24.84
C GLU B 541 -22.71 -12.09 -24.87
N ALA B 542 -22.16 -11.81 -23.69
CA ALA B 542 -21.02 -10.93 -23.54
C ALA B 542 -19.91 -11.64 -22.76
N PRO B 543 -18.65 -11.30 -23.05
CA PRO B 543 -17.54 -11.91 -22.30
C PRO B 543 -17.61 -11.56 -20.82
N ALA B 544 -17.29 -12.54 -19.97
CA ALA B 544 -17.29 -12.30 -18.54
C ALA B 544 -16.10 -11.48 -18.09
N PHE B 545 -14.93 -11.74 -18.65
CA PHE B 545 -13.70 -11.04 -18.30
C PHE B 545 -13.21 -10.25 -19.51
N ALA B 546 -12.70 -9.05 -19.25
CA ALA B 546 -12.13 -8.21 -20.30
C ALA B 546 -10.90 -7.51 -19.77
N HIS B 547 -9.94 -7.28 -20.67
CA HIS B 547 -8.67 -6.66 -20.33
C HIS B 547 -8.67 -5.21 -20.81
N GLY B 548 -8.40 -4.28 -19.90
CA GLY B 548 -8.33 -2.88 -20.24
C GLY B 548 -7.28 -2.20 -19.40
N TYR B 549 -7.10 -0.91 -19.65
CA TYR B 549 -6.15 -0.09 -18.92
C TYR B 549 -6.88 1.09 -18.30
N GLN B 550 -6.29 1.65 -17.24
CA GLN B 550 -6.82 2.82 -16.58
C GLN B 550 -5.65 3.72 -16.20
N TYR B 551 -5.97 4.84 -15.54
CA TYR B 551 -4.97 5.83 -15.19
C TYR B 551 -5.10 6.20 -13.72
N HIS B 552 -3.97 6.56 -13.12
CA HIS B 552 -3.96 7.17 -11.80
C HIS B 552 -2.76 8.10 -11.72
N ASN B 553 -3.02 9.41 -11.77
CA ASN B 553 -1.98 10.42 -11.69
C ASN B 553 -0.95 10.23 -12.80
N GLY B 554 -1.45 10.28 -14.05
CA GLY B 554 -0.62 10.22 -15.22
C GLY B 554 0.26 8.99 -15.32
N SER B 555 -0.32 7.81 -15.07
CA SER B 555 0.42 6.57 -15.16
C SER B 555 -0.57 5.45 -15.48
N LYS B 556 -0.20 4.60 -16.42
CA LYS B 556 -1.10 3.55 -16.88
C LYS B 556 -1.27 2.48 -15.80
N LEU B 557 -2.31 1.67 -15.97
CA LEU B 557 -2.64 0.63 -14.99
C LEU B 557 -3.41 -0.46 -15.71
N GLY B 558 -2.73 -1.54 -16.07
CA GLY B 558 -3.40 -2.67 -16.70
C GLY B 558 -4.30 -3.36 -15.70
N VAL B 559 -5.57 -3.52 -16.08
CA VAL B 559 -6.58 -4.10 -15.20
C VAL B 559 -7.37 -5.17 -15.94
N LEU B 560 -8.04 -6.01 -15.17
CA LEU B 560 -8.99 -6.98 -15.69
C LEU B 560 -10.34 -6.73 -15.00
N LYS B 561 -11.41 -6.69 -15.79
CA LYS B 561 -12.73 -6.37 -15.28
C LYS B 561 -13.59 -7.61 -15.22
N ILE B 562 -14.58 -7.57 -14.32
CA ILE B 562 -15.55 -8.66 -14.15
C ILE B 562 -16.94 -8.07 -14.37
N HIS B 563 -17.74 -8.77 -15.17
CA HIS B 563 -19.05 -8.27 -15.55
C HIS B 563 -19.97 -8.22 -14.32
N LYS B 564 -20.96 -7.33 -14.36
CA LYS B 564 -21.86 -7.16 -13.23
C LYS B 564 -22.66 -8.43 -12.97
N THR B 565 -23.04 -9.14 -14.04
CA THR B 565 -23.80 -10.37 -13.88
C THR B 565 -22.99 -11.43 -13.12
N LEU B 566 -21.67 -11.36 -13.16
CA LEU B 566 -20.84 -12.23 -12.34
C LEU B 566 -20.57 -11.65 -10.96
N ILE B 567 -20.43 -10.32 -10.86
CA ILE B 567 -20.16 -9.70 -9.56
C ILE B 567 -21.31 -9.94 -8.59
N ARG B 568 -22.55 -9.80 -9.08
CA ARG B 568 -23.71 -9.97 -8.22
C ARG B 568 -23.76 -11.35 -7.58
N GLN B 569 -23.28 -12.38 -8.30
CA GLN B 569 -23.26 -13.73 -7.76
C GLN B 569 -22.01 -14.03 -6.94
N LEU B 570 -20.86 -13.49 -7.35
CA LEU B 570 -19.62 -13.74 -6.63
C LEU B 570 -19.66 -13.13 -5.25
N ASN B 571 -20.23 -11.93 -5.12
CA ASN B 571 -20.37 -11.30 -3.81
C ASN B 571 -21.59 -11.80 -3.04
N GLY B 572 -22.21 -12.89 -3.48
CA GLY B 572 -23.39 -13.43 -2.83
C GLY B 572 -23.06 -14.36 -1.68
N GLU B 573 -24.05 -15.15 -1.29
CA GLU B 573 -23.92 -16.07 -0.17
C GLU B 573 -23.53 -17.48 -0.58
N ARG B 574 -23.29 -17.72 -1.86
CA ARG B 574 -22.79 -19.00 -2.34
C ARG B 574 -21.28 -18.97 -2.60
N LEU B 575 -20.62 -17.89 -2.21
CA LEU B 575 -19.18 -17.78 -2.43
C LEU B 575 -18.41 -18.85 -1.67
N ILE B 576 -18.90 -19.24 -0.49
CA ILE B 576 -18.23 -20.30 0.26
C ILE B 576 -18.33 -21.63 -0.47
N ALA B 577 -19.49 -21.93 -1.04
CA ALA B 577 -19.64 -23.16 -1.81
C ALA B 577 -18.81 -23.13 -3.08
N SER B 578 -18.69 -21.95 -3.70
CA SER B 578 -17.93 -21.84 -4.95
C SER B 578 -16.43 -21.93 -4.70
N VAL B 579 -15.93 -21.28 -3.66
CA VAL B 579 -14.51 -21.23 -3.33
C VAL B 579 -14.33 -21.82 -1.94
N GLN B 580 -14.04 -23.11 -1.87
CA GLN B 580 -13.87 -23.80 -0.59
C GLN B 580 -12.54 -23.40 0.04
N PRO B 581 -12.52 -23.09 1.34
CA PRO B 581 -11.26 -22.68 1.97
C PRO B 581 -10.28 -23.84 2.11
N GLN B 582 -8.99 -23.50 2.18
CA GLN B 582 -7.95 -24.51 2.26
C GLN B 582 -7.19 -24.52 3.58
N LEU B 583 -7.43 -23.56 4.47
CA LEU B 583 -6.79 -23.52 5.78
C LEU B 583 -7.88 -23.21 6.80
N LEU B 584 -8.52 -24.26 7.32
CA LEU B 584 -9.59 -24.18 8.28
C LEU B 584 -9.12 -24.69 9.64
N PRO B 585 -9.85 -24.39 10.71
CA PRO B 585 -9.52 -24.98 12.01
C PRO B 585 -9.56 -26.50 11.95
N MET B 586 -8.63 -27.13 12.65
CA MET B 586 -8.54 -28.58 12.65
C MET B 586 -9.53 -29.19 13.65
N LEU B 587 -9.93 -30.43 13.37
CA LEU B 587 -10.79 -31.18 14.27
C LEU B 587 -10.01 -32.12 15.18
N VAL B 588 -8.84 -32.57 14.76
CA VAL B 588 -7.98 -33.42 15.56
C VAL B 588 -6.79 -32.59 16.05
N GLU B 589 -6.13 -33.10 17.07
CA GLU B 589 -5.02 -32.36 17.67
C GLU B 589 -3.93 -32.14 16.64
N PRO B 590 -3.36 -30.93 16.55
CA PRO B 590 -2.36 -30.65 15.52
C PRO B 590 -1.10 -31.49 15.72
N LYS B 591 -0.44 -31.79 14.61
CA LYS B 591 0.81 -32.51 14.65
C LYS B 591 1.88 -31.66 15.32
N PRO B 592 2.60 -32.19 16.29
CA PRO B 592 3.61 -31.38 17.00
C PRO B 592 4.75 -30.98 16.09
N TRP B 593 5.38 -29.85 16.41
CA TRP B 593 6.54 -29.39 15.69
C TRP B 593 7.77 -30.14 16.18
N VAL B 594 8.44 -30.84 15.27
CA VAL B 594 9.66 -31.59 15.62
C VAL B 594 10.76 -31.19 14.64
N ASN B 595 10.38 -30.48 13.59
CA ASN B 595 11.31 -30.05 12.55
C ASN B 595 10.77 -28.77 11.93
N TRP B 596 11.67 -28.00 11.33
CA TRP B 596 11.29 -26.71 10.76
C TRP B 596 10.31 -26.83 9.59
N ARG B 597 10.15 -28.04 9.04
CA ARG B 597 9.18 -28.28 7.96
C ARG B 597 8.14 -29.32 8.33
N SER B 598 8.05 -29.69 9.61
CA SER B 598 7.12 -30.72 10.06
C SER B 598 6.31 -30.19 11.23
N GLY B 599 5.00 -30.33 11.15
CA GLY B 599 4.11 -29.88 12.19
C GLY B 599 2.85 -29.31 11.59
N GLY B 600 2.00 -28.77 12.45
CA GLY B 600 0.75 -28.18 11.99
C GLY B 600 -0.19 -29.24 11.45
N TYR B 601 -0.57 -29.09 10.19
CA TYR B 601 -1.53 -30.01 9.58
C TYR B 601 -0.89 -31.36 9.29
N HIS B 602 -1.74 -32.39 9.23
CA HIS B 602 -1.24 -33.73 8.95
C HIS B 602 -0.87 -33.90 7.48
N TYR B 603 -1.70 -33.37 6.58
CA TYR B 603 -1.49 -33.57 5.15
C TYR B 603 -0.98 -32.33 4.42
N THR B 604 -0.93 -31.18 5.08
CA THR B 604 -0.42 -29.95 4.49
C THR B 604 0.93 -29.63 5.13
N GLN B 605 1.93 -29.35 4.29
CA GLN B 605 3.27 -29.05 4.76
C GLN B 605 3.43 -27.54 4.89
N SER B 606 3.78 -27.08 6.08
CA SER B 606 3.92 -25.66 6.36
C SER B 606 5.28 -25.39 6.98
N THR B 607 5.92 -24.32 6.53
CA THR B 607 7.22 -23.92 7.08
C THR B 607 7.00 -23.22 8.42
N LEU B 608 8.01 -23.34 9.31
CA LEU B 608 7.91 -22.73 10.62
C LEU B 608 7.78 -21.21 10.53
N LEU B 609 8.54 -20.58 9.64
CA LEU B 609 8.53 -19.14 9.49
C LEU B 609 7.67 -18.71 8.30
N ARG B 610 7.19 -17.48 8.37
CA ARG B 610 6.48 -16.83 7.26
C ARG B 610 7.47 -15.93 6.54
N THR B 611 8.14 -16.47 5.54
CA THR B 611 9.14 -15.75 4.76
C THR B 611 8.48 -15.28 3.47
N LYS B 612 8.28 -13.97 3.35
CA LYS B 612 7.59 -13.40 2.19
C LYS B 612 8.36 -13.70 0.91
N ASP B 613 9.56 -13.14 0.79
CA ASP B 613 10.47 -13.48 -0.31
C ASP B 613 11.89 -13.33 0.23
N SER B 614 12.43 -14.42 0.75
CA SER B 614 13.80 -14.43 1.25
C SER B 614 14.34 -15.85 1.35
N PRO B 615 15.34 -16.22 0.55
CA PRO B 615 16.00 -17.52 0.74
C PRO B 615 16.98 -17.54 1.90
N GLU B 616 17.52 -16.37 2.29
CA GLU B 616 18.47 -16.33 3.40
C GLU B 616 17.83 -16.73 4.71
N GLN B 617 16.60 -16.26 4.95
CA GLN B 617 15.90 -16.64 6.18
C GLN B 617 15.64 -18.14 6.21
N VAL B 618 15.23 -18.72 5.09
CA VAL B 618 14.98 -20.15 5.04
C VAL B 618 16.27 -20.93 5.27
N ALA B 619 17.38 -20.46 4.70
CA ALA B 619 18.66 -21.13 4.90
C ALA B 619 19.07 -21.09 6.37
N TYR B 620 18.96 -19.93 7.01
CA TYR B 620 19.34 -19.82 8.41
C TYR B 620 18.42 -20.65 9.31
N LEU B 621 17.12 -20.69 8.97
CA LEU B 621 16.19 -21.51 9.74
C LEU B 621 16.52 -22.99 9.61
N LYS B 622 16.88 -23.43 8.40
CA LYS B 622 17.28 -24.82 8.22
C LYS B 622 18.55 -25.14 8.99
N ALA B 623 19.51 -24.20 8.99
CA ALA B 623 20.73 -24.41 9.75
C ALA B 623 20.45 -24.52 11.25
N ALA B 624 19.56 -23.67 11.76
CA ALA B 624 19.19 -23.72 13.17
C ALA B 624 18.46 -25.03 13.49
N SER B 625 17.59 -25.49 12.60
CA SER B 625 16.91 -26.76 12.81
C SER B 625 17.90 -27.92 12.81
N ASP B 626 18.92 -27.85 11.95
CA ASP B 626 19.95 -28.89 11.95
C ASP B 626 20.74 -28.88 13.26
N ASN B 627 21.14 -27.68 13.71
CA ASN B 627 21.90 -27.59 14.96
C ASN B 627 21.07 -28.04 16.16
N GLY B 628 19.76 -27.80 16.13
CA GLY B 628 18.92 -28.15 17.25
C GLY B 628 18.88 -27.13 18.36
N ASP B 629 19.19 -25.87 18.07
CA ASP B 629 19.17 -24.82 19.08
C ASP B 629 17.81 -24.15 19.21
N ILE B 630 16.80 -24.61 18.48
CA ILE B 630 15.44 -24.11 18.61
C ILE B 630 14.57 -25.29 19.04
N ASP B 631 14.42 -25.47 20.34
CA ASP B 631 13.52 -26.45 20.91
C ASP B 631 12.51 -25.85 21.86
N ARG B 632 12.89 -24.78 22.58
CA ARG B 632 11.89 -24.02 23.33
C ARG B 632 10.88 -23.37 22.41
N VAL B 633 11.30 -23.00 21.20
CA VAL B 633 10.36 -22.50 20.20
C VAL B 633 9.35 -23.58 19.84
N TYR B 634 9.83 -24.80 19.64
CA TYR B 634 8.92 -25.92 19.35
C TYR B 634 7.96 -26.14 20.52
N ASP B 635 8.47 -26.10 21.75
CA ASP B 635 7.62 -26.33 22.90
C ASP B 635 6.54 -25.25 23.03
N GLY B 636 6.93 -23.99 22.84
CA GLY B 636 5.94 -22.92 22.91
C GLY B 636 4.90 -23.02 21.82
N LEU B 637 5.31 -23.30 20.59
CA LEU B 637 4.34 -23.41 19.51
C LEU B 637 3.42 -24.60 19.71
N ASN B 638 3.95 -25.71 20.23
CA ASN B 638 3.09 -26.87 20.49
C ASN B 638 2.08 -26.57 21.59
N VAL B 639 2.51 -25.86 22.64
CA VAL B 639 1.58 -25.48 23.69
C VAL B 639 0.49 -24.57 23.14
N LEU B 640 0.88 -23.63 22.27
CA LEU B 640 -0.12 -22.75 21.65
C LEU B 640 -1.10 -23.54 20.79
N GLY B 641 -0.61 -24.53 20.04
CA GLY B 641 -1.45 -25.29 19.15
C GLY B 641 -2.25 -26.41 19.78
N ARG B 642 -1.96 -26.78 21.03
CA ARG B 642 -2.66 -27.89 21.66
C ARG B 642 -3.96 -27.49 22.33
N THR B 643 -4.29 -26.21 22.39
CA THR B 643 -5.48 -25.76 23.12
C THR B 643 -6.74 -26.00 22.29
N PRO B 644 -7.77 -26.62 22.84
CA PRO B 644 -9.01 -26.83 22.11
C PRO B 644 -10.02 -25.70 22.28
N TRP B 645 -10.74 -25.42 21.20
CA TRP B 645 -11.72 -24.34 21.14
C TRP B 645 -13.09 -24.90 20.75
N THR B 646 -14.07 -24.01 20.74
CA THR B 646 -15.40 -24.29 20.20
C THR B 646 -16.12 -22.97 19.98
N VAL B 647 -17.25 -23.03 19.30
CA VAL B 647 -17.99 -21.85 18.88
C VAL B 647 -19.06 -21.54 19.92
N ASN B 648 -19.09 -20.28 20.36
CA ASN B 648 -20.06 -19.84 21.36
C ASN B 648 -21.45 -19.76 20.73
N ARG B 649 -22.34 -20.66 21.15
CA ARG B 649 -23.64 -20.77 20.50
C ARG B 649 -24.51 -19.53 20.72
N LYS B 650 -24.53 -18.99 21.93
CA LYS B 650 -25.40 -17.86 22.22
C LYS B 650 -24.97 -16.61 21.45
N VAL B 651 -23.67 -16.29 21.49
CA VAL B 651 -23.17 -15.15 20.75
C VAL B 651 -23.35 -15.37 19.25
N PHE B 652 -23.18 -16.62 18.80
CA PHE B 652 -23.42 -16.91 17.39
C PHE B 652 -24.87 -16.63 17.01
N ASP B 653 -25.81 -17.03 17.86
CA ASP B 653 -27.21 -16.79 17.55
C ASP B 653 -27.53 -15.30 17.51
N VAL B 654 -27.00 -14.53 18.45
CA VAL B 654 -27.23 -13.08 18.43
C VAL B 654 -26.64 -12.47 17.17
N VAL B 655 -25.43 -12.88 16.81
CA VAL B 655 -24.79 -12.36 15.60
C VAL B 655 -25.60 -12.73 14.37
N SER B 656 -26.12 -13.96 14.32
CA SER B 656 -26.90 -14.39 13.18
C SER B 656 -28.19 -13.59 13.06
N GLN B 657 -28.86 -13.31 14.18
CA GLN B 657 -30.05 -12.49 14.14
C GLN B 657 -29.74 -11.08 13.65
N VAL B 658 -28.65 -10.48 14.15
CA VAL B 658 -28.25 -9.15 13.71
C VAL B 658 -27.95 -9.15 12.22
N TRP B 659 -27.24 -10.18 11.75
CA TRP B 659 -26.87 -10.26 10.34
C TRP B 659 -28.09 -10.45 9.45
N ASN B 660 -29.04 -11.29 9.86
CA ASN B 660 -30.22 -11.56 9.06
C ASN B 660 -31.23 -10.42 9.09
N LYS B 661 -31.17 -9.54 10.10
CA LYS B 661 -32.09 -8.41 10.13
C LYS B 661 -31.89 -7.51 8.93
N GLY B 662 -30.63 -7.24 8.56
CA GLY B 662 -30.30 -6.47 7.37
C GLY B 662 -29.84 -5.06 7.65
N GLU B 663 -30.28 -4.48 8.76
CA GLU B 663 -29.88 -3.13 9.12
C GLU B 663 -28.46 -3.13 9.69
N GLY B 664 -27.74 -2.06 9.43
CA GLY B 664 -26.39 -1.92 9.92
C GLY B 664 -26.34 -1.74 11.43
N PHE B 665 -25.80 -2.72 12.13
CA PHE B 665 -25.73 -2.72 13.59
C PHE B 665 -24.28 -2.84 14.06
N LEU B 666 -23.92 -1.99 15.02
CA LEU B 666 -22.56 -1.93 15.54
C LEU B 666 -21.60 -1.63 14.38
N ASP B 667 -20.70 -2.56 14.08
CA ASP B 667 -19.73 -2.37 13.02
C ASP B 667 -20.02 -3.13 11.74
N ILE B 668 -21.10 -3.90 11.69
CA ILE B 668 -21.57 -4.48 10.43
C ILE B 668 -22.23 -3.35 9.64
N PRO B 669 -21.80 -3.08 8.41
CA PRO B 669 -22.27 -1.86 7.73
C PRO B 669 -23.74 -1.86 7.37
N GLY B 670 -24.26 -2.95 6.84
CA GLY B 670 -25.67 -2.92 6.42
C GLY B 670 -25.76 -3.22 4.93
N ALA B 671 -26.67 -4.12 4.59
CA ALA B 671 -26.78 -4.63 3.23
C ALA B 671 -27.42 -3.58 2.33
N GLN B 672 -26.65 -3.04 1.39
CA GLN B 672 -27.16 -2.18 0.34
C GLN B 672 -26.82 -2.78 -1.01
N ASP B 673 -27.71 -2.63 -1.98
CA ASP B 673 -27.54 -3.28 -3.27
C ASP B 673 -26.57 -2.52 -4.16
N GLU B 674 -26.90 -1.28 -4.52
CA GLU B 674 -26.14 -0.53 -5.50
C GLU B 674 -25.86 0.87 -4.99
N MET B 675 -25.01 1.59 -5.72
CA MET B 675 -24.55 2.91 -5.30
C MET B 675 -25.67 3.93 -5.39
N VAL B 676 -25.48 5.04 -4.67
CA VAL B 676 -26.35 6.20 -4.75
C VAL B 676 -25.46 7.43 -4.99
N LEU B 677 -25.76 8.18 -6.05
CA LEU B 677 -24.92 9.29 -6.44
C LEU B 677 -25.71 10.59 -6.52
N PRO B 678 -25.15 11.70 -6.06
CA PRO B 678 -25.86 12.98 -6.16
C PRO B 678 -26.00 13.42 -7.59
N PRO B 679 -27.01 14.23 -7.91
CA PRO B 679 -27.18 14.69 -9.29
C PRO B 679 -26.04 15.59 -9.73
N ALA B 680 -25.58 15.39 -10.96
CA ALA B 680 -24.46 16.15 -11.48
C ALA B 680 -24.88 17.60 -11.74
N PRO B 681 -23.95 18.54 -11.59
CA PRO B 681 -24.26 19.94 -11.90
C PRO B 681 -24.34 20.16 -13.40
N PRO B 682 -24.80 21.33 -13.84
CA PRO B 682 -24.73 21.64 -15.28
C PRO B 682 -23.29 21.68 -15.75
N LYS B 683 -23.11 21.32 -17.03
CA LYS B 683 -21.76 21.20 -17.58
C LYS B 683 -21.02 22.53 -17.58
N ASN B 684 -21.74 23.64 -17.71
CA ASN B 684 -21.13 24.96 -17.76
C ASN B 684 -20.95 25.59 -16.38
N SER B 685 -20.87 24.78 -15.33
CA SER B 685 -20.74 25.30 -13.97
C SER B 685 -19.28 25.56 -13.64
N ASP B 686 -19.04 26.02 -12.42
CA ASP B 686 -17.70 26.38 -11.98
C ASP B 686 -16.80 25.14 -11.99
N PRO B 687 -15.57 25.24 -12.49
CA PRO B 687 -14.65 24.09 -12.40
C PRO B 687 -14.44 23.61 -10.97
N SER B 688 -14.44 24.52 -9.99
CA SER B 688 -14.36 24.09 -8.60
C SER B 688 -15.57 23.25 -8.21
N ILE B 689 -16.76 23.64 -8.69
CA ILE B 689 -17.96 22.88 -8.42
C ILE B 689 -17.86 21.49 -9.04
N LEU B 690 -17.39 21.40 -10.28
CA LEU B 690 -17.24 20.12 -10.94
C LEU B 690 -16.24 19.23 -10.21
N ARG B 691 -15.12 19.81 -9.77
CA ARG B 691 -14.14 19.04 -9.02
C ARG B 691 -14.71 18.54 -7.71
N ALA B 692 -15.48 19.39 -7.02
CA ALA B 692 -16.11 18.95 -5.77
C ALA B 692 -17.07 17.80 -6.02
N TRP B 693 -17.85 17.87 -7.10
CA TRP B 693 -18.77 16.79 -7.41
C TRP B 693 -18.03 15.48 -7.72
N LYS B 694 -16.94 15.57 -8.49
CA LYS B 694 -16.15 14.38 -8.77
C LYS B 694 -15.56 13.78 -7.51
N LEU B 695 -15.08 14.64 -6.60
CA LEU B 695 -14.55 14.16 -5.32
C LEU B 695 -15.62 13.46 -4.50
N GLN B 696 -16.83 14.03 -4.47
CA GLN B 696 -17.93 13.40 -3.74
C GLN B 696 -18.28 12.04 -4.33
N VAL B 697 -18.30 11.95 -5.67
CA VAL B 697 -18.61 10.68 -6.31
C VAL B 697 -17.55 9.64 -5.97
N LYS B 698 -16.27 10.03 -6.02
CA LYS B 698 -15.20 9.10 -5.67
C LYS B 698 -15.33 8.63 -4.22
N THR B 699 -15.62 9.56 -3.31
CA THR B 699 -15.78 9.19 -1.90
C THR B 699 -16.93 8.22 -1.71
N ILE B 700 -18.06 8.47 -2.38
CA ILE B 700 -19.22 7.59 -2.24
C ILE B 700 -18.92 6.20 -2.77
N ALA B 701 -18.27 6.13 -3.93
CA ALA B 701 -17.93 4.82 -4.49
C ALA B 701 -16.98 4.06 -3.57
N ASN B 702 -15.98 4.75 -3.02
CA ASN B 702 -15.05 4.09 -2.11
C ASN B 702 -15.77 3.56 -0.87
N LYS B 703 -16.67 4.37 -0.30
CA LYS B 703 -17.41 3.94 0.88
C LYS B 703 -18.27 2.72 0.58
N PHE B 704 -18.95 2.73 -0.57
CA PHE B 704 -19.79 1.61 -0.95
C PHE B 704 -18.97 0.32 -1.12
N SER B 705 -17.83 0.42 -1.80
CA SER B 705 -17.00 -0.76 -2.00
C SER B 705 -16.45 -1.27 -0.67
N SER B 706 -16.02 -0.37 0.21
CA SER B 706 -15.50 -0.78 1.51
C SER B 706 -16.58 -1.48 2.33
N ASP B 707 -17.81 -0.94 2.32
CA ASP B 707 -18.88 -1.58 3.05
C ASP B 707 -19.19 -2.97 2.49
N ARG B 708 -19.20 -3.11 1.17
CA ARG B 708 -19.45 -4.43 0.59
C ARG B 708 -18.36 -5.42 0.97
N SER B 709 -17.10 -5.00 0.98
CA SER B 709 -16.02 -5.89 1.38
C SER B 709 -16.12 -6.28 2.85
N ASN B 710 -16.38 -5.30 3.72
CA ASN B 710 -16.51 -5.58 5.14
C ASN B 710 -17.72 -6.45 5.45
N ARG B 711 -18.75 -6.43 4.61
CA ARG B 711 -19.87 -7.33 4.82
C ARG B 711 -19.58 -8.73 4.28
N CYS B 712 -18.87 -8.82 3.16
CA CYS B 712 -18.49 -10.14 2.65
C CYS B 712 -17.57 -10.88 3.61
N ASP B 713 -16.64 -10.16 4.24
CA ASP B 713 -15.76 -10.80 5.23
C ASP B 713 -16.55 -11.38 6.39
N THR B 714 -17.51 -10.60 6.90
CA THR B 714 -18.35 -11.07 8.00
C THR B 714 -19.17 -12.29 7.58
N ASN B 715 -19.71 -12.26 6.37
CA ASN B 715 -20.47 -13.41 5.88
C ASN B 715 -19.59 -14.66 5.83
N TYR B 716 -18.36 -14.52 5.35
CA TYR B 716 -17.45 -15.67 5.26
C TYR B 716 -17.14 -16.23 6.64
N LYS B 717 -16.86 -15.34 7.61
CA LYS B 717 -16.57 -15.78 8.97
C LYS B 717 -17.78 -16.49 9.58
N LEU B 718 -18.98 -15.94 9.36
CA LEU B 718 -20.17 -16.57 9.93
C LEU B 718 -20.48 -17.90 9.28
N GLU B 719 -20.19 -18.06 7.99
CA GLU B 719 -20.39 -19.36 7.35
C GLU B 719 -19.41 -20.39 7.91
N ILE B 720 -18.16 -19.99 8.15
CA ILE B 720 -17.23 -20.92 8.78
C ILE B 720 -17.69 -21.30 10.18
N ALA B 721 -18.20 -20.31 10.93
CA ALA B 721 -18.72 -20.57 12.27
C ALA B 721 -19.91 -21.54 12.22
N ARG B 722 -20.79 -21.38 11.23
CA ARG B 722 -21.87 -22.33 11.04
C ARG B 722 -21.34 -23.73 10.76
N ALA B 723 -20.31 -23.82 9.92
CA ALA B 723 -19.75 -25.12 9.56
C ALA B 723 -19.18 -25.83 10.77
N PHE B 724 -18.47 -25.10 11.64
CA PHE B 724 -17.80 -25.70 12.79
C PHE B 724 -18.54 -25.46 14.09
N LEU B 725 -19.87 -25.51 14.07
CA LEU B 725 -20.68 -25.23 15.24
C LEU B 725 -20.81 -26.47 16.11
N GLY B 726 -20.58 -26.31 17.42
CA GLY B 726 -20.66 -27.41 18.35
C GLY B 726 -19.66 -28.52 18.09
N GLU B 727 -18.41 -28.15 17.85
CA GLU B 727 -17.37 -29.10 17.50
C GLU B 727 -16.04 -28.63 18.06
N LYS B 728 -15.18 -29.59 18.40
CA LYS B 728 -13.86 -29.25 18.92
C LYS B 728 -12.97 -28.69 17.82
N LEU B 729 -12.15 -27.71 18.19
CA LEU B 729 -11.31 -27.00 17.24
C LEU B 729 -9.88 -26.95 17.73
N TYR B 730 -8.96 -26.74 16.80
CA TYR B 730 -7.55 -26.54 17.12
C TYR B 730 -6.95 -25.52 16.16
N PHE B 731 -5.95 -24.79 16.63
CA PHE B 731 -5.32 -23.72 15.86
C PHE B 731 -3.81 -23.86 15.88
N PRO B 732 -3.24 -24.61 14.93
CA PRO B 732 -1.78 -24.67 14.82
C PRO B 732 -1.22 -23.29 14.48
N HIS B 733 -0.01 -23.03 14.98
CA HIS B 733 0.59 -21.70 14.89
C HIS B 733 1.88 -21.73 14.09
N ASN B 734 2.18 -20.60 13.45
CA ASN B 734 3.43 -20.36 12.74
C ASN B 734 4.16 -19.20 13.40
N LEU B 735 5.25 -18.76 12.76
CA LEU B 735 5.98 -17.59 13.17
C LEU B 735 6.29 -16.73 11.95
N ASP B 736 6.43 -15.43 12.17
CA ASP B 736 6.96 -14.57 11.12
C ASP B 736 8.46 -14.43 11.30
N PHE B 737 9.11 -13.71 10.40
CA PHE B 737 10.58 -13.67 10.41
C PHE B 737 11.13 -13.04 11.68
N ARG B 738 10.34 -12.20 12.35
CA ARG B 738 10.79 -11.63 13.62
C ARG B 738 10.69 -12.66 14.75
N GLY B 739 9.62 -13.45 14.77
CA GLY B 739 9.45 -14.46 15.80
C GLY B 739 8.07 -14.50 16.41
N ARG B 740 7.23 -13.51 16.11
CA ARG B 740 5.88 -13.49 16.64
C ARG B 740 5.04 -14.61 16.03
N ALA B 741 4.05 -15.07 16.79
CA ALA B 741 3.29 -16.26 16.44
C ALA B 741 1.89 -15.91 15.96
N TYR B 742 1.47 -16.54 14.88
CA TYR B 742 0.14 -16.39 14.29
C TYR B 742 -0.45 -17.76 13.99
N PRO B 743 -1.77 -17.89 14.02
CA PRO B 743 -2.40 -19.15 13.62
C PRO B 743 -2.23 -19.41 12.13
N LEU B 744 -2.32 -20.69 11.78
CA LEU B 744 -2.23 -21.07 10.38
C LEU B 744 -3.51 -20.72 9.62
N SER B 745 -4.65 -20.87 10.26
CA SER B 745 -5.92 -20.54 9.61
C SER B 745 -6.09 -19.03 9.51
N PRO B 746 -6.20 -18.45 8.32
CA PRO B 746 -6.26 -17.00 8.20
C PRO B 746 -7.67 -16.42 8.33
N HIS B 747 -8.68 -17.23 8.00
CA HIS B 747 -10.04 -16.70 7.93
C HIS B 747 -10.65 -16.52 9.32
N PHE B 748 -10.82 -17.63 10.05
CA PHE B 748 -11.51 -17.61 11.33
C PHE B 748 -10.53 -18.04 12.42
N ASN B 749 -10.10 -17.08 13.24
CA ASN B 749 -9.22 -17.34 14.37
C ASN B 749 -9.44 -16.25 15.40
N HIS B 750 -8.67 -16.32 16.48
CA HIS B 750 -8.86 -15.40 17.61
C HIS B 750 -8.03 -14.13 17.49
N LEU B 751 -7.31 -13.93 16.39
CA LEU B 751 -6.66 -12.65 16.15
C LEU B 751 -7.52 -11.70 15.32
N GLY B 752 -8.76 -12.07 15.02
CA GLY B 752 -9.65 -11.22 14.26
C GLY B 752 -10.15 -10.04 15.06
N ASN B 753 -11.34 -9.56 14.70
CA ASN B 753 -11.94 -8.43 15.37
C ASN B 753 -12.73 -8.91 16.59
N ASP B 754 -13.50 -8.01 17.20
CA ASP B 754 -14.17 -8.36 18.45
C ASP B 754 -15.24 -9.42 18.25
N MET B 755 -15.86 -9.48 17.07
CA MET B 755 -16.82 -10.54 16.80
C MET B 755 -16.14 -11.90 16.80
N SER B 756 -15.00 -12.01 16.12
CA SER B 756 -14.28 -13.27 16.09
C SER B 756 -13.75 -13.64 17.47
N ARG B 757 -13.34 -12.64 18.24
CA ARG B 757 -12.81 -12.94 19.58
C ARG B 757 -13.93 -13.30 20.56
N GLY B 758 -15.14 -12.80 20.33
CA GLY B 758 -16.27 -13.21 21.14
C GLY B 758 -16.99 -14.45 20.68
N LEU B 759 -16.67 -14.94 19.49
CA LEU B 759 -17.31 -16.13 18.96
C LEU B 759 -16.59 -17.42 19.32
N LEU B 760 -15.51 -17.34 20.10
CA LEU B 760 -14.68 -18.50 20.42
C LEU B 760 -14.55 -18.65 21.93
N ILE B 761 -14.70 -19.88 22.41
CA ILE B 761 -14.54 -20.21 23.81
C ILE B 761 -13.69 -21.48 23.92
N PHE B 762 -13.25 -21.78 25.14
CA PHE B 762 -12.42 -22.94 25.39
C PHE B 762 -13.27 -24.20 25.49
N TRP B 763 -12.71 -25.31 25.02
CA TRP B 763 -13.43 -26.58 25.09
C TRP B 763 -13.44 -27.13 26.52
N HIS B 764 -12.31 -27.06 27.22
CA HIS B 764 -12.26 -27.49 28.61
C HIS B 764 -12.82 -26.40 29.50
N GLY B 765 -13.78 -26.77 30.35
CA GLY B 765 -14.35 -25.83 31.29
C GLY B 765 -13.85 -26.07 32.70
N LYS B 766 -13.09 -25.13 33.24
CA LYS B 766 -12.44 -25.30 34.53
C LYS B 766 -13.21 -24.55 35.61
N LYS B 767 -13.31 -25.17 36.78
CA LYS B 767 -14.11 -24.62 37.87
C LYS B 767 -13.59 -23.25 38.29
N LEU B 768 -14.52 -22.35 38.62
CA LEU B 768 -14.14 -20.97 38.92
C LEU B 768 -13.32 -20.86 40.20
N GLY B 769 -13.57 -21.72 41.18
CA GLY B 769 -12.86 -21.67 42.42
C GLY B 769 -13.16 -20.41 43.20
N PRO B 770 -12.25 -20.01 44.09
CA PRO B 770 -12.46 -18.81 44.91
C PRO B 770 -12.04 -17.51 44.25
N SER B 771 -11.33 -17.54 43.14
CA SER B 771 -10.86 -16.33 42.47
C SER B 771 -11.45 -16.11 41.09
N GLY B 772 -12.18 -17.10 40.55
CA GLY B 772 -12.73 -16.94 39.21
C GLY B 772 -13.76 -15.85 39.12
N LEU B 773 -14.58 -15.69 40.17
CA LEU B 773 -15.57 -14.62 40.17
C LEU B 773 -14.91 -13.25 40.07
N LYS B 774 -13.90 -13.03 40.91
CA LYS B 774 -13.20 -11.74 40.90
C LYS B 774 -12.54 -11.51 39.56
N TRP B 775 -11.90 -12.54 39.00
CA TRP B 775 -11.18 -12.34 37.74
C TRP B 775 -12.14 -12.16 36.57
N LEU B 776 -13.31 -12.82 36.59
CA LEU B 776 -14.29 -12.63 35.54
C LEU B 776 -14.91 -11.24 35.59
N LYS B 777 -15.18 -10.75 36.81
CA LYS B 777 -15.68 -9.38 36.94
C LYS B 777 -14.64 -8.37 36.48
N ILE B 778 -13.37 -8.60 36.83
CA ILE B 778 -12.31 -7.73 36.35
C ILE B 778 -12.20 -7.79 34.83
N HIS B 779 -12.42 -8.98 34.26
CA HIS B 779 -12.39 -9.11 32.80
C HIS B 779 -13.48 -8.27 32.15
N LEU B 780 -14.70 -8.32 32.70
CA LEU B 780 -15.77 -7.50 32.14
C LEU B 780 -15.46 -6.01 32.28
N SER B 781 -14.93 -5.61 33.44
CA SER B 781 -14.57 -4.20 33.63
C SER B 781 -13.50 -3.77 32.63
N ASN B 782 -12.54 -4.64 32.35
CA ASN B 782 -11.53 -4.35 31.34
C ASN B 782 -12.15 -4.23 29.96
N LEU B 783 -13.08 -5.14 29.62
CA LEU B 783 -13.72 -5.11 28.32
C LEU B 783 -14.61 -3.89 28.15
N PHE B 784 -15.00 -3.22 29.24
CA PHE B 784 -15.71 -1.97 29.12
C PHE B 784 -14.78 -0.76 29.07
N GLY B 785 -13.48 -0.97 28.86
CA GLY B 785 -12.54 0.11 28.68
C GLY B 785 -11.97 0.69 29.95
N PHE B 786 -12.43 0.25 31.13
CA PHE B 786 -11.93 0.77 32.40
C PHE B 786 -10.83 -0.14 32.94
N ASP B 787 -9.78 -0.31 32.14
CA ASP B 787 -8.65 -1.17 32.48
C ASP B 787 -7.47 -0.38 33.05
N LYS B 788 -7.68 0.88 33.41
CA LYS B 788 -6.66 1.70 34.04
C LYS B 788 -6.96 1.97 35.51
N LEU B 789 -8.04 1.41 36.04
CA LEU B 789 -8.48 1.53 37.42
C LEU B 789 -7.88 0.42 38.28
N PRO B 790 -7.84 0.61 39.59
CA PRO B 790 -7.43 -0.49 40.48
C PRO B 790 -8.45 -1.62 40.47
N LEU B 791 -8.00 -2.79 40.92
CA LEU B 791 -8.83 -3.99 40.86
C LEU B 791 -10.09 -3.83 41.73
N LYS B 792 -9.96 -3.17 42.87
CA LYS B 792 -11.13 -2.91 43.71
C LYS B 792 -12.14 -2.05 42.96
N ASP B 793 -11.66 -1.01 42.27
CA ASP B 793 -12.57 -0.18 41.49
C ASP B 793 -13.24 -0.98 40.37
N ARG B 794 -12.47 -1.88 39.74
CA ARG B 794 -13.03 -2.69 38.66
C ARG B 794 -14.14 -3.61 39.16
N VAL B 795 -13.90 -4.30 40.27
CA VAL B 795 -14.93 -5.18 40.81
C VAL B 795 -16.12 -4.38 41.32
N ALA B 796 -15.88 -3.17 41.85
CA ALA B 796 -16.99 -2.32 42.25
C ALA B 796 -17.85 -1.93 41.06
N PHE B 797 -17.22 -1.57 39.94
CA PHE B 797 -17.96 -1.26 38.73
C PHE B 797 -18.80 -2.45 38.28
N THR B 798 -18.19 -3.64 38.23
CA THR B 798 -18.90 -4.82 37.76
C THR B 798 -20.08 -5.16 38.68
N GLU B 799 -19.87 -5.08 40.00
CA GLU B 799 -20.95 -5.40 40.92
C GLU B 799 -22.01 -4.31 40.99
N SER B 800 -21.67 -3.08 40.60
CA SER B 800 -22.69 -2.04 40.52
C SER B 800 -23.56 -2.20 39.28
N HIS B 801 -23.00 -2.74 38.20
CA HIS B 801 -23.75 -2.91 36.96
C HIS B 801 -24.41 -4.28 36.84
N LEU B 802 -24.81 -4.88 37.97
CA LEU B 802 -25.38 -6.22 37.95
C LEU B 802 -26.71 -6.26 37.20
N GLN B 803 -27.56 -5.26 37.39
CA GLN B 803 -28.86 -5.25 36.71
C GLN B 803 -28.68 -5.12 35.20
N ASP B 804 -27.76 -4.26 34.77
CA ASP B 804 -27.49 -4.13 33.34
C ASP B 804 -26.93 -5.41 32.76
N ILE B 805 -26.04 -6.08 33.51
CA ILE B 805 -25.53 -7.37 33.06
C ILE B 805 -26.66 -8.37 32.91
N LYS B 806 -27.57 -8.41 33.89
CA LYS B 806 -28.69 -9.34 33.84
C LYS B 806 -29.57 -9.08 32.62
N ASP B 807 -29.90 -7.81 32.38
CA ASP B 807 -30.75 -7.49 31.23
C ASP B 807 -30.06 -7.84 29.92
N SER B 808 -28.78 -7.51 29.79
CA SER B 808 -28.06 -7.78 28.55
C SER B 808 -27.98 -9.28 28.29
N ALA B 809 -27.76 -10.08 29.33
CA ALA B 809 -27.66 -11.53 29.13
C ALA B 809 -29.03 -12.16 28.92
N GLU B 810 -30.09 -11.57 29.47
CA GLU B 810 -31.43 -12.11 29.26
C GLU B 810 -31.89 -11.84 27.84
N ASN B 811 -32.00 -10.56 27.46
CA ASN B 811 -32.46 -10.17 26.14
C ASN B 811 -31.46 -9.21 25.51
N PRO B 812 -30.46 -9.72 24.80
CA PRO B 812 -29.49 -8.84 24.14
C PRO B 812 -30.15 -7.93 23.12
N LEU B 813 -30.86 -8.51 22.16
CA LEU B 813 -31.70 -7.75 21.26
C LEU B 813 -33.08 -7.58 21.88
N THR B 814 -33.77 -6.51 21.47
CA THR B 814 -35.05 -6.13 22.06
C THR B 814 -34.92 -5.87 23.56
N GLY B 815 -33.84 -5.18 23.95
CA GLY B 815 -33.62 -4.85 25.35
C GLY B 815 -32.93 -3.52 25.51
N ASP B 816 -32.30 -3.30 26.67
CA ASP B 816 -31.63 -2.04 26.93
C ASP B 816 -30.31 -1.92 26.16
N ARG B 817 -29.74 -3.04 25.70
CA ARG B 817 -28.51 -3.05 24.91
C ARG B 817 -27.38 -2.30 25.61
N TRP B 818 -27.14 -2.68 26.87
CA TRP B 818 -26.07 -2.03 27.64
C TRP B 818 -24.70 -2.52 27.19
N TRP B 819 -24.60 -3.74 26.71
CA TRP B 819 -23.31 -4.30 26.32
C TRP B 819 -22.72 -3.59 25.11
N THR B 820 -23.53 -2.89 24.32
CA THR B 820 -23.03 -2.22 23.13
C THR B 820 -22.17 -1.02 23.45
N THR B 821 -22.33 -0.42 24.63
CA THR B 821 -21.54 0.74 24.99
C THR B 821 -20.06 0.40 25.17
N ALA B 822 -19.73 -0.85 25.48
CA ALA B 822 -18.35 -1.25 25.64
C ALA B 822 -17.60 -1.16 24.31
N ASP B 823 -16.29 -0.95 24.41
CA ASP B 823 -15.46 -0.89 23.21
C ASP B 823 -15.22 -2.27 22.60
N LYS B 824 -15.57 -3.35 23.32
CA LYS B 824 -15.52 -4.71 22.79
C LYS B 824 -16.88 -5.33 23.03
N PRO B 825 -17.87 -4.99 22.21
CA PRO B 825 -19.26 -5.35 22.54
C PRO B 825 -19.53 -6.85 22.54
N TRP B 826 -19.03 -7.60 21.55
CA TRP B 826 -19.35 -9.02 21.49
C TRP B 826 -18.67 -9.78 22.64
N GLN B 827 -17.44 -9.43 22.96
CA GLN B 827 -16.77 -10.04 24.12
C GLN B 827 -17.48 -9.69 25.41
N ALA B 828 -17.94 -8.44 25.54
CA ALA B 828 -18.72 -8.07 26.71
C ALA B 828 -20.02 -8.85 26.78
N LEU B 829 -20.66 -9.10 25.63
CA LEU B 829 -21.87 -9.90 25.60
C LEU B 829 -21.62 -11.32 26.07
N ALA B 830 -20.54 -11.94 25.59
CA ALA B 830 -20.20 -13.29 26.05
C ALA B 830 -19.93 -13.31 27.55
N THR B 831 -19.18 -12.34 28.05
CA THR B 831 -18.89 -12.28 29.48
C THR B 831 -20.17 -12.07 30.28
N CYS B 832 -21.11 -11.27 29.75
CA CYS B 832 -22.39 -11.07 30.43
C CYS B 832 -23.19 -12.36 30.49
N PHE B 833 -23.18 -13.13 29.39
CA PHE B 833 -23.83 -14.43 29.40
C PHE B 833 -23.27 -15.31 30.52
N GLU B 834 -21.93 -15.42 30.57
CA GLU B 834 -21.30 -16.24 31.61
C GLU B 834 -21.64 -15.73 33.00
N LEU B 835 -21.58 -14.41 33.20
CA LEU B 835 -21.82 -13.83 34.52
C LEU B 835 -23.25 -14.07 34.98
N ASN B 836 -24.23 -13.92 34.09
CA ASN B 836 -25.60 -14.22 34.46
C ASN B 836 -25.79 -15.69 34.79
N GLU B 837 -25.20 -16.57 33.98
CA GLU B 837 -25.32 -17.99 34.27
C GLU B 837 -24.68 -18.34 35.61
N VAL B 838 -23.65 -17.60 36.00
CA VAL B 838 -23.09 -17.76 37.34
C VAL B 838 -24.06 -17.25 38.40
N MET B 839 -24.60 -16.05 38.19
CA MET B 839 -25.42 -15.41 39.21
C MET B 839 -26.75 -16.12 39.43
N LYS B 840 -27.15 -16.98 38.48
CA LYS B 840 -28.41 -17.70 38.64
C LYS B 840 -28.36 -18.77 39.72
N MET B 841 -27.19 -19.11 40.25
CA MET B 841 -27.06 -20.12 41.29
C MET B 841 -26.65 -19.47 42.60
N ASP B 842 -26.45 -20.31 43.62
CA ASP B 842 -26.11 -19.86 44.96
C ASP B 842 -24.71 -20.24 45.40
N ASN B 843 -24.00 -21.08 44.64
CA ASN B 843 -22.64 -21.49 44.95
C ASN B 843 -21.77 -21.23 43.73
N PRO B 844 -21.39 -19.97 43.49
CA PRO B 844 -20.61 -19.65 42.28
C PRO B 844 -19.24 -20.29 42.23
N GLU B 845 -18.71 -20.78 43.36
CA GLU B 845 -17.38 -21.37 43.36
C GLU B 845 -17.31 -22.61 42.48
N GLU B 846 -18.34 -23.46 42.53
CA GLU B 846 -18.36 -24.71 41.79
C GLU B 846 -18.91 -24.56 40.38
N PHE B 847 -18.85 -23.36 39.80
CA PHE B 847 -19.34 -23.14 38.44
C PHE B 847 -18.25 -23.49 37.43
N ILE B 848 -18.68 -24.00 36.28
CA ILE B 848 -17.79 -24.42 35.21
C ILE B 848 -17.82 -23.37 34.13
N SER B 849 -16.68 -22.74 33.87
CA SER B 849 -16.60 -21.60 32.97
C SER B 849 -15.69 -21.92 31.80
N HIS B 850 -16.06 -21.41 30.61
CA HIS B 850 -15.25 -21.56 29.41
C HIS B 850 -14.74 -20.24 28.88
N GLN B 851 -15.15 -19.11 29.45
CA GLN B 851 -14.79 -17.81 28.91
C GLN B 851 -13.32 -17.50 29.19
N PRO B 852 -12.49 -17.30 28.16
CA PRO B 852 -11.11 -16.90 28.42
C PRO B 852 -11.02 -15.50 28.98
N VAL B 853 -10.04 -15.29 29.85
CA VAL B 853 -9.80 -14.01 30.50
C VAL B 853 -8.44 -13.50 30.05
N HIS B 854 -8.38 -12.22 29.71
CA HIS B 854 -7.18 -11.61 29.15
C HIS B 854 -6.38 -10.93 30.25
N GLN B 855 -5.05 -10.99 30.13
CA GLN B 855 -4.13 -10.24 31.00
C GLN B 855 -2.97 -9.80 30.12
N ASP B 856 -2.93 -8.51 29.79
CA ASP B 856 -1.94 -7.98 28.87
C ASP B 856 -1.14 -6.86 29.52
N GLY B 857 0.14 -6.80 29.16
CA GLY B 857 0.99 -5.76 29.69
C GLY B 857 0.68 -4.40 29.11
N THR B 858 1.07 -3.36 29.86
CA THR B 858 0.83 -1.98 29.47
C THR B 858 2.15 -1.38 28.98
N CYS B 859 2.15 -0.90 27.74
CA CYS B 859 3.35 -0.36 27.10
C CYS B 859 4.48 -1.39 27.09
N ASN B 860 4.22 -2.51 26.39
CA ASN B 860 5.15 -3.63 26.42
C ASN B 860 6.51 -3.25 25.85
N GLY B 861 6.53 -2.48 24.76
CA GLY B 861 7.80 -2.05 24.20
C GLY B 861 8.59 -1.18 25.14
N LEU B 862 7.92 -0.25 25.81
CA LEU B 862 8.60 0.60 26.79
C LEU B 862 9.08 -0.20 28.00
N GLN B 863 8.31 -1.22 28.40
CA GLN B 863 8.75 -2.11 29.48
C GLN B 863 10.02 -2.85 29.09
N HIS B 864 10.07 -3.37 27.86
CA HIS B 864 11.27 -4.06 27.40
C HIS B 864 12.45 -3.11 27.28
N TYR B 865 12.20 -1.87 26.83
CA TYR B 865 13.27 -0.89 26.77
C TYR B 865 13.81 -0.58 28.17
N ALA B 866 12.92 -0.43 29.14
CA ALA B 866 13.35 -0.16 30.52
C ALA B 866 14.14 -1.33 31.09
N ALA B 867 13.70 -2.55 30.80
CA ALA B 867 14.45 -3.73 31.26
C ALA B 867 15.81 -3.80 30.59
N LEU B 868 15.90 -3.46 29.31
CA LEU B 868 17.18 -3.47 28.60
C LEU B 868 18.14 -2.44 29.19
N GLY B 869 17.64 -1.23 29.44
CA GLY B 869 18.47 -0.15 29.93
C GLY B 869 18.64 -0.06 31.42
N GLY B 870 17.98 -0.92 32.19
CA GLY B 870 18.05 -0.82 33.65
C GLY B 870 17.50 0.48 34.18
N ASP B 871 16.50 1.06 33.51
CA ASP B 871 16.00 2.38 33.85
C ASP B 871 15.05 2.28 35.04
N VAL B 872 15.46 2.88 36.17
CA VAL B 872 14.58 2.91 37.35
C VAL B 872 13.35 3.76 37.07
N GLU B 873 13.54 4.93 36.44
CA GLU B 873 12.41 5.79 36.14
C GLU B 873 11.45 5.13 35.14
N GLY B 874 12.00 4.54 34.08
CA GLY B 874 11.15 3.84 33.13
C GLY B 874 10.39 2.71 33.79
N ALA B 875 11.07 1.93 34.63
CA ALA B 875 10.42 0.82 35.32
C ALA B 875 9.31 1.32 36.23
N THR B 876 9.55 2.40 36.97
CA THR B 876 8.53 2.90 37.89
C THR B 876 7.37 3.55 37.16
N GLN B 877 7.55 4.00 35.91
CA GLN B 877 6.43 4.56 35.19
C GLN B 877 5.76 3.57 34.24
N VAL B 878 6.30 2.36 34.06
CA VAL B 878 5.62 1.37 33.24
C VAL B 878 5.12 0.23 34.12
N ASN B 879 4.91 0.51 35.40
CA ASN B 879 4.34 -0.43 36.38
C ASN B 879 5.26 -1.61 36.67
N LEU B 880 6.54 -1.52 36.33
CA LEU B 880 7.48 -2.56 36.76
C LEU B 880 7.72 -2.50 38.26
N VAL B 881 7.96 -1.30 38.78
CA VAL B 881 8.08 -1.12 40.23
C VAL B 881 6.71 -1.22 40.88
N PRO B 882 6.54 -2.00 41.93
CA PRO B 882 5.20 -2.18 42.52
C PRO B 882 4.63 -0.87 43.02
N SER B 883 3.33 -0.69 42.81
CA SER B 883 2.65 0.52 43.25
C SER B 883 1.19 0.19 43.54
N ASP B 884 0.56 1.05 44.34
CA ASP B 884 -0.84 0.87 44.68
C ASP B 884 -1.73 1.00 43.47
N LYS B 885 -1.44 1.97 42.60
CA LYS B 885 -2.27 2.26 41.44
C LYS B 885 -1.50 2.03 40.14
N PRO B 886 -2.20 1.67 39.07
CA PRO B 886 -1.51 1.46 37.78
C PRO B 886 -1.30 2.79 37.07
N GLN B 887 -0.06 3.03 36.66
CA GLN B 887 0.26 4.25 35.94
C GLN B 887 -0.19 4.14 34.48
N ASP B 888 -0.23 5.28 33.81
CA ASP B 888 -0.53 5.32 32.38
C ASP B 888 0.34 6.40 31.75
N VAL B 889 1.39 5.95 31.06
CA VAL B 889 2.34 6.87 30.43
C VAL B 889 1.63 7.77 29.43
N TYR B 890 0.65 7.21 28.71
CA TYR B 890 -0.04 8.00 27.70
C TYR B 890 -0.83 9.15 28.33
N ALA B 891 -1.54 8.88 29.43
CA ALA B 891 -2.25 9.95 30.12
C ALA B 891 -1.27 10.97 30.69
N HIS B 892 -0.14 10.49 31.22
CA HIS B 892 0.87 11.41 31.75
C HIS B 892 1.38 12.35 30.66
N VAL B 893 1.68 11.81 29.48
CA VAL B 893 2.20 12.62 28.39
C VAL B 893 1.14 13.58 27.90
N ALA B 894 -0.12 13.14 27.81
CA ALA B 894 -1.19 14.03 27.40
C ALA B 894 -1.36 15.19 28.37
N ARG B 895 -1.28 14.90 29.67
CA ARG B 895 -1.37 15.95 30.68
C ARG B 895 -0.21 16.95 30.54
N LEU B 896 1.01 16.43 30.35
CA LEU B 896 2.16 17.31 30.21
C LEU B 896 2.04 18.20 28.98
N VAL B 897 1.56 17.63 27.86
CA VAL B 897 1.39 18.42 26.65
C VAL B 897 0.27 19.44 26.83
N GLN B 898 -0.77 19.11 27.58
CA GLN B 898 -1.81 20.10 27.88
C GLN B 898 -1.24 21.24 28.71
N LYS B 899 -0.34 20.93 29.64
CA LYS B 899 0.33 22.00 30.38
C LYS B 899 1.21 22.85 29.47
N ARG B 900 1.86 22.21 28.50
CA ARG B 900 2.66 22.97 27.53
C ARG B 900 1.78 23.89 26.68
N LEU B 901 0.59 23.42 26.31
CA LEU B 901 -0.34 24.27 25.57
C LEU B 901 -0.87 25.40 26.44
N GLU B 902 -1.04 25.15 27.75
CA GLU B 902 -1.37 26.23 28.67
C GLU B 902 -0.24 27.26 28.69
N ILE B 903 1.01 26.80 28.67
CA ILE B 903 2.14 27.72 28.57
C ILE B 903 2.04 28.55 27.29
N ALA B 904 1.80 27.89 26.17
CA ALA B 904 1.70 28.58 24.88
C ALA B 904 0.49 29.50 24.82
N ALA B 905 -0.49 29.32 25.70
CA ALA B 905 -1.62 30.24 25.77
C ALA B 905 -1.17 31.65 26.13
N GLU B 906 0.03 31.82 26.68
CA GLU B 906 0.59 33.15 26.89
C GLU B 906 0.71 33.90 25.57
N LYS B 907 1.36 33.28 24.58
CA LYS B 907 1.36 33.85 23.24
C LYS B 907 -0.05 33.86 22.65
N GLY B 908 -0.80 32.79 22.89
CA GLY B 908 -2.20 32.73 22.51
C GLY B 908 -2.49 32.77 21.03
N ASP B 909 -1.66 32.10 20.22
CA ASP B 909 -1.98 31.95 18.81
C ASP B 909 -3.24 31.11 18.66
N GLU B 910 -4.06 31.44 17.66
CA GLU B 910 -5.35 30.78 17.52
C GLU B 910 -5.20 29.29 17.22
N ASN B 911 -4.16 28.92 16.48
CA ASN B 911 -3.96 27.50 16.17
C ASN B 911 -3.72 26.69 17.44
N ALA B 912 -2.92 27.23 18.37
CA ALA B 912 -2.73 26.56 19.65
C ALA B 912 -3.98 26.64 20.50
N LYS B 913 -4.69 27.77 20.45
CA LYS B 913 -5.87 27.96 21.29
C LYS B 913 -7.00 27.00 20.91
N ILE B 914 -7.08 26.62 19.63
CA ILE B 914 -8.14 25.70 19.22
C ILE B 914 -7.91 24.30 19.80
N LEU B 915 -6.66 23.84 19.81
CA LEU B 915 -6.34 22.49 20.24
C LEU B 915 -5.73 22.44 21.64
N LYS B 916 -5.84 23.52 22.42
CA LYS B 916 -5.23 23.54 23.75
C LYS B 916 -5.84 22.48 24.66
N ASP B 917 -7.16 22.40 24.70
CA ASP B 917 -7.84 21.45 25.58
C ASP B 917 -8.41 20.26 24.83
N LYS B 918 -8.03 20.08 23.57
CA LYS B 918 -8.58 19.04 22.71
C LYS B 918 -7.69 17.81 22.64
N ILE B 919 -6.66 17.72 23.48
CA ILE B 919 -5.77 16.58 23.46
C ILE B 919 -6.52 15.33 23.92
N THR B 920 -6.18 14.19 23.33
CA THR B 920 -6.77 12.93 23.73
C THR B 920 -5.68 11.88 23.93
N ARG B 921 -5.88 11.06 24.96
CA ARG B 921 -4.89 10.06 25.31
C ARG B 921 -4.75 8.99 24.23
N LYS B 922 -5.73 8.86 23.32
CA LYS B 922 -5.57 7.94 22.20
C LYS B 922 -4.50 8.43 21.22
N VAL B 923 -4.60 9.70 20.83
CA VAL B 923 -3.58 10.31 19.97
C VAL B 923 -2.22 10.24 20.64
N VAL B 924 -2.17 10.68 21.91
CA VAL B 924 -0.90 10.65 22.62
C VAL B 924 -0.39 9.23 22.75
N LYS B 925 -1.29 8.26 22.89
CA LYS B 925 -0.87 6.86 23.03
C LYS B 925 -0.20 6.36 21.78
N GLN B 926 -0.83 6.57 20.62
CA GLN B 926 -0.22 6.09 19.39
C GLN B 926 1.12 6.76 19.15
N THR B 927 1.20 8.09 19.37
CA THR B 927 2.46 8.78 19.14
C THR B 927 3.56 8.30 20.09
N VAL B 928 3.24 8.18 21.39
CA VAL B 928 4.24 7.77 22.37
C VAL B 928 4.69 6.34 22.11
N MET B 929 3.76 5.46 21.77
CA MET B 929 4.11 4.08 21.43
C MET B 929 5.07 4.03 20.25
N THR B 930 4.75 4.78 19.19
CA THR B 930 5.52 4.67 17.96
C THR B 930 6.84 5.44 18.04
N ASN B 931 6.97 6.39 18.96
CA ASN B 931 8.17 7.23 18.99
C ASN B 931 9.45 6.43 19.22
N VAL B 932 9.40 5.46 20.13
CA VAL B 932 10.63 4.73 20.48
C VAL B 932 11.07 3.80 19.35
N TYR B 933 10.25 3.62 18.32
CA TYR B 933 10.60 2.77 17.19
C TYR B 933 11.15 3.56 16.01
N GLY B 934 11.36 4.86 16.15
CA GLY B 934 11.94 5.66 15.10
C GLY B 934 10.94 6.24 14.12
N VAL B 935 9.94 6.95 14.63
CA VAL B 935 8.91 7.56 13.79
C VAL B 935 9.40 8.92 13.33
N THR B 936 8.93 9.34 12.16
CA THR B 936 9.29 10.61 11.56
C THR B 936 8.13 11.60 11.67
N TYR B 937 8.39 12.82 11.19
CA TYR B 937 7.42 13.90 11.35
C TYR B 937 6.11 13.60 10.63
N VAL B 938 6.17 13.14 9.37
CA VAL B 938 4.93 12.91 8.63
C VAL B 938 4.21 11.69 9.18
N GLY B 939 4.96 10.68 9.64
CA GLY B 939 4.32 9.53 10.27
C GLY B 939 3.56 9.93 11.52
N ALA B 940 4.17 10.74 12.37
CA ALA B 940 3.48 11.22 13.57
C ALA B 940 2.30 12.11 13.20
N THR B 941 2.44 12.92 12.14
CA THR B 941 1.35 13.78 11.70
C THR B 941 0.15 12.95 11.27
N PHE B 942 0.38 11.90 10.48
CA PHE B 942 -0.70 11.04 10.05
C PHE B 942 -1.30 10.28 11.23
N GLN B 943 -0.47 9.82 12.16
CA GLN B 943 -0.97 9.11 13.34
C GLN B 943 -1.88 10.02 14.17
N ILE B 944 -1.50 11.28 14.34
CA ILE B 944 -2.31 12.20 15.12
C ILE B 944 -3.59 12.54 14.36
N ALA B 945 -3.49 12.79 13.05
CA ALA B 945 -4.66 13.20 12.27
C ALA B 945 -5.70 12.09 12.20
N LYS B 946 -5.26 10.84 12.08
CA LYS B 946 -6.20 9.73 11.95
C LYS B 946 -7.13 9.65 13.17
N GLN B 947 -6.58 9.84 14.36
CA GLN B 947 -7.37 9.81 15.58
C GLN B 947 -7.97 11.16 15.93
N LEU B 948 -7.53 12.24 15.29
CA LEU B 948 -8.12 13.55 15.51
C LEU B 948 -9.29 13.84 14.57
N SER B 949 -9.44 13.05 13.50
CA SER B 949 -10.57 13.25 12.60
C SER B 949 -11.92 13.05 13.28
N PRO B 950 -12.17 11.99 14.06
CA PRO B 950 -13.48 11.86 14.70
C PRO B 950 -13.83 13.01 15.62
N ILE B 951 -12.84 13.62 16.28
CA ILE B 951 -13.11 14.79 17.10
C ILE B 951 -13.62 15.94 16.24
N PHE B 952 -13.21 15.98 14.97
CA PHE B 952 -13.71 16.95 14.00
C PHE B 952 -13.45 18.38 14.46
N ASP B 953 -12.26 18.61 15.02
CA ASP B 953 -11.93 19.94 15.51
C ASP B 953 -11.84 20.95 14.38
N ASP B 954 -11.43 20.51 13.19
CA ASP B 954 -11.17 21.39 12.07
C ASP B 954 -11.63 20.70 10.79
N ARG B 955 -11.29 21.30 9.66
CA ARG B 955 -11.58 20.72 8.35
C ARG B 955 -10.54 19.65 8.03
N LYS B 956 -10.55 19.15 6.79
CA LYS B 956 -9.55 18.18 6.38
C LYS B 956 -8.16 18.79 6.24
N GLU B 957 -8.07 20.12 6.26
CA GLU B 957 -6.79 20.82 6.26
C GLU B 957 -6.18 20.92 7.66
N SER B 958 -6.69 20.14 8.61
CA SER B 958 -6.20 20.17 9.99
C SER B 958 -4.76 19.68 10.08
N LEU B 959 -4.17 19.35 8.94
CA LEU B 959 -2.78 18.91 8.91
C LEU B 959 -1.84 19.94 9.52
N ASP B 960 -2.17 21.23 9.43
CA ASP B 960 -1.40 22.25 10.14
C ASP B 960 -1.51 22.05 11.65
N PHE B 961 -2.73 21.83 12.13
CA PHE B 961 -2.94 21.57 13.55
C PHE B 961 -2.23 20.29 13.97
N SER B 962 -2.32 19.25 13.14
CA SER B 962 -1.63 18.00 13.45
C SER B 962 -0.12 18.18 13.46
N LYS B 963 0.41 19.05 12.60
CA LYS B 963 1.85 19.26 12.56
C LYS B 963 2.33 20.04 13.79
N TYR B 964 1.57 21.04 14.22
CA TYR B 964 1.90 21.71 15.48
C TYR B 964 1.81 20.73 16.65
N LEU B 965 0.78 19.88 16.65
CA LEU B 965 0.63 18.86 17.67
C LEU B 965 1.86 17.95 17.69
N THR B 966 2.30 17.50 16.52
CA THR B 966 3.47 16.63 16.44
C THR B 966 4.70 17.34 16.97
N LYS B 967 4.88 18.62 16.62
CA LYS B 967 6.04 19.35 17.11
C LYS B 967 6.09 19.34 18.63
N HIS B 968 5.00 19.74 19.28
CA HIS B 968 5.12 19.85 20.74
C HIS B 968 5.08 18.49 21.43
N VAL B 969 4.39 17.49 20.88
CA VAL B 969 4.41 16.18 21.51
C VAL B 969 5.80 15.55 21.35
N PHE B 970 6.47 15.80 20.22
CA PHE B 970 7.85 15.34 20.07
C PHE B 970 8.75 16.01 21.09
N SER B 971 8.56 17.31 21.33
CA SER B 971 9.34 17.98 22.36
C SER B 971 9.12 17.32 23.73
N ALA B 972 7.87 17.04 24.06
CA ALA B 972 7.55 16.44 25.36
C ALA B 972 8.16 15.04 25.49
N ILE B 973 8.02 14.22 24.46
CA ILE B 973 8.54 12.85 24.55
C ILE B 973 10.06 12.86 24.57
N ARG B 974 10.68 13.78 23.83
CA ARG B 974 12.14 13.92 23.88
C ARG B 974 12.59 14.28 25.28
N GLU B 975 11.84 15.16 25.95
CA GLU B 975 12.14 15.46 27.34
C GLU B 975 12.02 14.20 28.21
N LEU B 976 10.95 13.43 28.02
CA LEU B 976 10.65 12.34 28.94
C LEU B 976 11.58 11.15 28.75
N PHE B 977 11.53 10.52 27.57
CA PHE B 977 12.22 9.26 27.34
C PHE B 977 13.65 9.53 26.86
N HIS B 978 14.63 9.08 27.65
CA HIS B 978 16.04 9.30 27.34
C HIS B 978 16.81 8.02 27.12
N SER B 979 16.74 7.07 28.06
CA SER B 979 17.51 5.83 27.92
C SER B 979 16.99 4.99 26.76
N ALA B 980 15.68 4.99 26.55
CA ALA B 980 15.13 4.27 25.41
C ALA B 980 15.65 4.84 24.10
N HIS B 981 15.70 6.16 23.98
CA HIS B 981 16.25 6.78 22.78
C HIS B 981 17.74 6.52 22.65
N LEU B 982 18.45 6.43 23.77
CA LEU B 982 19.88 6.08 23.71
C LEU B 982 20.08 4.69 23.13
N ILE B 983 19.29 3.72 23.61
CA ILE B 983 19.39 2.36 23.08
C ILE B 983 18.98 2.32 21.62
N GLN B 984 17.94 3.08 21.26
CA GLN B 984 17.53 3.16 19.86
C GLN B 984 18.63 3.73 18.99
N ASP B 985 19.31 4.78 19.45
CA ASP B 985 20.40 5.36 18.68
C ASP B 985 21.55 4.39 18.52
N TRP B 986 21.89 3.65 19.58
CA TRP B 986 22.93 2.65 19.47
C TRP B 986 22.56 1.58 18.45
N LEU B 987 21.32 1.11 18.48
CA LEU B 987 20.87 0.11 17.52
C LEU B 987 20.93 0.64 16.10
N GLY B 988 20.50 1.88 15.89
CA GLY B 988 20.56 2.46 14.56
C GLY B 988 21.98 2.63 14.04
N GLU B 989 22.89 3.07 14.92
CA GLU B 989 24.29 3.19 14.53
C GLU B 989 24.88 1.85 14.17
N SER B 990 24.58 0.81 14.96
CA SER B 990 25.07 -0.53 14.63
C SER B 990 24.51 -1.01 13.30
N ALA B 991 23.23 -0.72 13.03
CA ALA B 991 22.64 -1.09 11.76
C ALA B 991 23.33 -0.38 10.60
N LYS B 992 23.65 0.90 10.77
CA LYS B 992 24.38 1.63 9.75
C LYS B 992 25.74 1.02 9.48
N ARG B 993 26.48 0.70 10.55
CA ARG B 993 27.81 0.11 10.39
C ARG B 993 27.72 -1.23 9.67
N ILE B 994 26.72 -2.05 10.00
CA ILE B 994 26.56 -3.33 9.32
C ILE B 994 26.20 -3.12 7.86
N SER B 995 25.32 -2.16 7.57
CA SER B 995 24.85 -1.95 6.21
C SER B 995 25.92 -1.34 5.31
N LYS B 996 26.91 -0.66 5.88
CA LYS B 996 27.99 -0.07 5.08
C LYS B 996 29.27 -0.90 5.16
N SER B 997 29.15 -2.22 5.16
CA SER B 997 30.29 -3.11 5.31
C SER B 997 30.37 -4.06 4.11
N ILE B 998 31.59 -4.56 3.87
CA ILE B 998 31.87 -5.47 2.77
C ILE B 998 32.68 -6.66 3.30
N ARG B 999 32.36 -7.85 2.82
CA ARG B 999 33.03 -9.05 3.26
C ARG B 999 34.40 -9.18 2.57
N LEU B 1000 35.28 -9.96 3.19
CA LEU B 1000 36.61 -10.18 2.64
C LEU B 1000 36.60 -11.26 1.57
N ASP B 1001 36.24 -12.49 1.95
CA ASP B 1001 36.28 -13.60 1.01
C ASP B 1001 35.17 -13.47 -0.04
N VAL B 1002 33.98 -13.03 0.37
CA VAL B 1002 32.85 -12.97 -0.54
C VAL B 1002 33.07 -11.89 -1.60
N ASP B 1003 33.49 -10.71 -1.17
CA ASP B 1003 33.68 -9.58 -2.07
C ASP B 1003 35.12 -9.43 -2.55
N GLU B 1004 35.91 -10.50 -2.48
CA GLU B 1004 37.27 -10.43 -3.00
C GLU B 1004 37.29 -10.47 -4.52
N LYS B 1005 36.25 -11.02 -5.15
CA LYS B 1005 36.20 -11.11 -6.59
C LYS B 1005 35.97 -9.72 -7.21
N SER B 1006 36.35 -9.60 -8.47
CA SER B 1006 36.18 -8.33 -9.18
C SER B 1006 34.70 -8.04 -9.41
N PHE B 1007 34.31 -6.79 -9.20
CA PHE B 1007 32.96 -6.34 -9.48
C PHE B 1007 32.88 -5.48 -10.74
N LYS B 1008 33.99 -4.84 -11.13
CA LYS B 1008 34.05 -3.99 -12.31
C LYS B 1008 33.03 -2.85 -12.26
N ASN B 1009 32.74 -2.37 -11.05
CA ASN B 1009 31.90 -1.21 -10.86
C ASN B 1009 32.69 0.05 -10.50
N GLY B 1010 33.98 -0.10 -10.19
CA GLY B 1010 34.80 1.03 -9.80
C GLY B 1010 35.17 0.98 -8.33
N ASN B 1011 35.07 2.12 -7.66
CA ASN B 1011 35.34 2.22 -6.23
C ASN B 1011 34.08 2.07 -5.38
N LYS B 1012 33.09 1.32 -5.86
CA LYS B 1012 31.81 1.16 -5.18
C LYS B 1012 31.52 -0.34 -5.04
N PRO B 1013 32.07 -0.98 -4.01
CA PRO B 1013 31.79 -2.40 -3.80
C PRO B 1013 30.35 -2.62 -3.36
N ASP B 1014 29.84 -3.81 -3.66
CA ASP B 1014 28.46 -4.14 -3.29
C ASP B 1014 28.35 -4.39 -1.79
N PHE B 1015 27.22 -3.99 -1.22
CA PHE B 1015 26.92 -4.20 0.19
C PHE B 1015 25.95 -5.37 0.28
N MET B 1016 26.47 -6.55 0.63
CA MET B 1016 25.70 -7.78 0.64
C MET B 1016 25.34 -8.24 2.04
N SER B 1017 25.56 -7.43 3.06
CA SER B 1017 25.42 -7.83 4.45
C SER B 1017 24.16 -7.25 5.05
N SER B 1018 23.36 -8.12 5.69
CA SER B 1018 22.15 -7.72 6.38
C SER B 1018 22.30 -7.94 7.87
N VAL B 1019 21.55 -7.17 8.66
CA VAL B 1019 21.65 -7.26 10.12
C VAL B 1019 21.01 -8.55 10.58
N ILE B 1020 21.80 -9.43 11.18
CA ILE B 1020 21.35 -10.73 11.65
C ILE B 1020 21.70 -10.87 13.13
N TRP B 1021 20.77 -11.41 13.90
CA TRP B 1021 21.00 -11.71 15.32
C TRP B 1021 20.07 -12.84 15.72
N THR B 1022 20.23 -13.31 16.96
CA THR B 1022 19.47 -14.44 17.46
C THR B 1022 18.75 -14.06 18.74
N THR B 1023 17.52 -14.57 18.90
CA THR B 1023 16.78 -14.40 20.13
C THR B 1023 17.40 -15.25 21.24
N PRO B 1024 17.09 -14.95 22.49
CA PRO B 1024 17.58 -15.80 23.59
C PRO B 1024 17.13 -17.24 23.47
N LEU B 1025 16.12 -17.54 22.66
CA LEU B 1025 15.64 -18.90 22.45
C LEU B 1025 16.34 -19.59 21.29
N GLY B 1026 17.32 -18.95 20.67
CA GLY B 1026 18.09 -19.56 19.60
C GLY B 1026 17.54 -19.37 18.21
N LEU B 1027 16.43 -18.69 18.05
CA LEU B 1027 15.87 -18.45 16.71
C LEU B 1027 16.69 -17.37 16.01
N PRO B 1028 17.18 -17.64 14.79
CA PRO B 1028 17.93 -16.60 14.06
C PRO B 1028 17.02 -15.73 13.21
N ILE B 1029 17.16 -14.41 13.33
CA ILE B 1029 16.32 -13.45 12.62
C ILE B 1029 17.20 -12.75 11.58
N VAL B 1030 16.77 -12.82 10.32
CA VAL B 1030 17.47 -12.20 9.21
C VAL B 1030 16.55 -11.14 8.61
N GLN B 1031 17.03 -9.92 8.52
CA GLN B 1031 16.24 -8.83 7.94
C GLN B 1031 16.23 -8.96 6.42
N PRO B 1032 15.06 -9.07 5.79
CA PRO B 1032 15.00 -9.33 4.35
C PRO B 1032 14.99 -8.10 3.46
N TYR B 1033 15.27 -6.91 4.00
CA TYR B 1033 15.17 -5.70 3.22
C TYR B 1033 16.30 -5.61 2.20
N ARG B 1034 15.95 -5.37 0.95
CA ARG B 1034 16.90 -5.29 -0.15
C ARG B 1034 16.42 -4.19 -1.09
N GLU B 1035 17.03 -4.13 -2.28
CA GLU B 1035 16.63 -3.18 -3.31
C GLU B 1035 15.96 -3.94 -4.45
N GLU B 1036 14.85 -3.41 -4.93
CA GLU B 1036 14.01 -4.08 -5.92
C GLU B 1036 14.19 -3.44 -7.28
N SER B 1037 14.46 -4.27 -8.28
CA SER B 1037 14.61 -3.82 -9.66
C SER B 1037 13.34 -4.17 -10.42
N LYS B 1038 12.57 -3.15 -10.80
CA LYS B 1038 11.30 -3.33 -11.48
C LYS B 1038 11.52 -3.15 -12.97
N LYS B 1039 11.37 -4.23 -13.74
CA LYS B 1039 11.52 -4.19 -15.18
C LYS B 1039 10.28 -4.81 -15.83
N GLN B 1040 9.98 -4.35 -17.04
CA GLN B 1040 8.80 -4.82 -17.75
C GLN B 1040 9.06 -6.20 -18.35
N VAL B 1041 8.12 -7.11 -18.16
CA VAL B 1041 8.22 -8.48 -18.63
C VAL B 1041 7.14 -8.70 -19.69
N GLU B 1042 7.54 -9.14 -20.87
CA GLU B 1042 6.60 -9.28 -21.98
C GLU B 1042 5.76 -10.54 -21.79
N THR B 1043 4.50 -10.33 -21.42
CA THR B 1043 3.54 -11.42 -21.28
C THR B 1043 2.50 -11.34 -22.39
N ASN B 1044 1.64 -12.35 -22.44
CA ASN B 1044 0.65 -12.43 -23.51
C ASN B 1044 -0.35 -11.27 -23.42
N LEU B 1045 -0.84 -10.97 -22.22
CA LEU B 1045 -1.83 -9.91 -22.07
C LEU B 1045 -1.21 -8.54 -22.25
N GLN B 1046 -0.07 -8.30 -21.64
CA GLN B 1046 0.57 -6.99 -21.62
C GLN B 1046 2.00 -7.18 -21.11
N THR B 1047 2.68 -6.08 -20.81
CA THR B 1047 4.00 -6.10 -20.19
C THR B 1047 3.85 -5.59 -18.77
N VAL B 1048 3.95 -6.49 -17.80
CA VAL B 1048 3.76 -6.14 -16.40
C VAL B 1048 5.03 -5.53 -15.83
N PHE B 1049 4.86 -4.68 -14.82
CA PHE B 1049 5.97 -4.00 -14.15
C PHE B 1049 6.19 -4.70 -12.81
N ILE B 1050 7.08 -5.69 -12.81
CA ILE B 1050 7.32 -6.53 -11.64
C ILE B 1050 8.80 -6.56 -11.35
N SER B 1051 9.14 -7.08 -10.17
CA SER B 1051 10.52 -7.19 -9.71
C SER B 1051 10.89 -8.65 -9.54
N ASP B 1052 12.19 -8.90 -9.33
CA ASP B 1052 12.71 -10.24 -9.19
C ASP B 1052 13.21 -10.45 -7.77
N PRO B 1053 12.42 -11.06 -6.89
CA PRO B 1053 12.90 -11.39 -5.54
C PRO B 1053 13.73 -12.65 -5.45
N PHE B 1054 14.17 -13.21 -6.58
CA PHE B 1054 15.02 -14.40 -6.59
C PHE B 1054 16.43 -14.08 -7.06
N ALA B 1055 16.86 -12.83 -6.92
CA ALA B 1055 18.20 -12.41 -7.31
C ALA B 1055 18.82 -11.62 -6.17
N VAL B 1056 20.14 -11.72 -6.05
CA VAL B 1056 20.85 -10.99 -5.00
C VAL B 1056 20.89 -9.51 -5.35
N ASN B 1057 20.58 -8.67 -4.36
CA ASN B 1057 20.57 -7.22 -4.54
C ASN B 1057 21.16 -6.57 -3.30
N PRO B 1058 21.76 -5.39 -3.44
CA PRO B 1058 22.32 -4.72 -2.27
C PRO B 1058 21.26 -4.41 -1.22
N VAL B 1059 21.67 -4.43 0.04
CA VAL B 1059 20.74 -4.23 1.13
C VAL B 1059 20.33 -2.77 1.20
N ASN B 1060 19.05 -2.53 1.51
CA ASN B 1060 18.54 -1.18 1.67
C ASN B 1060 18.97 -0.65 3.03
N ALA B 1061 19.95 0.26 3.05
CA ALA B 1061 20.51 0.73 4.31
C ALA B 1061 19.46 1.43 5.16
N ARG B 1062 18.66 2.30 4.55
CA ARG B 1062 17.62 3.00 5.30
C ARG B 1062 16.60 2.03 5.86
N ARG B 1063 16.20 1.03 5.08
CA ARG B 1063 15.24 0.04 5.57
C ARG B 1063 15.81 -0.75 6.74
N GLN B 1064 17.06 -1.20 6.64
CA GLN B 1064 17.67 -1.95 7.73
C GLN B 1064 17.76 -1.11 8.99
N LYS B 1065 18.20 0.15 8.84
CA LYS B 1065 18.37 1.02 10.00
C LYS B 1065 17.03 1.34 10.65
N ALA B 1066 15.99 1.56 9.85
CA ALA B 1066 14.68 1.87 10.40
C ALA B 1066 13.95 0.64 10.89
N GLY B 1067 14.39 -0.55 10.52
CA GLY B 1067 13.71 -1.77 10.93
C GLY B 1067 14.32 -2.46 12.12
N LEU B 1068 15.62 -2.28 12.36
CA LEU B 1068 16.25 -2.96 13.49
C LEU B 1068 15.64 -2.61 14.85
N PRO B 1069 15.45 -1.34 15.21
CA PRO B 1069 14.94 -1.01 16.55
C PRO B 1069 13.58 -1.64 16.86
N PRO B 1070 12.61 -1.65 15.92
CA PRO B 1070 11.34 -2.32 16.23
C PRO B 1070 11.44 -3.83 16.21
N ASN B 1071 12.23 -4.36 15.28
CA ASN B 1071 12.34 -5.81 15.14
C ASN B 1071 12.97 -6.44 16.38
N PHE B 1072 13.97 -5.79 16.96
CA PHE B 1072 14.59 -6.34 18.17
C PHE B 1072 13.60 -6.43 19.32
N ILE B 1073 12.84 -5.35 19.55
CA ILE B 1073 11.86 -5.34 20.64
C ILE B 1073 10.77 -6.37 20.39
N HIS B 1074 10.31 -6.48 19.15
CA HIS B 1074 9.26 -7.45 18.84
C HIS B 1074 9.77 -8.88 19.00
N SER B 1075 11.03 -9.12 18.66
CA SER B 1075 11.62 -10.44 18.89
C SER B 1075 11.68 -10.76 20.38
N LEU B 1076 12.04 -9.76 21.20
CA LEU B 1076 12.03 -9.97 22.64
C LEU B 1076 10.63 -10.30 23.15
N ASP B 1077 9.63 -9.56 22.66
CA ASP B 1077 8.24 -9.85 23.02
C ASP B 1077 7.86 -11.28 22.67
N ALA B 1078 8.20 -11.70 21.45
CA ALA B 1078 7.85 -13.05 21.01
C ALA B 1078 8.54 -14.11 21.85
N SER B 1079 9.82 -13.89 22.18
CA SER B 1079 10.55 -14.85 22.99
C SER B 1079 9.96 -14.97 24.39
N HIS B 1080 9.58 -13.83 24.98
CA HIS B 1080 8.95 -13.88 26.30
C HIS B 1080 7.61 -14.60 26.25
N MET B 1081 6.83 -14.35 25.20
CA MET B 1081 5.56 -15.05 25.04
C MET B 1081 5.76 -16.55 24.91
N LEU B 1082 6.76 -16.96 24.12
CA LEU B 1082 7.02 -18.39 23.94
C LEU B 1082 7.50 -19.04 25.24
N LEU B 1083 8.33 -18.34 26.00
CA LEU B 1083 8.77 -18.88 27.29
C LEU B 1083 7.58 -19.07 28.23
N SER B 1084 6.70 -18.06 28.29
CA SER B 1084 5.52 -18.18 29.15
C SER B 1084 4.62 -19.31 28.70
N ALA B 1085 4.44 -19.46 27.37
CA ALA B 1085 3.60 -20.54 26.88
C ALA B 1085 4.17 -21.91 27.23
N ALA B 1086 5.49 -22.08 27.05
CA ALA B 1086 6.10 -23.36 27.37
C ALA B 1086 5.97 -23.68 28.86
N GLU B 1087 6.20 -22.69 29.72
CA GLU B 1087 6.10 -22.95 31.16
C GLU B 1087 4.66 -23.25 31.57
N CYS B 1088 3.68 -22.54 30.98
CA CYS B 1088 2.29 -22.84 31.29
C CYS B 1088 1.89 -24.22 30.79
N GLY B 1089 2.44 -24.65 29.65
CA GLY B 1089 2.20 -26.01 29.19
C GLY B 1089 2.79 -27.04 30.13
N LYS B 1090 3.98 -26.76 30.68
CA LYS B 1090 4.56 -27.65 31.68
C LYS B 1090 3.71 -27.69 32.94
N GLN B 1091 3.12 -26.56 33.32
CA GLN B 1091 2.27 -26.48 34.51
C GLN B 1091 0.82 -26.84 34.22
N GLY B 1092 0.51 -27.27 33.00
CA GLY B 1092 -0.80 -27.82 32.68
C GLY B 1092 -1.97 -26.86 32.66
N LEU B 1093 -1.79 -25.70 32.02
CA LEU B 1093 -2.86 -24.74 31.84
C LEU B 1093 -3.24 -24.65 30.37
N ASP B 1094 -4.40 -24.06 30.12
CA ASP B 1094 -4.84 -23.75 28.76
C ASP B 1094 -4.37 -22.35 28.40
N PHE B 1095 -3.48 -22.24 27.42
CA PHE B 1095 -2.82 -20.99 27.10
C PHE B 1095 -3.15 -20.58 25.66
N ALA B 1096 -3.64 -19.36 25.51
CA ALA B 1096 -3.78 -18.71 24.21
C ALA B 1096 -3.26 -17.28 24.35
N SER B 1097 -2.73 -16.75 23.25
CA SER B 1097 -2.08 -15.46 23.32
C SER B 1097 -2.39 -14.63 22.08
N VAL B 1098 -2.49 -13.32 22.27
CA VAL B 1098 -2.51 -12.34 21.19
C VAL B 1098 -1.27 -11.48 21.39
N HIS B 1099 -0.15 -11.91 20.82
CA HIS B 1099 1.12 -11.21 20.95
C HIS B 1099 1.43 -10.85 22.40
N ASP B 1100 1.18 -9.61 22.79
CA ASP B 1100 1.46 -9.17 24.16
C ASP B 1100 0.34 -9.51 25.14
N SER B 1101 -0.77 -10.07 24.67
CA SER B 1101 -1.90 -10.41 25.52
C SER B 1101 -2.03 -11.92 25.59
N TYR B 1102 -2.19 -12.45 26.81
CA TYR B 1102 -2.27 -13.89 27.03
C TYR B 1102 -3.63 -14.24 27.64
N TRP B 1103 -4.25 -15.30 27.12
CA TRP B 1103 -5.57 -15.74 27.54
C TRP B 1103 -5.47 -17.07 28.29
N THR B 1104 -6.35 -17.25 29.27
CA THR B 1104 -6.47 -18.51 29.98
C THR B 1104 -7.82 -18.50 30.70
N HIS B 1105 -8.07 -19.57 31.46
CA HIS B 1105 -9.32 -19.64 32.22
C HIS B 1105 -9.29 -18.62 33.36
N ALA B 1106 -10.46 -18.43 33.97
CA ALA B 1106 -10.58 -17.42 35.02
C ALA B 1106 -9.91 -17.85 36.31
N SER B 1107 -9.88 -19.14 36.60
CA SER B 1107 -9.27 -19.64 37.83
C SER B 1107 -7.76 -19.80 37.75
N ASP B 1108 -7.18 -19.78 36.55
CA ASP B 1108 -5.75 -19.98 36.38
C ASP B 1108 -4.99 -18.67 36.20
N ILE B 1109 -5.66 -17.54 36.44
CA ILE B 1109 -5.05 -16.24 36.18
C ILE B 1109 -3.90 -15.96 37.14
N ASP B 1110 -4.05 -16.37 38.41
CA ASP B 1110 -2.97 -16.15 39.38
C ASP B 1110 -1.72 -16.94 39.01
N THR B 1111 -1.90 -18.23 38.69
CA THR B 1111 -0.79 -19.04 38.25
C THR B 1111 -0.15 -18.47 36.99
N MET B 1112 -0.98 -18.00 36.05
CA MET B 1112 -0.44 -17.41 34.84
C MET B 1112 0.38 -16.16 35.15
N ASN B 1113 -0.11 -15.31 36.05
CA ASN B 1113 0.63 -14.10 36.41
C ASN B 1113 1.99 -14.47 37.00
N VAL B 1114 2.01 -15.48 37.87
CA VAL B 1114 3.27 -15.92 38.44
C VAL B 1114 4.22 -16.39 37.35
N VAL B 1115 3.70 -17.17 36.40
CA VAL B 1115 4.54 -17.70 35.33
C VAL B 1115 5.11 -16.58 34.47
N LEU B 1116 4.27 -15.61 34.09
CA LEU B 1116 4.76 -14.46 33.32
C LEU B 1116 5.83 -13.69 34.06
N ARG B 1117 5.63 -13.43 35.35
CA ARG B 1117 6.64 -12.68 36.07
C ARG B 1117 7.97 -13.43 36.13
N GLU B 1118 7.91 -14.75 36.39
CA GLU B 1118 9.15 -15.52 36.44
C GLU B 1118 9.83 -15.56 35.08
N GLN B 1119 9.06 -15.73 34.00
CA GLN B 1119 9.65 -15.79 32.67
C GLN B 1119 10.27 -14.46 32.28
N PHE B 1120 9.63 -13.34 32.63
CA PHE B 1120 10.20 -12.04 32.32
C PHE B 1120 11.50 -11.83 33.09
N ILE B 1121 11.53 -12.21 34.37
CA ILE B 1121 12.75 -12.06 35.15
C ILE B 1121 13.87 -12.91 34.57
N LYS B 1122 13.56 -14.16 34.19
CA LYS B 1122 14.57 -15.03 33.61
C LYS B 1122 15.05 -14.49 32.26
N LEU B 1123 14.15 -13.94 31.46
CA LEU B 1123 14.52 -13.42 30.15
C LEU B 1123 15.45 -12.21 30.29
N HIS B 1124 15.17 -11.32 31.23
CA HIS B 1124 15.94 -10.09 31.36
C HIS B 1124 16.99 -10.15 32.46
N GLU B 1125 17.28 -11.33 33.00
CA GLU B 1125 18.34 -11.44 34.00
C GLU B 1125 19.71 -11.10 33.41
N VAL B 1126 19.97 -11.51 32.17
CA VAL B 1126 21.23 -11.23 31.50
C VAL B 1126 21.16 -9.84 30.85
N ASP B 1127 22.30 -9.34 30.40
CA ASP B 1127 22.36 -8.09 29.64
C ASP B 1127 22.14 -8.43 28.17
N LEU B 1128 20.89 -8.30 27.72
CA LEU B 1128 20.55 -8.70 26.36
C LEU B 1128 21.23 -7.81 25.33
N VAL B 1129 21.31 -6.51 25.59
CA VAL B 1129 21.98 -5.60 24.66
C VAL B 1129 23.47 -5.93 24.57
N LEU B 1130 24.09 -6.27 25.71
CA LEU B 1130 25.50 -6.64 25.70
C LEU B 1130 25.72 -7.95 24.95
N ARG B 1131 24.81 -8.91 25.14
CA ARG B 1131 24.91 -10.15 24.38
C ARG B 1131 24.76 -9.91 22.89
N LEU B 1132 23.85 -9.00 22.52
CA LEU B 1132 23.69 -8.64 21.11
C LEU B 1132 24.96 -7.99 20.56
N LYS B 1133 25.59 -7.10 21.33
CA LYS B 1133 26.83 -6.49 20.89
C LYS B 1133 27.93 -7.53 20.71
N GLU B 1134 28.02 -8.47 21.65
CA GLU B 1134 29.02 -9.53 21.52
C GLU B 1134 28.76 -10.39 20.30
N GLU B 1135 27.49 -10.70 20.03
CA GLU B 1135 27.16 -11.49 18.86
C GLU B 1135 27.51 -10.75 17.57
N PHE B 1136 27.22 -9.46 17.52
CA PHE B 1136 27.60 -8.66 16.36
C PHE B 1136 29.11 -8.66 16.16
N ASP B 1137 29.86 -8.47 17.25
CA ASP B 1137 31.32 -8.44 17.15
C ASP B 1137 31.86 -9.79 16.66
N GLN B 1138 31.28 -10.89 17.15
CA GLN B 1138 31.73 -12.21 16.73
C GLN B 1138 31.38 -12.50 15.28
N ARG B 1139 30.18 -12.12 14.84
CA ARG B 1139 29.74 -12.41 13.48
C ARG B 1139 30.37 -11.48 12.44
N TYR B 1140 30.88 -10.33 12.86
CA TYR B 1140 31.48 -9.39 11.92
C TYR B 1140 32.93 -9.13 12.27
N LYS B 1141 33.69 -10.20 12.52
CA LYS B 1141 35.08 -10.07 12.94
C LYS B 1141 35.92 -9.40 11.86
N ASN B 1142 35.89 -9.92 10.64
CA ASN B 1142 36.68 -9.41 9.54
C ASN B 1142 35.75 -8.79 8.49
N TYR B 1143 35.42 -7.51 8.70
CA TYR B 1143 34.62 -6.75 7.77
C TYR B 1143 35.26 -5.37 7.59
N VAL B 1144 34.97 -4.75 6.45
CA VAL B 1144 35.58 -3.49 6.06
C VAL B 1144 34.50 -2.45 5.85
N LYS B 1145 34.66 -1.30 6.49
CA LYS B 1145 33.78 -0.15 6.34
C LYS B 1145 34.41 0.83 5.36
N ILE B 1146 33.71 1.94 5.12
CA ILE B 1146 34.18 3.00 4.23
C ILE B 1146 34.32 4.29 5.03
N GLY B 1147 35.42 5.01 4.81
CA GLY B 1147 35.66 6.25 5.50
C GLY B 1147 36.53 7.23 4.73
N LYS B 1148 36.29 8.52 4.91
CA LYS B 1148 37.02 9.57 4.21
C LYS B 1148 37.74 10.43 5.24
N LEU B 1149 39.06 10.52 5.12
CA LEU B 1149 39.89 11.33 6.01
C LEU B 1149 40.82 12.20 5.19
N LYS B 1150 40.96 13.46 5.59
CA LYS B 1150 41.78 14.42 4.86
C LYS B 1150 43.27 14.15 5.06
N ARG B 1151 44.04 14.34 3.99
CA ARG B 1151 45.48 14.10 4.03
C ARG B 1151 46.23 15.13 4.88
N SER B 1152 45.55 16.18 5.33
CA SER B 1152 46.19 17.13 6.26
C SER B 1152 46.68 16.40 7.51
N THR B 1153 45.91 15.44 8.00
CA THR B 1153 46.36 14.58 9.08
C THR B 1153 47.51 13.71 8.61
N ASP B 1154 48.52 13.54 9.48
CA ASP B 1154 49.67 12.70 9.12
C ASP B 1154 49.27 11.24 8.95
N LEU B 1155 48.40 10.74 9.83
CA LEU B 1155 47.98 9.34 9.74
C LEU B 1155 47.18 9.08 8.48
N ALA B 1156 46.27 9.99 8.12
CA ALA B 1156 45.44 9.77 6.94
C ALA B 1156 46.26 9.85 5.65
N GLN B 1157 47.26 10.71 5.61
CA GLN B 1157 48.12 10.79 4.42
C GLN B 1157 48.93 9.52 4.24
N LYS B 1158 49.25 8.82 5.34
CA LYS B 1158 49.99 7.57 5.23
C LYS B 1158 49.22 6.53 4.45
N ILE B 1159 47.90 6.50 4.62
CA ILE B 1159 47.08 5.57 3.84
C ILE B 1159 47.17 5.89 2.36
N ILE B 1160 47.14 7.18 2.01
CA ILE B 1160 47.25 7.58 0.61
C ILE B 1160 48.61 7.20 0.04
N ARG B 1161 49.67 7.40 0.83
CA ARG B 1161 51.00 7.00 0.38
C ARG B 1161 51.07 5.50 0.15
N ILE B 1162 50.48 4.71 1.05
CA ILE B 1162 50.48 3.26 0.90
C ILE B 1162 49.69 2.86 -0.35
N ARG B 1163 48.57 3.55 -0.60
CA ARG B 1163 47.80 3.27 -1.81
C ARG B 1163 48.61 3.56 -3.06
N LYS B 1164 49.36 4.67 -3.07
CA LYS B 1164 50.26 4.94 -4.17
C LYS B 1164 51.38 3.90 -4.23
N ASP B 1165 51.96 3.57 -3.07
CA ASP B 1165 53.06 2.60 -3.04
C ASP B 1165 52.59 1.21 -3.46
N LEU B 1166 51.41 0.80 -3.00
CA LEU B 1166 50.90 -0.52 -3.38
C LEU B 1166 50.53 -0.57 -4.85
N SER B 1167 50.08 0.55 -5.42
CA SER B 1167 49.79 0.58 -6.85
C SER B 1167 51.03 0.33 -7.68
N ARG B 1168 52.16 0.95 -7.30
CA ARG B 1168 53.41 0.71 -8.01
C ARG B 1168 53.88 -0.73 -7.82
N LYS B 1169 53.74 -1.27 -6.60
CA LYS B 1169 54.15 -2.64 -6.35
C LYS B 1169 53.32 -3.62 -7.19
N LEU B 1170 52.00 -3.38 -7.28
CA LEU B 1170 51.15 -4.24 -8.10
C LEU B 1170 51.39 -4.04 -9.58
N GLY B 1171 51.99 -2.92 -9.98
CA GLY B 1171 52.26 -2.66 -11.38
C GLY B 1171 51.12 -2.06 -12.16
N ARG B 1172 50.05 -1.64 -11.49
CA ARG B 1172 48.90 -1.04 -12.17
C ARG B 1172 48.16 -0.18 -11.15
N SER B 1173 47.10 0.49 -11.62
CA SER B 1173 46.29 1.33 -10.75
C SER B 1173 45.49 0.42 -9.82
N THR B 1174 45.98 0.25 -8.59
CA THR B 1174 45.33 -0.62 -7.63
C THR B 1174 44.06 0.03 -7.09
N THR B 1175 42.97 -0.72 -7.08
CA THR B 1175 41.66 -0.21 -6.69
C THR B 1175 41.33 -0.63 -5.26
N LEU B 1176 40.15 -0.20 -4.80
CA LEU B 1176 39.68 -0.60 -3.48
C LEU B 1176 39.45 -2.10 -3.42
N ALA B 1177 38.91 -2.69 -4.48
CA ALA B 1177 38.73 -4.13 -4.52
C ALA B 1177 40.07 -4.86 -4.42
N ASP B 1178 41.07 -4.36 -5.14
CA ASP B 1178 42.41 -4.98 -5.06
C ASP B 1178 42.99 -4.85 -3.67
N GLU B 1179 42.84 -3.69 -3.04
CA GLU B 1179 43.36 -3.51 -1.68
C GLU B 1179 42.67 -4.44 -0.69
N ILE B 1180 41.34 -4.57 -0.80
CA ILE B 1180 40.61 -5.46 0.09
C ILE B 1180 41.01 -6.91 -0.15
N TYR B 1181 41.20 -7.29 -1.41
CA TYR B 1181 41.65 -8.65 -1.70
C TYR B 1181 43.05 -8.90 -1.13
N PHE B 1182 43.93 -7.90 -1.21
CA PHE B 1182 45.26 -8.06 -0.63
C PHE B 1182 45.18 -8.21 0.89
N GLU B 1183 44.32 -7.43 1.54
CA GLU B 1183 44.16 -7.56 2.98
C GLU B 1183 43.61 -8.93 3.35
N LYS B 1184 42.63 -9.43 2.59
CA LYS B 1184 42.07 -10.76 2.86
C LYS B 1184 43.11 -11.85 2.65
N LYS B 1185 43.90 -11.74 1.58
CA LYS B 1185 44.95 -12.72 1.32
C LYS B 1185 46.05 -12.66 2.38
N ARG B 1186 46.36 -11.46 2.88
CA ARG B 1186 47.34 -11.34 3.96
C ARG B 1186 46.85 -12.03 5.22
N GLN B 1187 45.55 -11.90 5.51
CA GLN B 1187 44.98 -12.57 6.68
C GLN B 1187 45.07 -14.08 6.54
N GLU B 1188 44.90 -14.60 5.33
CA GLU B 1188 44.98 -16.04 5.11
C GLU B 1188 46.35 -16.58 5.46
N LEU B 1189 47.39 -15.76 5.33
CA LEU B 1189 48.74 -16.20 5.69
C LEU B 1189 48.84 -16.45 7.20
N LEU B 1190 48.40 -15.47 8.01
CA LEU B 1190 48.43 -15.64 9.46
C LEU B 1190 47.49 -16.72 9.95
N ASN B 1191 46.44 -17.03 9.18
CA ASN B 1191 45.54 -18.12 9.52
C ASN B 1191 46.03 -19.47 9.02
N SER B 1192 47.07 -19.49 8.17
CA SER B 1192 47.59 -20.75 7.66
C SER B 1192 48.28 -21.52 8.78
N PRO B 1193 48.19 -22.85 8.76
CA PRO B 1193 48.88 -23.64 9.78
C PRO B 1193 50.39 -23.45 9.77
N LEU B 1194 50.99 -23.22 8.62
CA LEU B 1194 52.43 -23.02 8.53
C LEU B 1194 52.82 -21.69 9.15
N ILE B 1195 53.81 -21.72 10.05
CA ILE B 1195 54.27 -20.50 10.70
C ILE B 1195 55.00 -19.61 9.70
N GLU B 1196 55.68 -20.19 8.71
CA GLU B 1196 56.41 -19.40 7.74
C GLU B 1196 55.47 -18.49 6.96
N ASP B 1197 54.32 -19.02 6.52
CA ASP B 1197 53.32 -18.18 5.88
C ASP B 1197 52.78 -17.13 6.84
N ARG B 1198 52.51 -17.54 8.09
CA ARG B 1198 52.02 -16.60 9.09
C ARG B 1198 53.03 -15.50 9.38
N ASN B 1199 54.33 -15.86 9.44
CA ASN B 1199 55.36 -14.85 9.65
C ASN B 1199 55.40 -13.85 8.51
N VAL B 1200 55.25 -14.33 7.27
CA VAL B 1200 55.23 -13.43 6.12
C VAL B 1200 53.98 -12.55 6.18
N GLY B 1201 52.84 -13.12 6.57
CA GLY B 1201 51.62 -12.34 6.66
C GLY B 1201 51.74 -11.20 7.66
N GLU B 1202 52.27 -11.49 8.85
CA GLU B 1202 52.52 -10.44 9.82
C GLU B 1202 53.56 -9.45 9.31
N LYS B 1203 54.59 -9.96 8.64
CA LYS B 1203 55.61 -9.08 8.06
C LYS B 1203 55.01 -8.21 6.95
N MET B 1204 54.13 -8.78 6.14
CA MET B 1204 53.51 -8.03 5.06
C MET B 1204 52.47 -7.06 5.62
N VAL B 1205 52.62 -5.79 5.29
CA VAL B 1205 51.74 -4.73 5.78
C VAL B 1205 50.85 -4.29 4.63
N THR B 1206 49.54 -4.47 4.80
CA THR B 1206 48.56 -4.07 3.80
C THR B 1206 47.91 -2.75 4.20
N THR B 1207 46.97 -2.30 3.37
CA THR B 1207 46.35 -1.00 3.58
C THR B 1207 45.56 -0.96 4.89
N VAL B 1208 44.79 -2.02 5.17
CA VAL B 1208 43.95 -2.03 6.36
C VAL B 1208 44.76 -2.42 7.59
N SER B 1209 45.85 -3.17 7.42
CA SER B 1209 46.62 -3.63 8.56
C SER B 1209 47.22 -2.47 9.33
N LEU B 1210 47.71 -1.44 8.62
CA LEU B 1210 48.30 -0.29 9.27
C LEU B 1210 47.28 0.53 10.04
N PHE B 1211 45.99 0.36 9.77
CA PHE B 1211 44.94 1.11 10.44
C PHE B 1211 44.28 0.34 11.57
N GLU B 1212 44.74 -0.88 11.85
CA GLU B 1212 44.10 -1.71 12.87
C GLU B 1212 44.20 -1.10 14.25
N ASP B 1213 45.37 -0.55 14.59
CA ASP B 1213 45.58 -0.03 15.94
C ASP B 1213 44.87 1.30 16.17
N ILE B 1214 44.68 2.09 15.13
CA ILE B 1214 44.14 3.44 15.28
C ILE B 1214 42.63 3.35 15.49
N THR B 1215 42.15 3.98 16.56
CA THR B 1215 40.73 3.99 16.88
C THR B 1215 40.19 5.40 17.14
N ASP B 1216 40.93 6.44 16.76
CA ASP B 1216 40.50 7.82 16.97
C ASP B 1216 40.32 8.59 15.68
N LEU B 1217 40.67 8.02 14.53
CA LEU B 1217 40.55 8.70 13.25
C LEU B 1217 39.13 8.70 12.71
N ASP B 1218 38.13 8.36 13.53
CA ASP B 1218 36.75 8.36 13.06
C ASP B 1218 36.28 9.77 12.71
N ALA B 1219 36.82 10.78 13.40
CA ALA B 1219 36.48 12.16 13.11
C ALA B 1219 37.64 12.96 12.53
N LEU B 1220 38.87 12.50 12.69
CA LEU B 1220 40.03 13.22 12.17
C LEU B 1220 40.07 13.18 10.65
N GLY B 1231 41.02 15.30 -0.14
CA GLY B 1231 40.41 14.19 0.59
C GLY B 1231 40.17 12.97 -0.28
N MET B 1232 40.33 11.78 0.32
CA MET B 1232 40.13 10.54 -0.39
C MET B 1232 39.46 9.53 0.53
N SER B 1233 38.70 8.62 -0.08
CA SER B 1233 38.02 7.58 0.67
C SER B 1233 38.97 6.43 0.95
N VAL B 1234 39.02 5.98 2.21
CA VAL B 1234 39.92 4.93 2.64
C VAL B 1234 39.11 3.85 3.35
N LEU B 1235 39.67 2.65 3.38
CA LEU B 1235 39.01 1.52 4.01
C LEU B 1235 39.18 1.57 5.52
N LEU B 1236 38.12 1.24 6.25
CA LEU B 1236 38.11 1.21 7.71
C LEU B 1236 37.65 -0.16 8.18
N PRO B 1237 38.04 -0.57 9.38
CA PRO B 1237 37.52 -1.82 9.94
C PRO B 1237 36.15 -1.60 10.57
N LEU B 1238 35.45 -2.71 10.78
CA LEU B 1238 34.11 -2.68 11.33
C LEU B 1238 34.19 -2.73 12.85
N ARG B 1239 34.05 -1.57 13.48
CA ARG B 1239 33.99 -1.45 14.93
C ARG B 1239 32.66 -0.82 15.32
N LEU B 1240 32.01 -1.40 16.31
CA LEU B 1240 30.67 -1.05 16.75
C LEU B 1240 30.72 -0.12 17.95
N PRO B 1241 29.70 0.74 18.12
CA PRO B 1241 29.74 1.72 19.21
C PRO B 1241 29.63 1.07 20.58
N GLU B 1242 30.17 1.77 21.58
CA GLU B 1242 30.07 1.30 22.96
C GLU B 1242 28.63 1.38 23.44
N ILE B 1243 28.22 0.39 24.22
CA ILE B 1243 26.86 0.31 24.74
C ILE B 1243 26.65 1.44 25.74
N PRO B 1244 25.46 2.04 25.80
CA PRO B 1244 25.21 3.12 26.75
C PRO B 1244 25.21 2.61 28.18
N PRO B 1245 25.48 3.47 29.16
CA PRO B 1245 25.40 3.04 30.56
C PRO B 1245 23.99 2.58 30.92
N LYS B 1246 23.92 1.55 31.76
CA LYS B 1246 22.66 0.98 32.20
C LYS B 1246 22.48 1.24 33.70
N GLY B 1247 21.33 1.83 34.04
CA GLY B 1247 21.04 2.08 35.45
C GLY B 1247 20.91 0.79 36.23
N ASP B 1248 21.29 0.86 37.51
CA ASP B 1248 21.29 -0.32 38.37
C ASP B 1248 19.89 -0.51 38.93
N PHE B 1249 19.07 -1.24 38.18
CA PHE B 1249 17.70 -1.55 38.58
C PHE B 1249 17.53 -3.06 38.61
N ASP B 1250 17.04 -3.57 39.75
CA ASP B 1250 16.85 -5.01 39.92
C ASP B 1250 15.52 -5.41 39.31
N VAL B 1251 15.56 -6.18 38.22
CA VAL B 1251 14.35 -6.63 37.55
C VAL B 1251 13.53 -7.60 38.40
N THR B 1252 14.11 -8.11 39.48
CA THR B 1252 13.38 -9.03 40.34
C THR B 1252 12.18 -8.37 41.01
N VAL B 1253 12.22 -7.04 41.18
CA VAL B 1253 11.22 -6.35 41.98
C VAL B 1253 9.82 -6.45 41.38
N LEU B 1254 9.70 -6.87 40.13
CA LEU B 1254 8.39 -7.02 39.51
C LEU B 1254 7.70 -8.33 39.86
N ARG B 1255 8.34 -9.18 40.68
CA ARG B 1255 7.74 -10.46 41.05
C ARG B 1255 6.47 -10.28 41.88
N ASN B 1256 6.24 -9.09 42.44
CA ASN B 1256 5.03 -8.79 43.17
C ASN B 1256 4.28 -7.59 42.61
N SER B 1257 4.73 -7.04 41.48
CA SER B 1257 4.03 -5.91 40.87
C SER B 1257 2.68 -6.37 40.34
N GLN B 1258 1.61 -5.81 40.91
CA GLN B 1258 0.28 -6.28 40.58
C GLN B 1258 -0.13 -5.89 39.16
N TYR B 1259 0.32 -4.73 38.68
CA TYR B 1259 -0.16 -4.17 37.43
C TYR B 1259 0.86 -4.27 36.30
N PHE B 1260 1.84 -5.17 36.43
CA PHE B 1260 2.76 -5.42 35.33
C PHE B 1260 2.01 -5.93 34.10
N PHE B 1261 1.09 -6.87 34.30
CA PHE B 1261 0.18 -7.33 33.27
C PHE B 1261 -1.24 -7.23 33.81
N SER B 1262 -2.13 -6.60 33.04
CA SER B 1262 -3.53 -6.48 33.43
C SER B 1262 -4.40 -5.98 32.28
PG GTP F . -3.95 1.80 9.42
O1G GTP F . -3.13 2.34 8.28
O2G GTP F . -3.81 2.61 10.68
O3G GTP F . -3.73 0.33 9.65
O3B GTP F . -5.50 1.95 8.95
PB GTP F . -6.29 1.36 7.69
O1B GTP F . -5.53 1.72 6.47
O2B GTP F . -6.63 -0.07 7.97
O3A GTP F . -7.63 2.24 7.71
PA GTP F . -8.82 2.48 6.65
O1A GTP F . -8.21 2.77 5.32
O2A GTP F . -9.77 3.48 7.22
O5' GTP F . -9.52 1.04 6.62
C5' GTP F . -10.84 0.91 6.04
C4' GTP F . -11.39 -0.46 6.33
O4' GTP F . -11.05 -1.36 5.23
C3' GTP F . -10.82 -1.15 7.58
O3' GTP F . -11.49 -0.77 8.77
C2' GTP F . -11.02 -2.63 7.22
O2' GTP F . -12.36 -3.03 7.39
C1' GTP F . -10.65 -2.61 5.75
N9 GTP F . -9.23 -2.79 5.49
C8 GTP F . -8.33 -1.83 5.08
N7 GTP F . -7.11 -2.28 4.95
C5 GTP F . -7.20 -3.62 5.30
C6 GTP F . -6.20 -4.61 5.36
O6 GTP F . -5.00 -4.51 5.10
N1 GTP F . -6.73 -5.84 5.77
C2 GTP F . -8.03 -6.07 6.10
N2 GTP F . -8.35 -7.31 6.48
N3 GTP F . -8.98 -5.14 6.05
C4 GTP F . -8.50 -3.95 5.64
#